data_5LVY
#
_entry.id   5LVY
#
_entity_poly.entity_id   1
_entity_poly.type   'polypeptide(L)'
_entity_poly.pdbx_seq_one_letter_code
;NSCSLSISSPDPVTYTIPTDKGDKYINFKLDVPDPRCKALGGTVYFWGADTRDGKLVMKKGQDKYTLMTTYGGAVQQQLG
GGYGYYHVSQKTPPQTISGVVSKNVGYKPGQYTVELTGFFSLNDNKQANPTPSSLTSKAAGKNIVSSTGTITIS
;
_entity_poly.pdbx_strand_id   A
#
# COMPACT_ATOMS: atom_id res chain seq x y z
N ASN A 1 21.59 -5.36 2.63
CA ASN A 1 20.94 -6.63 2.99
C ASN A 1 19.79 -6.93 2.03
N SER A 2 19.09 -8.02 2.27
CA SER A 2 18.00 -8.43 1.42
C SER A 2 16.73 -8.56 2.27
N CYS A 3 15.86 -7.59 2.15
CA CYS A 3 14.65 -7.53 2.96
C CYS A 3 13.44 -7.12 2.13
N SER A 4 12.26 -7.34 2.68
CA SER A 4 11.02 -7.02 1.97
C SER A 4 9.94 -6.63 2.96
N LEU A 5 8.87 -6.05 2.44
CA LEU A 5 7.74 -5.64 3.25
C LEU A 5 6.65 -6.70 3.24
N SER A 6 6.13 -7.01 4.42
CA SER A 6 5.05 -7.98 4.57
C SER A 6 3.76 -7.40 4.01
N ILE A 7 2.82 -8.25 3.68
CA ILE A 7 1.50 -7.77 3.28
C ILE A 7 0.42 -8.62 3.94
N SER A 8 -0.24 -8.06 4.93
CA SER A 8 -1.28 -8.77 5.63
C SER A 8 -2.54 -7.91 5.73
N SER A 9 -3.52 -8.20 4.90
CA SER A 9 -4.80 -7.52 4.97
C SER A 9 -5.75 -8.34 5.84
N PRO A 10 -6.16 -7.78 6.98
CA PRO A 10 -6.99 -8.49 7.97
C PRO A 10 -8.47 -8.58 7.59
N ASP A 11 -8.78 -9.47 6.64
CA ASP A 11 -10.16 -9.71 6.21
C ASP A 11 -10.74 -8.50 5.45
N PRO A 12 -11.90 -8.65 4.78
CA PRO A 12 -12.53 -7.55 4.06
C PRO A 12 -12.84 -6.36 4.96
N VAL A 13 -12.54 -5.17 4.48
CA VAL A 13 -12.93 -3.96 5.16
C VAL A 13 -14.39 -3.67 4.88
N THR A 14 -15.11 -3.19 5.88
CA THR A 14 -16.52 -2.92 5.72
C THR A 14 -16.73 -1.49 5.23
N TYR A 15 -17.11 -1.36 3.97
CA TYR A 15 -17.34 -0.04 3.39
C TYR A 15 -18.77 0.40 3.65
N THR A 16 -18.92 1.36 4.53
CA THR A 16 -20.23 1.90 4.82
C THR A 16 -20.57 2.99 3.82
N ILE A 17 -21.67 2.81 3.10
CA ILE A 17 -22.13 3.82 2.17
C ILE A 17 -23.40 4.50 2.69
N PRO A 18 -23.26 5.44 3.65
CA PRO A 18 -24.40 6.15 4.23
C PRO A 18 -24.97 7.20 3.27
N THR A 19 -24.06 7.97 2.67
CA THR A 19 -24.42 9.07 1.80
C THR A 19 -23.68 8.98 0.47
N ASP A 20 -23.23 7.76 0.15
CA ASP A 20 -22.43 7.49 -1.06
C ASP A 20 -20.99 7.99 -0.89
N LYS A 21 -20.85 9.20 -0.37
CA LYS A 21 -19.55 9.83 -0.19
C LYS A 21 -18.92 9.46 1.15
N GLY A 22 -19.48 8.45 1.79
CA GLY A 22 -19.02 8.02 3.11
C GLY A 22 -17.53 7.73 3.14
N ASP A 23 -17.09 6.84 2.24
CA ASP A 23 -15.68 6.45 2.07
C ASP A 23 -15.10 5.74 3.31
N LYS A 24 -14.20 4.81 3.05
CA LYS A 24 -13.49 4.10 4.11
C LYS A 24 -12.13 3.68 3.57
N TYR A 25 -11.24 3.25 4.46
CA TYR A 25 -9.91 2.85 4.05
C TYR A 25 -9.72 1.35 4.26
N ILE A 26 -9.04 0.72 3.32
CA ILE A 26 -8.72 -0.69 3.42
C ILE A 26 -7.28 -0.83 3.90
N ASN A 27 -7.07 -1.56 4.97
CA ASN A 27 -5.75 -1.64 5.58
C ASN A 27 -4.98 -2.87 5.12
N PHE A 28 -3.78 -2.62 4.64
CA PHE A 28 -2.81 -3.66 4.35
C PHE A 28 -1.64 -3.52 5.29
N LYS A 29 -1.40 -4.52 6.12
CA LYS A 29 -0.35 -4.44 7.10
C LYS A 29 0.99 -4.86 6.49
N LEU A 30 1.79 -3.87 6.13
CA LEU A 30 3.12 -4.11 5.60
C LEU A 30 4.14 -4.04 6.73
N ASP A 31 5.25 -4.74 6.58
CA ASP A 31 6.24 -4.83 7.65
C ASP A 31 7.58 -5.28 7.09
N VAL A 32 8.63 -4.55 7.38
CA VAL A 32 9.95 -4.95 6.95
C VAL A 32 10.76 -5.47 8.13
N PRO A 33 11.23 -6.72 8.05
CA PRO A 33 12.03 -7.34 9.10
C PRO A 33 13.50 -6.90 9.03
N ASP A 34 14.26 -7.30 10.05
CA ASP A 34 15.68 -6.96 10.15
C ASP A 34 15.90 -5.47 10.27
N PRO A 35 16.02 -4.97 11.50
CA PRO A 35 16.39 -3.58 11.78
C PRO A 35 17.59 -3.10 10.97
N ARG A 36 18.44 -4.04 10.54
CA ARG A 36 19.58 -3.70 9.70
C ARG A 36 19.10 -3.12 8.38
N CYS A 37 18.15 -3.79 7.75
CA CYS A 37 17.56 -3.31 6.51
C CYS A 37 16.73 -2.04 6.75
N LYS A 38 16.06 -2.00 7.89
CA LYS A 38 15.19 -0.89 8.25
C LYS A 38 16.01 0.39 8.54
N ALA A 39 17.23 0.19 9.02
CA ALA A 39 18.10 1.30 9.42
C ALA A 39 18.37 2.25 8.26
N LEU A 40 18.27 1.74 7.04
CA LEU A 40 18.49 2.54 5.84
C LEU A 40 17.48 3.65 5.74
N GLY A 41 16.30 3.40 6.26
CA GLY A 41 15.19 4.33 6.12
C GLY A 41 13.96 3.62 5.62
N GLY A 42 14.15 2.33 5.28
CA GLY A 42 13.05 1.43 4.88
C GLY A 42 11.92 2.13 4.17
N THR A 43 12.20 2.73 3.03
CA THR A 43 11.22 3.54 2.34
C THR A 43 10.16 2.67 1.70
N VAL A 44 8.92 2.99 1.99
CA VAL A 44 7.80 2.14 1.58
C VAL A 44 7.22 2.62 0.26
N TYR A 45 7.25 1.72 -0.72
CA TYR A 45 6.73 2.01 -2.04
C TYR A 45 5.75 0.93 -2.45
N PHE A 46 4.54 1.32 -2.80
CA PHE A 46 3.51 0.35 -3.15
C PHE A 46 2.73 0.80 -4.37
N TRP A 47 2.14 -0.17 -5.05
CA TRP A 47 1.33 0.09 -6.21
C TRP A 47 0.37 -1.06 -6.48
N GLY A 48 -0.80 -0.71 -6.95
CA GLY A 48 -1.78 -1.69 -7.36
C GLY A 48 -2.16 -1.50 -8.82
N ALA A 49 -3.44 -1.54 -9.12
CA ALA A 49 -3.90 -1.39 -10.49
C ALA A 49 -4.81 -0.18 -10.70
N ASP A 50 -4.77 0.77 -9.75
CA ASP A 50 -5.60 1.99 -9.84
C ASP A 50 -5.39 2.73 -11.17
N THR A 51 -6.37 3.55 -11.53
CA THR A 51 -6.43 4.18 -12.85
C THR A 51 -5.43 5.33 -12.99
N ARG A 52 -5.00 5.91 -11.88
CA ARG A 52 -4.09 7.05 -11.94
C ARG A 52 -2.67 6.60 -12.19
N ASP A 53 -2.11 5.82 -11.28
CA ASP A 53 -0.73 5.33 -11.42
C ASP A 53 -0.64 3.86 -11.06
N GLY A 54 -1.60 3.39 -10.30
CA GLY A 54 -1.54 2.04 -9.77
C GLY A 54 -1.47 2.06 -8.26
N LYS A 55 -2.60 1.85 -7.62
CA LYS A 55 -2.69 1.92 -6.16
C LYS A 55 -3.46 0.72 -5.63
N LEU A 56 -4.74 0.62 -6.02
CA LEU A 56 -5.61 -0.48 -5.59
C LEU A 56 -6.83 -0.59 -6.50
N VAL A 57 -7.36 -1.80 -6.60
CA VAL A 57 -8.59 -2.05 -7.34
C VAL A 57 -9.45 -3.07 -6.60
N MET A 58 -10.71 -2.73 -6.36
CA MET A 58 -11.65 -3.66 -5.78
C MET A 58 -12.27 -4.51 -6.88
N LYS A 59 -12.00 -5.81 -6.85
CA LYS A 59 -12.48 -6.69 -7.91
C LYS A 59 -13.04 -8.00 -7.38
N LYS A 60 -14.25 -8.32 -7.83
CA LYS A 60 -14.84 -9.63 -7.59
C LYS A 60 -15.46 -10.12 -8.89
N GLY A 61 -15.01 -11.29 -9.34
CA GLY A 61 -15.51 -11.83 -10.59
C GLY A 61 -15.09 -10.99 -11.78
N GLN A 62 -16.05 -10.27 -12.33
CA GLN A 62 -15.80 -9.43 -13.50
C GLN A 62 -15.96 -7.96 -13.17
N ASP A 63 -16.04 -7.65 -11.87
CA ASP A 63 -16.22 -6.28 -11.44
C ASP A 63 -14.94 -5.75 -10.79
N LYS A 64 -14.11 -5.09 -11.57
CA LYS A 64 -12.90 -4.46 -11.06
C LYS A 64 -13.07 -2.95 -11.12
N TYR A 65 -12.76 -2.25 -10.03
CA TYR A 65 -12.89 -0.81 -10.03
C TYR A 65 -11.62 -0.13 -9.53
N THR A 66 -11.16 0.85 -10.27
CA THR A 66 -9.95 1.57 -9.93
C THR A 66 -10.25 2.75 -9.01
N LEU A 67 -9.66 2.74 -7.82
CA LEU A 67 -9.92 3.77 -6.83
C LEU A 67 -8.63 4.49 -6.46
N MET A 68 -8.75 5.76 -6.10
CA MET A 68 -7.59 6.54 -5.70
C MET A 68 -7.14 6.17 -4.30
N THR A 69 -6.17 5.28 -4.24
CA THR A 69 -5.64 4.82 -2.97
C THR A 69 -4.44 5.65 -2.53
N THR A 70 -4.61 6.29 -1.38
CA THR A 70 -3.55 7.03 -0.72
C THR A 70 -3.49 6.56 0.73
N TYR A 71 -2.30 6.18 1.17
CA TYR A 71 -2.19 5.50 2.45
C TYR A 71 -1.82 6.46 3.56
N GLY A 72 -2.09 6.01 4.78
CA GLY A 72 -1.72 6.75 5.94
C GLY A 72 -0.83 5.92 6.84
N GLY A 73 -1.36 5.49 7.98
CA GLY A 73 -0.62 4.66 8.89
C GLY A 73 0.49 5.43 9.60
N ALA A 74 1.59 5.63 8.90
CA ALA A 74 2.72 6.37 9.43
C ALA A 74 3.29 7.32 8.38
N VAL A 75 2.57 7.44 7.26
CA VAL A 75 3.02 8.28 6.14
C VAL A 75 3.43 9.67 6.60
N GLN A 76 4.39 10.27 5.90
CA GLN A 76 4.86 11.61 6.22
C GLN A 76 3.82 12.64 5.84
N GLN A 77 3.09 13.12 6.85
CA GLN A 77 2.01 14.09 6.68
C GLN A 77 0.86 13.48 5.89
N GLN A 78 0.91 13.61 4.57
CA GLN A 78 -0.12 13.04 3.70
C GLN A 78 0.44 12.74 2.33
N LEU A 79 1.76 12.74 2.20
CA LEU A 79 2.41 12.49 0.92
C LEU A 79 2.51 11.00 0.66
N GLY A 80 1.39 10.37 0.32
CA GLY A 80 1.36 8.94 0.20
C GLY A 80 0.92 8.44 -1.15
N GLY A 81 0.32 7.25 -1.17
CA GLY A 81 -0.06 6.62 -2.41
C GLY A 81 1.15 6.07 -3.16
N GLY A 82 0.98 5.83 -4.46
CA GLY A 82 2.12 5.45 -5.29
C GLY A 82 3.23 6.47 -5.22
N TYR A 83 4.45 5.98 -5.00
CA TYR A 83 5.64 6.82 -4.82
C TYR A 83 5.55 7.62 -3.51
N GLY A 84 4.59 7.25 -2.68
CA GLY A 84 4.46 7.87 -1.38
C GLY A 84 5.22 7.09 -0.34
N TYR A 85 6.42 7.54 -0.03
CA TYR A 85 7.28 6.80 0.88
C TYR A 85 7.42 7.51 2.22
N TYR A 86 7.75 6.73 3.23
CA TYR A 86 7.94 7.25 4.59
C TYR A 86 9.34 6.91 5.08
N HIS A 87 9.77 7.60 6.12
CA HIS A 87 11.10 7.40 6.70
C HIS A 87 11.03 6.40 7.83
N VAL A 88 11.32 5.15 7.51
CA VAL A 88 11.34 4.07 8.49
C VAL A 88 12.68 4.02 9.20
N SER A 89 12.65 3.99 10.52
CA SER A 89 13.87 3.80 11.29
C SER A 89 14.03 2.34 11.64
N GLN A 90 15.17 1.96 12.18
CA GLN A 90 15.42 0.58 12.57
C GLN A 90 14.49 0.16 13.70
N LYS A 91 13.81 1.13 14.30
CA LYS A 91 12.89 0.88 15.40
C LYS A 91 11.46 1.29 15.06
N THR A 92 11.18 1.46 13.77
CA THR A 92 9.83 1.80 13.32
C THR A 92 8.98 0.54 13.17
N PRO A 93 7.75 0.56 13.69
CA PRO A 93 6.79 -0.54 13.54
C PRO A 93 6.41 -0.80 12.08
N PRO A 94 5.68 -1.89 11.80
CA PRO A 94 5.22 -2.20 10.45
C PRO A 94 4.48 -1.00 9.82
N GLN A 95 4.53 -0.90 8.50
CA GLN A 95 3.89 0.20 7.80
C GLN A 95 2.51 -0.21 7.27
N THR A 96 1.48 0.51 7.66
CA THR A 96 0.13 0.17 7.23
C THR A 96 -0.25 0.97 5.98
N ILE A 97 -0.77 0.28 4.98
CA ILE A 97 -1.25 0.93 3.78
C ILE A 97 -2.76 0.99 3.81
N SER A 98 -3.32 2.15 3.53
CA SER A 98 -4.76 2.32 3.51
C SER A 98 -5.23 2.67 2.09
N GLY A 99 -6.26 1.99 1.65
CA GLY A 99 -6.82 2.26 0.33
C GLY A 99 -8.14 2.98 0.42
N VAL A 100 -8.35 3.94 -0.47
CA VAL A 100 -9.54 4.77 -0.43
C VAL A 100 -10.44 4.41 -1.61
N VAL A 101 -11.70 4.14 -1.31
CA VAL A 101 -12.67 3.81 -2.34
C VAL A 101 -13.15 5.07 -3.03
N SER A 102 -13.48 4.94 -4.31
CA SER A 102 -14.09 6.02 -5.05
C SER A 102 -15.45 6.36 -4.44
N LYS A 103 -15.43 7.32 -3.53
CA LYS A 103 -16.62 7.75 -2.81
C LYS A 103 -17.54 8.54 -3.73
N ASN A 104 -17.06 8.78 -4.94
CA ASN A 104 -17.84 9.50 -5.95
C ASN A 104 -18.72 8.50 -6.71
N VAL A 105 -18.62 7.24 -6.33
CA VAL A 105 -19.32 6.18 -7.03
C VAL A 105 -20.47 5.61 -6.21
N GLY A 106 -20.17 4.97 -5.09
CA GLY A 106 -21.22 4.30 -4.33
C GLY A 106 -21.49 2.92 -4.88
N TYR A 107 -20.44 2.10 -4.91
CA TYR A 107 -20.48 0.76 -5.52
C TYR A 107 -21.57 -0.14 -4.93
N LYS A 108 -21.78 -1.25 -5.61
CA LYS A 108 -22.77 -2.23 -5.21
C LYS A 108 -22.16 -3.21 -4.20
N PRO A 109 -22.96 -3.64 -3.21
CA PRO A 109 -22.52 -4.58 -2.16
C PRO A 109 -21.84 -5.82 -2.71
N GLY A 110 -20.78 -6.24 -2.03
CA GLY A 110 -20.00 -7.38 -2.48
C GLY A 110 -18.65 -7.43 -1.82
N GLN A 111 -18.12 -8.63 -1.65
CA GLN A 111 -16.77 -8.80 -1.13
C GLN A 111 -15.78 -8.77 -2.29
N TYR A 112 -15.17 -7.63 -2.49
CA TYR A 112 -14.21 -7.44 -3.57
C TYR A 112 -12.79 -7.74 -3.08
N THR A 113 -11.92 -8.05 -4.00
CA THR A 113 -10.52 -8.31 -3.68
C THR A 113 -9.65 -7.15 -4.15
N VAL A 114 -8.74 -6.70 -3.29
CA VAL A 114 -7.86 -5.59 -3.64
C VAL A 114 -6.40 -6.05 -3.72
N GLU A 115 -5.79 -5.87 -4.88
CA GLU A 115 -4.42 -6.29 -5.10
C GLU A 115 -3.43 -5.18 -4.81
N LEU A 116 -2.45 -5.48 -3.96
CA LEU A 116 -1.43 -4.50 -3.58
C LEU A 116 -0.06 -5.13 -3.57
N THR A 117 0.94 -4.33 -3.92
CA THR A 117 2.32 -4.73 -3.75
C THR A 117 2.86 -4.13 -2.44
N GLY A 118 3.91 -3.33 -2.53
CA GLY A 118 4.39 -2.67 -1.34
C GLY A 118 5.72 -3.20 -0.86
N PHE A 119 6.76 -2.88 -1.60
CA PHE A 119 8.10 -3.26 -1.20
C PHE A 119 8.76 -2.07 -0.53
N PHE A 120 9.91 -2.27 0.07
CA PHE A 120 10.66 -1.17 0.61
C PHE A 120 11.97 -1.05 -0.15
N SER A 121 12.30 0.16 -0.55
CA SER A 121 13.52 0.39 -1.30
C SER A 121 14.73 0.31 -0.37
N LEU A 122 15.51 -0.74 -0.54
CA LEU A 122 16.66 -0.97 0.30
C LEU A 122 17.92 -0.40 -0.36
N ASN A 123 18.72 0.24 0.45
CA ASN A 123 19.93 0.90 -0.02
C ASN A 123 21.17 0.11 0.39
N ASP A 124 21.20 -0.29 1.67
CA ASP A 124 22.34 -0.98 2.28
C ASP A 124 23.54 -0.04 2.45
N ASN A 125 24.05 0.01 3.68
CA ASN A 125 25.23 0.81 4.02
C ASN A 125 24.95 2.30 3.82
N LYS A 126 24.26 2.90 4.79
CA LYS A 126 23.91 4.31 4.73
C LYS A 126 23.32 4.75 6.07
N GLN A 127 22.24 4.07 6.46
CA GLN A 127 21.54 4.37 7.71
C GLN A 127 21.14 5.85 7.77
N ALA A 128 20.22 6.24 6.88
CA ALA A 128 19.78 7.62 6.78
C ALA A 128 18.51 7.71 5.93
N ASN A 129 18.64 7.36 4.66
CA ASN A 129 17.53 7.42 3.71
C ASN A 129 17.92 6.72 2.40
N PRO A 130 17.12 5.73 1.96
CA PRO A 130 17.36 5.03 0.69
C PRO A 130 17.14 5.91 -0.53
N THR A 131 17.57 5.42 -1.67
CA THR A 131 17.48 6.16 -2.92
C THR A 131 16.19 5.83 -3.67
N PRO A 132 15.28 6.83 -3.79
CA PRO A 132 14.02 6.67 -4.53
C PRO A 132 14.23 6.44 -6.03
N SER A 133 15.43 6.73 -6.52
CA SER A 133 15.75 6.52 -7.92
C SER A 133 15.81 5.03 -8.24
N SER A 134 15.95 4.21 -7.20
CA SER A 134 16.02 2.77 -7.35
C SER A 134 14.68 2.19 -7.82
N LEU A 135 13.64 3.03 -7.78
CA LEU A 135 12.30 2.64 -8.22
C LEU A 135 12.25 2.41 -9.73
N THR A 136 13.22 2.97 -10.44
CA THR A 136 13.28 2.84 -11.89
C THR A 136 13.52 1.38 -12.30
N SER A 137 14.15 0.64 -11.42
CA SER A 137 14.43 -0.77 -11.63
C SER A 137 13.69 -1.60 -10.58
N LYS A 138 12.50 -1.13 -10.22
CA LYS A 138 11.69 -1.73 -9.17
C LYS A 138 11.61 -3.26 -9.27
N ALA A 139 11.27 -3.76 -10.46
CA ALA A 139 11.05 -5.18 -10.63
C ALA A 139 12.37 -5.95 -10.68
N ALA A 140 13.44 -5.25 -11.01
CA ALA A 140 14.75 -5.86 -11.14
C ALA A 140 15.52 -5.83 -9.83
N GLY A 141 15.78 -7.00 -9.27
CA GLY A 141 16.62 -7.10 -8.08
C GLY A 141 15.86 -6.84 -6.80
N LYS A 142 14.96 -5.87 -6.82
CA LYS A 142 14.20 -5.51 -5.62
C LYS A 142 13.16 -6.55 -5.29
N ASN A 143 12.97 -6.78 -4.00
CA ASN A 143 12.03 -7.77 -3.52
C ASN A 143 10.62 -7.22 -3.51
N ILE A 144 10.03 -7.10 -4.68
CA ILE A 144 8.66 -6.64 -4.80
C ILE A 144 7.70 -7.74 -4.40
N VAL A 145 6.86 -7.41 -3.44
CA VAL A 145 5.86 -8.33 -2.94
C VAL A 145 4.49 -8.00 -3.51
N SER A 146 3.55 -8.92 -3.37
CA SER A 146 2.19 -8.68 -3.85
C SER A 146 1.21 -9.58 -3.12
N SER A 147 0.08 -9.01 -2.74
CA SER A 147 -0.96 -9.76 -2.07
C SER A 147 -2.32 -9.22 -2.48
N THR A 148 -3.37 -9.89 -2.05
CA THR A 148 -4.72 -9.47 -2.36
C THR A 148 -5.59 -9.50 -1.11
N GLY A 149 -6.13 -8.34 -0.78
CA GLY A 149 -6.97 -8.21 0.37
C GLY A 149 -8.43 -8.28 -0.01
N THR A 150 -9.28 -7.58 0.73
CA THR A 150 -10.70 -7.65 0.47
C THR A 150 -11.44 -6.38 0.93
N ILE A 151 -12.50 -6.06 0.20
CA ILE A 151 -13.35 -4.91 0.51
C ILE A 151 -14.82 -5.31 0.39
N THR A 152 -15.52 -5.33 1.51
CA THR A 152 -16.94 -5.62 1.51
C THR A 152 -17.73 -4.33 1.39
N ILE A 153 -18.38 -4.14 0.25
CA ILE A 153 -19.18 -2.96 0.00
C ILE A 153 -20.52 -3.07 0.72
N SER A 154 -20.94 -2.01 1.39
CA SER A 154 -22.17 -2.03 2.15
C SER A 154 -22.87 -0.68 2.05
N ASN A 1 20.24 -5.84 3.06
CA ASN A 1 20.61 -6.79 1.98
C ASN A 1 19.46 -7.72 1.65
N SER A 2 18.94 -8.42 2.64
CA SER A 2 17.95 -9.45 2.38
C SER A 2 16.66 -9.19 3.15
N CYS A 3 15.82 -8.31 2.63
CA CYS A 3 14.57 -7.96 3.30
C CYS A 3 13.49 -7.56 2.31
N SER A 4 12.24 -7.63 2.75
CA SER A 4 11.10 -7.19 1.97
C SER A 4 10.01 -6.72 2.93
N LEU A 5 9.03 -5.99 2.40
CA LEU A 5 7.93 -5.51 3.21
C LEU A 5 6.79 -6.54 3.23
N SER A 6 6.52 -7.04 4.41
CA SER A 6 5.43 -7.99 4.62
C SER A 6 4.08 -7.29 4.54
N ILE A 7 3.09 -7.99 3.99
CA ILE A 7 1.77 -7.41 3.81
C ILE A 7 0.74 -8.21 4.62
N SER A 8 -0.07 -7.52 5.41
CA SER A 8 -1.11 -8.18 6.19
C SER A 8 -2.44 -7.46 6.03
N SER A 9 -3.42 -8.19 5.51
CA SER A 9 -4.77 -7.67 5.35
C SER A 9 -5.71 -8.33 6.38
N PRO A 10 -6.33 -7.53 7.26
CA PRO A 10 -7.20 -8.03 8.32
C PRO A 10 -8.68 -8.11 7.93
N ASP A 11 -9.02 -9.05 7.03
CA ASP A 11 -10.43 -9.34 6.68
C ASP A 11 -11.05 -8.21 5.84
N PRO A 12 -11.98 -8.53 4.92
CA PRO A 12 -12.67 -7.51 4.12
C PRO A 12 -13.19 -6.35 4.95
N VAL A 13 -12.76 -5.16 4.62
CA VAL A 13 -13.22 -3.95 5.29
C VAL A 13 -14.69 -3.71 4.97
N THR A 14 -15.40 -3.13 5.92
CA THR A 14 -16.81 -2.85 5.74
C THR A 14 -16.99 -1.46 5.12
N TYR A 15 -17.47 -1.43 3.89
CA TYR A 15 -17.72 -0.17 3.22
C TYR A 15 -19.18 0.22 3.35
N THR A 16 -19.46 1.16 4.22
CA THR A 16 -20.81 1.63 4.42
C THR A 16 -21.12 2.78 3.46
N ILE A 17 -22.03 2.51 2.52
CA ILE A 17 -22.50 3.53 1.60
C ILE A 17 -23.85 4.07 2.07
N PRO A 18 -23.86 5.18 2.82
CA PRO A 18 -25.11 5.78 3.29
C PRO A 18 -25.93 6.36 2.14
N THR A 19 -25.27 7.12 1.28
CA THR A 19 -25.89 7.62 0.08
C THR A 19 -24.93 7.57 -1.11
N ASP A 20 -23.63 7.79 -0.83
CA ASP A 20 -22.61 7.87 -1.89
C ASP A 20 -21.24 8.18 -1.31
N LYS A 21 -21.13 9.35 -0.69
CA LYS A 21 -19.83 9.87 -0.23
C LYS A 21 -19.42 9.27 1.11
N GLY A 22 -20.02 8.15 1.45
CA GLY A 22 -19.70 7.45 2.68
C GLY A 22 -18.21 7.19 2.83
N ASP A 23 -17.63 6.52 1.83
CA ASP A 23 -16.20 6.16 1.78
C ASP A 23 -15.73 5.34 3.00
N LYS A 24 -14.63 4.65 2.81
CA LYS A 24 -13.96 3.92 3.89
C LYS A 24 -12.53 3.60 3.45
N TYR A 25 -11.68 3.28 4.42
CA TYR A 25 -10.29 2.96 4.11
C TYR A 25 -10.02 1.49 4.37
N ILE A 26 -9.26 0.87 3.48
CA ILE A 26 -8.88 -0.53 3.64
C ILE A 26 -7.45 -0.56 4.17
N ASN A 27 -7.20 -1.40 5.17
CA ASN A 27 -5.92 -1.40 5.85
C ASN A 27 -5.03 -2.55 5.37
N PHE A 28 -3.87 -2.17 4.86
CA PHE A 28 -2.82 -3.13 4.53
C PHE A 28 -1.62 -2.87 5.45
N LYS A 29 -1.35 -3.82 6.33
CA LYS A 29 -0.27 -3.66 7.28
C LYS A 29 1.06 -4.10 6.65
N LEU A 30 1.95 -3.14 6.43
CA LEU A 30 3.24 -3.43 5.82
C LEU A 30 4.35 -3.34 6.85
N ASP A 31 5.24 -4.32 6.84
CA ASP A 31 6.31 -4.40 7.84
C ASP A 31 7.55 -5.07 7.27
N VAL A 32 8.68 -4.40 7.41
CA VAL A 32 9.94 -4.97 6.99
C VAL A 32 10.70 -5.51 8.20
N PRO A 33 11.10 -6.79 8.15
CA PRO A 33 11.86 -7.42 9.23
C PRO A 33 13.35 -7.09 9.15
N ASP A 34 14.09 -7.50 10.18
CA ASP A 34 15.54 -7.37 10.23
C ASP A 34 15.98 -5.90 10.28
N PRO A 35 16.23 -5.39 11.50
CA PRO A 35 16.74 -4.03 11.73
C PRO A 35 17.93 -3.68 10.82
N ARG A 36 18.64 -4.71 10.37
CA ARG A 36 19.80 -4.53 9.50
C ARG A 36 19.40 -3.81 8.22
N CYS A 37 18.43 -4.34 7.49
CA CYS A 37 17.95 -3.70 6.26
C CYS A 37 17.17 -2.43 6.60
N LYS A 38 16.48 -2.45 7.72
CA LYS A 38 15.67 -1.34 8.16
C LYS A 38 16.50 -0.09 8.43
N ALA A 39 17.74 -0.29 8.88
CA ALA A 39 18.64 0.80 9.23
C ALA A 39 18.83 1.77 8.06
N LEU A 40 18.68 1.25 6.85
CA LEU A 40 18.84 2.03 5.64
C LEU A 40 17.83 3.16 5.56
N GLY A 41 16.67 2.93 6.12
CA GLY A 41 15.58 3.88 6.02
C GLY A 41 14.33 3.22 5.49
N GLY A 42 14.52 2.01 4.95
CA GLY A 42 13.40 1.16 4.53
C GLY A 42 12.22 1.92 3.95
N THR A 43 12.44 2.61 2.84
CA THR A 43 11.40 3.45 2.30
C THR A 43 10.32 2.61 1.65
N VAL A 44 9.08 2.95 1.91
CA VAL A 44 7.97 2.13 1.47
C VAL A 44 7.45 2.62 0.13
N TYR A 45 7.30 1.70 -0.79
CA TYR A 45 6.78 2.03 -2.09
C TYR A 45 5.78 0.95 -2.50
N PHE A 46 4.57 1.37 -2.80
CA PHE A 46 3.50 0.43 -3.09
C PHE A 46 2.64 0.93 -4.23
N TRP A 47 2.04 0.00 -4.93
CA TRP A 47 1.17 0.31 -6.05
C TRP A 47 0.21 -0.85 -6.31
N GLY A 48 -0.96 -0.51 -6.78
CA GLY A 48 -1.94 -1.50 -7.16
C GLY A 48 -2.32 -1.34 -8.61
N ALA A 49 -3.61 -1.39 -8.89
CA ALA A 49 -4.07 -1.28 -10.27
C ALA A 49 -4.97 -0.06 -10.50
N ASP A 50 -4.94 0.90 -9.57
CA ASP A 50 -5.75 2.13 -9.71
C ASP A 50 -5.47 2.85 -11.03
N THR A 51 -6.46 3.63 -11.45
CA THR A 51 -6.47 4.25 -12.76
C THR A 51 -5.47 5.40 -12.89
N ARG A 52 -5.07 6.00 -11.76
CA ARG A 52 -4.20 7.16 -11.82
C ARG A 52 -2.72 6.77 -11.91
N ASP A 53 -2.22 6.13 -10.86
CA ASP A 53 -0.82 5.70 -10.85
C ASP A 53 -0.69 4.29 -10.30
N GLY A 54 -1.80 3.58 -10.22
CA GLY A 54 -1.78 2.26 -9.62
C GLY A 54 -1.67 2.32 -8.12
N LYS A 55 -2.79 2.17 -7.44
CA LYS A 55 -2.83 2.27 -5.99
C LYS A 55 -3.53 1.05 -5.41
N LEU A 56 -4.81 0.90 -5.74
CA LEU A 56 -5.60 -0.25 -5.33
C LEU A 56 -6.81 -0.41 -6.24
N VAL A 57 -7.30 -1.64 -6.34
CA VAL A 57 -8.50 -1.94 -7.10
C VAL A 57 -9.31 -3.01 -6.39
N MET A 58 -10.60 -2.74 -6.18
CA MET A 58 -11.49 -3.74 -5.62
C MET A 58 -12.03 -4.60 -6.75
N LYS A 59 -11.66 -5.87 -6.75
CA LYS A 59 -12.08 -6.77 -7.81
C LYS A 59 -12.60 -8.09 -7.26
N LYS A 60 -13.85 -8.39 -7.59
CA LYS A 60 -14.38 -9.72 -7.33
C LYS A 60 -14.65 -10.39 -8.67
N GLY A 61 -13.94 -11.46 -8.93
CA GLY A 61 -13.99 -12.09 -10.23
C GLY A 61 -13.40 -11.20 -11.30
N GLN A 62 -14.25 -10.66 -12.16
CA GLN A 62 -13.82 -9.77 -13.23
C GLN A 62 -14.35 -8.36 -13.01
N ASP A 63 -15.00 -8.12 -11.88
CA ASP A 63 -15.50 -6.79 -11.55
C ASP A 63 -14.42 -6.02 -10.81
N LYS A 64 -13.64 -5.27 -11.56
CA LYS A 64 -12.51 -4.53 -11.01
C LYS A 64 -12.83 -3.04 -11.01
N TYR A 65 -12.55 -2.37 -9.91
CA TYR A 65 -12.80 -0.94 -9.83
C TYR A 65 -11.57 -0.18 -9.35
N THR A 66 -11.16 0.80 -10.14
CA THR A 66 -10.01 1.62 -9.83
C THR A 66 -10.38 2.75 -8.89
N LEU A 67 -9.72 2.78 -7.74
CA LEU A 67 -10.02 3.76 -6.71
C LEU A 67 -8.75 4.46 -6.27
N MET A 68 -8.84 5.77 -6.08
CA MET A 68 -7.70 6.54 -5.64
C MET A 68 -7.31 6.22 -4.20
N THR A 69 -6.29 5.41 -4.08
CA THR A 69 -5.82 4.98 -2.78
C THR A 69 -4.72 5.90 -2.25
N THR A 70 -4.99 6.49 -1.09
CA THR A 70 -4.06 7.39 -0.41
C THR A 70 -3.78 6.89 1.00
N TYR A 71 -2.51 6.61 1.29
CA TYR A 71 -2.17 6.08 2.61
C TYR A 71 -1.68 7.19 3.53
N GLY A 72 -1.72 6.91 4.81
CA GLY A 72 -1.39 7.89 5.81
C GLY A 72 -0.56 7.33 6.93
N GLY A 73 -1.02 7.50 8.16
CA GLY A 73 -0.28 7.04 9.31
C GLY A 73 0.94 7.89 9.59
N ALA A 74 1.98 7.69 8.79
CA ALA A 74 3.22 8.44 8.94
C ALA A 74 3.69 8.96 7.59
N VAL A 75 2.76 9.00 6.64
CA VAL A 75 3.04 9.49 5.30
C VAL A 75 3.72 10.86 5.32
N GLN A 76 4.75 11.00 4.49
CA GLN A 76 5.49 12.25 4.40
C GLN A 76 4.78 13.18 3.43
N GLN A 77 5.44 14.27 3.03
CA GLN A 77 4.82 15.25 2.15
C GLN A 77 4.89 14.81 0.69
N GLN A 78 4.63 13.53 0.45
CA GLN A 78 4.66 12.97 -0.90
C GLN A 78 3.26 12.57 -1.32
N LEU A 79 3.15 11.91 -2.46
CA LEU A 79 1.87 11.40 -2.93
C LEU A 79 1.31 10.39 -1.94
N GLY A 80 0.12 10.66 -1.44
CA GLY A 80 -0.55 9.70 -0.58
C GLY A 80 -0.91 8.47 -1.37
N GLY A 81 -0.21 7.37 -1.11
CA GLY A 81 -0.38 6.19 -1.92
C GLY A 81 0.32 6.30 -3.26
N GLY A 82 1.08 5.28 -3.63
CA GLY A 82 1.82 5.32 -4.88
C GLY A 82 2.98 6.28 -4.84
N TYR A 83 4.20 5.74 -4.68
CA TYR A 83 5.43 6.53 -4.60
C TYR A 83 5.54 7.29 -3.27
N GLY A 84 4.45 7.33 -2.52
CA GLY A 84 4.49 7.94 -1.21
C GLY A 84 5.29 7.11 -0.25
N TYR A 85 6.52 7.53 0.01
CA TYR A 85 7.42 6.75 0.85
C TYR A 85 7.61 7.39 2.20
N TYR A 86 8.08 6.59 3.15
CA TYR A 86 8.35 7.03 4.51
C TYR A 86 9.71 6.51 4.95
N HIS A 87 10.40 7.28 5.79
CA HIS A 87 11.69 6.86 6.31
C HIS A 87 11.51 6.02 7.58
N VAL A 88 11.52 4.71 7.41
CA VAL A 88 11.37 3.80 8.53
C VAL A 88 12.75 3.55 9.16
N SER A 89 12.85 3.66 10.47
CA SER A 89 14.10 3.38 11.13
C SER A 89 14.23 1.89 11.40
N GLN A 90 15.35 1.47 11.95
CA GLN A 90 15.61 0.05 12.16
C GLN A 90 14.64 -0.55 13.17
N LYS A 91 14.26 0.23 14.18
CA LYS A 91 13.36 -0.24 15.20
C LYS A 91 11.98 0.42 15.11
N THR A 92 11.69 1.02 13.97
CA THR A 92 10.41 1.68 13.75
C THR A 92 9.29 0.68 13.48
N PRO A 93 8.13 0.88 14.13
CA PRO A 93 6.93 0.06 13.91
C PRO A 93 6.46 0.12 12.45
N PRO A 94 5.68 -0.88 12.03
CA PRO A 94 5.22 -1.03 10.64
C PRO A 94 4.27 0.08 10.19
N GLN A 95 4.09 0.20 8.89
CA GLN A 95 3.22 1.21 8.32
C GLN A 95 1.92 0.60 7.83
N THR A 96 0.84 1.32 7.99
CA THR A 96 -0.45 0.86 7.53
C THR A 96 -0.83 1.61 6.26
N ILE A 97 -1.09 0.85 5.20
CA ILE A 97 -1.48 1.45 3.95
C ILE A 97 -3.01 1.49 3.88
N SER A 98 -3.55 2.66 3.59
CA SER A 98 -4.99 2.80 3.51
C SER A 98 -5.46 3.00 2.07
N GLY A 99 -6.47 2.24 1.70
CA GLY A 99 -7.06 2.36 0.38
C GLY A 99 -8.42 3.02 0.42
N VAL A 100 -8.62 4.00 -0.44
CA VAL A 100 -9.84 4.78 -0.44
C VAL A 100 -10.69 4.38 -1.63
N VAL A 101 -11.91 3.97 -1.35
CA VAL A 101 -12.85 3.63 -2.39
C VAL A 101 -13.30 4.90 -3.09
N SER A 102 -13.60 4.80 -4.37
CA SER A 102 -14.14 5.92 -5.10
C SER A 102 -15.52 6.24 -4.55
N LYS A 103 -15.54 7.13 -3.57
CA LYS A 103 -16.75 7.57 -2.89
C LYS A 103 -17.64 8.36 -3.83
N ASN A 104 -17.15 8.61 -5.02
CA ASN A 104 -17.90 9.38 -6.00
C ASN A 104 -18.66 8.44 -6.93
N VAL A 105 -18.64 7.16 -6.58
CA VAL A 105 -19.30 6.14 -7.39
C VAL A 105 -20.47 5.51 -6.65
N GLY A 106 -20.20 4.79 -5.57
CA GLY A 106 -21.27 4.09 -4.89
C GLY A 106 -21.48 2.70 -5.45
N TYR A 107 -20.41 1.90 -5.45
CA TYR A 107 -20.41 0.57 -6.07
C TYR A 107 -21.50 -0.35 -5.53
N LYS A 108 -21.70 -1.45 -6.24
CA LYS A 108 -22.68 -2.47 -5.87
C LYS A 108 -22.07 -3.41 -4.83
N PRO A 109 -22.92 -3.94 -3.92
CA PRO A 109 -22.47 -4.76 -2.79
C PRO A 109 -21.74 -6.04 -3.20
N GLY A 110 -20.85 -6.48 -2.32
CA GLY A 110 -20.05 -7.67 -2.59
C GLY A 110 -18.69 -7.58 -1.94
N GLN A 111 -18.06 -8.72 -1.71
CA GLN A 111 -16.71 -8.74 -1.18
C GLN A 111 -15.71 -8.74 -2.33
N TYR A 112 -15.05 -7.62 -2.52
CA TYR A 112 -14.07 -7.46 -3.59
C TYR A 112 -12.67 -7.67 -3.06
N THR A 113 -11.76 -8.03 -3.94
CA THR A 113 -10.37 -8.25 -3.56
C THR A 113 -9.52 -7.05 -3.99
N VAL A 114 -8.66 -6.58 -3.10
CA VAL A 114 -7.80 -5.45 -3.42
C VAL A 114 -6.33 -5.85 -3.48
N GLU A 115 -5.76 -5.72 -4.65
CA GLU A 115 -4.38 -6.12 -4.89
C GLU A 115 -3.41 -4.98 -4.59
N LEU A 116 -2.46 -5.24 -3.70
CA LEU A 116 -1.44 -4.26 -3.35
C LEU A 116 -0.06 -4.91 -3.37
N THR A 117 0.92 -4.13 -3.79
CA THR A 117 2.31 -4.54 -3.70
C THR A 117 2.90 -4.02 -2.39
N GLY A 118 3.93 -3.19 -2.48
CA GLY A 118 4.47 -2.57 -1.29
C GLY A 118 5.81 -3.12 -0.90
N PHE A 119 6.82 -2.77 -1.67
CA PHE A 119 8.16 -3.17 -1.37
C PHE A 119 8.87 -2.03 -0.68
N PHE A 120 10.04 -2.29 -0.14
CA PHE A 120 10.82 -1.24 0.46
C PHE A 120 12.11 -1.09 -0.33
N SER A 121 12.44 0.14 -0.68
CA SER A 121 13.63 0.40 -1.46
C SER A 121 14.85 0.26 -0.55
N LEU A 122 15.77 -0.59 -0.96
CA LEU A 122 16.92 -0.92 -0.15
C LEU A 122 18.20 -0.38 -0.78
N ASN A 123 19.09 0.09 0.08
CA ASN A 123 20.32 0.73 -0.36
C ASN A 123 21.54 -0.08 0.08
N ASP A 124 21.55 -0.41 1.37
CA ASP A 124 22.67 -1.07 2.05
C ASP A 124 23.86 -0.13 2.18
N ASN A 125 24.43 -0.09 3.38
CA ASN A 125 25.56 0.80 3.70
C ASN A 125 25.19 2.26 3.55
N LYS A 126 24.42 2.78 4.50
CA LYS A 126 24.00 4.18 4.46
C LYS A 126 23.46 4.63 5.81
N GLN A 127 22.46 3.91 6.32
CA GLN A 127 21.78 4.25 7.57
C GLN A 127 21.31 5.71 7.54
N ALA A 128 20.25 5.96 6.79
CA ALA A 128 19.70 7.30 6.66
C ALA A 128 18.41 7.25 5.86
N ASN A 129 18.55 6.99 4.57
CA ASN A 129 17.40 6.95 3.66
C ASN A 129 17.84 6.43 2.29
N PRO A 130 17.15 5.41 1.77
CA PRO A 130 17.38 4.90 0.42
C PRO A 130 16.91 5.89 -0.63
N THR A 131 17.53 5.82 -1.80
CA THR A 131 17.21 6.74 -2.88
C THR A 131 16.03 6.23 -3.70
N PRO A 132 15.04 7.10 -3.95
CA PRO A 132 13.85 6.74 -4.75
C PRO A 132 14.20 6.51 -6.22
N SER A 133 15.44 6.81 -6.56
CA SER A 133 15.95 6.60 -7.92
C SER A 133 15.82 5.13 -8.32
N SER A 134 15.85 4.23 -7.34
CA SER A 134 15.78 2.80 -7.59
C SER A 134 14.41 2.39 -8.10
N LEU A 135 13.43 3.27 -7.97
CA LEU A 135 12.06 2.99 -8.41
C LEU A 135 11.99 2.90 -9.93
N THR A 136 12.94 3.55 -10.60
CA THR A 136 13.01 3.49 -12.05
C THR A 136 13.42 2.10 -12.51
N SER A 137 14.08 1.38 -11.61
CA SER A 137 14.48 0.00 -11.85
C SER A 137 13.80 -0.91 -10.84
N LYS A 138 12.57 -0.53 -10.48
CA LYS A 138 11.81 -1.20 -9.41
C LYS A 138 11.80 -2.72 -9.54
N ALA A 139 11.57 -3.23 -10.74
CA ALA A 139 11.41 -4.67 -10.94
C ALA A 139 12.75 -5.38 -10.95
N ALA A 140 13.83 -4.64 -11.15
CA ALA A 140 15.16 -5.22 -11.19
C ALA A 140 15.80 -5.21 -9.80
N GLY A 141 16.03 -6.40 -9.25
CA GLY A 141 16.76 -6.52 -8.00
C GLY A 141 15.89 -6.34 -6.77
N LYS A 142 14.93 -5.43 -6.83
CA LYS A 142 14.12 -5.11 -5.67
C LYS A 142 13.05 -6.16 -5.42
N ASN A 143 12.88 -6.49 -4.14
CA ASN A 143 11.95 -7.53 -3.73
C ASN A 143 10.53 -6.99 -3.68
N ILE A 144 9.92 -6.87 -4.85
CA ILE A 144 8.53 -6.44 -4.95
C ILE A 144 7.60 -7.55 -4.48
N VAL A 145 6.79 -7.23 -3.50
CA VAL A 145 5.81 -8.16 -2.96
C VAL A 145 4.43 -7.86 -3.53
N SER A 146 3.49 -8.75 -3.29
CA SER A 146 2.12 -8.54 -3.74
C SER A 146 1.15 -9.39 -2.92
N SER A 147 0.12 -8.74 -2.40
CA SER A 147 -0.90 -9.42 -1.64
C SER A 147 -2.26 -8.92 -2.07
N THR A 148 -3.29 -9.67 -1.73
CA THR A 148 -4.64 -9.31 -2.10
C THR A 148 -5.54 -9.29 -0.88
N GLY A 149 -6.05 -8.11 -0.58
CA GLY A 149 -6.91 -7.95 0.57
C GLY A 149 -8.35 -8.08 0.16
N THR A 150 -9.23 -7.39 0.84
CA THR A 150 -10.65 -7.50 0.54
C THR A 150 -11.45 -6.29 1.02
N ILE A 151 -12.52 -6.00 0.31
CA ILE A 151 -13.42 -4.90 0.60
C ILE A 151 -14.86 -5.35 0.47
N THR A 152 -15.60 -5.35 1.57
CA THR A 152 -17.01 -5.69 1.56
C THR A 152 -17.84 -4.45 1.28
N ILE A 153 -18.35 -4.36 0.06
CA ILE A 153 -19.19 -3.23 -0.34
C ILE A 153 -20.57 -3.37 0.28
N SER A 154 -21.01 -2.33 0.96
CA SER A 154 -22.29 -2.35 1.64
C SER A 154 -23.10 -1.11 1.27
N ASN A 1 21.66 -6.26 2.39
CA ASN A 1 21.04 -7.51 2.90
C ASN A 1 19.82 -7.85 2.06
N SER A 2 19.10 -8.89 2.47
CA SER A 2 17.98 -9.38 1.70
C SER A 2 16.70 -9.28 2.53
N CYS A 3 15.97 -8.18 2.34
CA CYS A 3 14.77 -7.92 3.11
C CYS A 3 13.64 -7.42 2.23
N SER A 4 12.41 -7.56 2.71
CA SER A 4 11.24 -7.11 1.98
C SER A 4 10.16 -6.65 2.95
N LEU A 5 9.17 -5.95 2.43
CA LEU A 5 8.05 -5.49 3.24
C LEU A 5 6.93 -6.51 3.21
N SER A 6 6.43 -6.85 4.39
CA SER A 6 5.34 -7.78 4.51
C SER A 6 4.02 -7.07 4.28
N ILE A 7 3.11 -7.71 3.57
CA ILE A 7 1.81 -7.14 3.32
C ILE A 7 0.75 -7.92 4.09
N SER A 8 0.28 -7.35 5.19
CA SER A 8 -0.71 -8.00 6.01
C SER A 8 -2.06 -7.29 5.89
N SER A 9 -2.95 -7.88 5.11
CA SER A 9 -4.30 -7.38 5.00
C SER A 9 -5.25 -8.31 5.77
N PRO A 10 -6.16 -7.73 6.57
CA PRO A 10 -7.11 -8.50 7.35
C PRO A 10 -8.37 -8.87 6.57
N ASP A 11 -9.45 -9.18 7.29
CA ASP A 11 -10.73 -9.53 6.67
C ASP A 11 -11.29 -8.35 5.88
N PRO A 12 -12.28 -8.59 5.00
CA PRO A 12 -12.88 -7.55 4.17
C PRO A 12 -13.36 -6.36 4.99
N VAL A 13 -12.92 -5.18 4.61
CA VAL A 13 -13.36 -3.95 5.25
C VAL A 13 -14.82 -3.70 4.87
N THR A 14 -15.61 -3.29 5.84
CA THR A 14 -17.02 -3.05 5.60
C THR A 14 -17.26 -1.62 5.15
N TYR A 15 -17.54 -1.44 3.87
CA TYR A 15 -17.81 -0.13 3.32
C TYR A 15 -19.30 0.16 3.36
N THR A 16 -19.70 1.04 4.24
CA THR A 16 -21.09 1.43 4.35
C THR A 16 -21.37 2.62 3.43
N ILE A 17 -22.40 2.50 2.62
CA ILE A 17 -22.77 3.57 1.70
C ILE A 17 -24.09 4.23 2.11
N PRO A 18 -24.05 5.11 3.12
CA PRO A 18 -25.26 5.80 3.61
C PRO A 18 -25.73 6.89 2.66
N THR A 19 -24.79 7.70 2.21
CA THR A 19 -25.09 8.84 1.35
C THR A 19 -24.24 8.80 0.09
N ASP A 20 -23.76 7.60 -0.26
CA ASP A 20 -22.96 7.37 -1.48
C ASP A 20 -21.51 7.85 -1.29
N LYS A 21 -21.37 9.06 -0.78
CA LYS A 21 -20.05 9.68 -0.58
C LYS A 21 -19.42 9.26 0.75
N GLY A 22 -20.00 8.25 1.38
CA GLY A 22 -19.55 7.80 2.69
C GLY A 22 -18.06 7.47 2.75
N ASP A 23 -17.61 6.63 1.81
CA ASP A 23 -16.21 6.20 1.66
C ASP A 23 -15.75 5.34 2.82
N LYS A 24 -14.68 4.59 2.59
CA LYS A 24 -14.11 3.70 3.58
C LYS A 24 -12.67 3.43 3.21
N TYR A 25 -11.92 2.88 4.15
CA TYR A 25 -10.51 2.63 3.93
C TYR A 25 -10.16 1.18 4.21
N ILE A 26 -9.40 0.59 3.31
CA ILE A 26 -8.92 -0.76 3.50
C ILE A 26 -7.48 -0.68 4.01
N ASN A 27 -7.15 -1.45 5.03
CA ASN A 27 -5.85 -1.32 5.67
C ASN A 27 -4.93 -2.48 5.28
N PHE A 28 -3.78 -2.11 4.75
CA PHE A 28 -2.72 -3.07 4.49
C PHE A 28 -1.53 -2.74 5.39
N LYS A 29 -1.21 -3.65 6.30
CA LYS A 29 -0.14 -3.42 7.25
C LYS A 29 1.18 -3.93 6.68
N LEU A 30 2.12 -3.04 6.48
CA LEU A 30 3.40 -3.40 5.87
C LEU A 30 4.52 -3.36 6.91
N ASP A 31 5.34 -4.40 6.92
CA ASP A 31 6.42 -4.51 7.91
C ASP A 31 7.64 -5.16 7.29
N VAL A 32 8.79 -4.51 7.43
CA VAL A 32 10.04 -5.09 6.99
C VAL A 32 10.81 -5.62 8.20
N PRO A 33 11.08 -6.94 8.23
CA PRO A 33 11.89 -7.55 9.28
C PRO A 33 13.37 -7.26 9.10
N ASP A 34 14.18 -7.70 10.07
CA ASP A 34 15.63 -7.50 10.05
C ASP A 34 15.97 -6.01 10.15
N PRO A 35 16.11 -5.50 11.40
CA PRO A 35 16.47 -4.10 11.66
C PRO A 35 17.74 -3.66 10.93
N ARG A 36 18.56 -4.61 10.51
CA ARG A 36 19.77 -4.29 9.77
C ARG A 36 19.40 -3.65 8.42
N CYS A 37 18.47 -4.28 7.71
CA CYS A 37 17.97 -3.72 6.46
C CYS A 37 17.17 -2.43 6.72
N LYS A 38 16.44 -2.42 7.83
CA LYS A 38 15.58 -1.29 8.18
C LYS A 38 16.38 -0.03 8.49
N ALA A 39 17.57 -0.21 9.06
CA ALA A 39 18.42 0.92 9.47
C ALA A 39 18.69 1.88 8.31
N LEU A 40 18.61 1.34 7.10
CA LEU A 40 18.86 2.13 5.90
C LEU A 40 17.82 3.23 5.72
N GLY A 41 16.66 3.03 6.30
CA GLY A 41 15.56 3.96 6.17
C GLY A 41 14.36 3.31 5.53
N GLY A 42 14.56 2.05 5.11
CA GLY A 42 13.48 1.19 4.62
C GLY A 42 12.30 1.93 4.00
N THR A 43 12.53 2.58 2.88
CA THR A 43 11.51 3.39 2.26
C THR A 43 10.44 2.52 1.61
N VAL A 44 9.19 2.88 1.84
CA VAL A 44 8.07 2.08 1.37
C VAL A 44 7.55 2.61 0.04
N TYR A 45 7.38 1.71 -0.90
CA TYR A 45 6.83 2.07 -2.18
C TYR A 45 5.80 1.01 -2.60
N PHE A 46 4.59 1.45 -2.88
CA PHE A 46 3.52 0.52 -3.22
C PHE A 46 2.79 0.96 -4.46
N TRP A 47 2.11 0.02 -5.08
CA TRP A 47 1.27 0.30 -6.23
C TRP A 47 0.32 -0.86 -6.50
N GLY A 48 -0.90 -0.51 -6.84
CA GLY A 48 -1.88 -1.48 -7.26
C GLY A 48 -2.28 -1.23 -8.71
N ALA A 49 -3.56 -1.33 -9.01
CA ALA A 49 -4.03 -1.15 -10.38
C ALA A 49 -4.99 0.02 -10.53
N ASP A 50 -5.04 0.95 -9.56
CA ASP A 50 -5.94 2.10 -9.63
C ASP A 50 -5.66 2.95 -10.88
N THR A 51 -6.65 3.75 -11.26
CA THR A 51 -6.62 4.49 -12.52
C THR A 51 -5.69 5.70 -12.46
N ARG A 52 -5.41 6.20 -11.26
CA ARG A 52 -4.60 7.38 -11.11
C ARG A 52 -3.12 7.07 -11.34
N ASP A 53 -2.54 6.22 -10.51
CA ASP A 53 -1.13 5.85 -10.65
C ASP A 53 -0.94 4.36 -10.51
N GLY A 54 -1.98 3.71 -10.04
CA GLY A 54 -1.87 2.33 -9.65
C GLY A 54 -1.76 2.21 -8.15
N LYS A 55 -2.87 2.40 -7.46
CA LYS A 55 -2.93 2.28 -6.01
C LYS A 55 -3.61 0.99 -5.56
N LEU A 56 -4.90 0.85 -5.88
CA LEU A 56 -5.68 -0.34 -5.50
C LEU A 56 -6.89 -0.51 -6.40
N VAL A 57 -7.36 -1.74 -6.53
CA VAL A 57 -8.60 -2.03 -7.24
C VAL A 57 -9.40 -3.08 -6.49
N MET A 58 -10.67 -2.77 -6.22
CA MET A 58 -11.56 -3.76 -5.62
C MET A 58 -12.13 -4.61 -6.73
N LYS A 59 -11.81 -5.89 -6.71
CA LYS A 59 -12.25 -6.77 -7.78
C LYS A 59 -12.70 -8.13 -7.26
N LYS A 60 -13.93 -8.48 -7.58
CA LYS A 60 -14.44 -9.81 -7.29
C LYS A 60 -14.72 -10.53 -8.60
N GLY A 61 -13.81 -11.40 -8.99
CA GLY A 61 -13.94 -12.08 -10.26
C GLY A 61 -13.69 -11.14 -11.42
N GLN A 62 -14.76 -10.75 -12.11
CA GLN A 62 -14.65 -9.91 -13.29
C GLN A 62 -15.05 -8.47 -12.98
N ASP A 63 -15.51 -8.22 -11.76
CA ASP A 63 -15.92 -6.88 -11.36
C ASP A 63 -14.75 -6.15 -10.71
N LYS A 64 -14.06 -5.34 -11.48
CA LYS A 64 -12.89 -4.60 -10.98
C LYS A 64 -13.18 -3.11 -10.97
N TYR A 65 -12.85 -2.44 -9.88
CA TYR A 65 -13.05 -1.00 -9.81
C TYR A 65 -11.81 -0.29 -9.30
N THR A 66 -11.34 0.66 -10.09
CA THR A 66 -10.20 1.48 -9.73
C THR A 66 -10.62 2.61 -8.79
N LEU A 67 -9.91 2.75 -7.68
CA LEU A 67 -10.25 3.75 -6.69
C LEU A 67 -9.01 4.53 -6.26
N MET A 68 -9.19 5.79 -5.94
CA MET A 68 -8.08 6.64 -5.54
C MET A 68 -7.60 6.29 -4.13
N THR A 69 -6.62 5.42 -4.07
CA THR A 69 -6.08 4.95 -2.82
C THR A 69 -4.85 5.75 -2.39
N THR A 70 -4.85 6.20 -1.14
CA THR A 70 -3.74 6.95 -0.60
C THR A 70 -3.56 6.66 0.89
N TYR A 71 -2.34 6.32 1.27
CA TYR A 71 -2.00 6.19 2.68
C TYR A 71 -1.29 7.46 3.11
N GLY A 72 -0.84 7.49 4.33
CA GLY A 72 -0.17 8.67 4.81
C GLY A 72 1.30 8.43 5.08
N GLY A 73 2.13 9.39 4.69
CA GLY A 73 3.53 9.33 5.04
C GLY A 73 3.71 9.23 6.53
N ALA A 74 4.50 8.26 6.98
CA ALA A 74 4.71 7.97 8.40
C ALA A 74 3.47 7.35 9.01
N VAL A 75 2.64 6.79 8.14
CA VAL A 75 1.38 6.09 8.46
C VAL A 75 0.34 6.92 9.23
N GLN A 76 0.77 7.75 10.17
CA GLN A 76 -0.16 8.52 10.99
C GLN A 76 -0.67 9.76 10.24
N GLN A 77 -0.82 9.61 8.93
CA GLN A 77 -1.31 10.67 8.06
C GLN A 77 -2.16 10.04 6.96
N GLN A 78 -2.65 10.84 6.03
CA GLN A 78 -3.49 10.33 4.95
C GLN A 78 -2.99 10.82 3.57
N LEU A 79 -1.91 11.57 3.57
CA LEU A 79 -1.36 12.09 2.32
C LEU A 79 -0.16 11.27 1.87
N GLY A 80 -0.27 10.67 0.70
CA GLY A 80 0.83 9.88 0.15
C GLY A 80 0.40 9.07 -1.05
N GLY A 81 0.93 7.85 -1.15
CA GLY A 81 0.56 6.95 -2.23
C GLY A 81 1.32 7.22 -3.52
N GLY A 82 1.57 6.16 -4.28
CA GLY A 82 2.24 6.30 -5.58
C GLY A 82 3.59 7.00 -5.48
N TYR A 83 4.62 6.23 -5.15
CA TYR A 83 5.99 6.74 -5.01
C TYR A 83 6.14 7.55 -3.72
N GLY A 84 5.03 7.71 -3.00
CA GLY A 84 5.07 8.35 -1.71
C GLY A 84 5.65 7.41 -0.67
N TYR A 85 6.78 7.79 -0.08
CA TYR A 85 7.53 6.87 0.76
C TYR A 85 7.70 7.42 2.17
N TYR A 86 8.23 6.56 3.04
CA TYR A 86 8.50 6.90 4.42
C TYR A 86 9.84 6.31 4.84
N HIS A 87 10.56 7.01 5.71
CA HIS A 87 11.82 6.51 6.23
C HIS A 87 11.58 5.70 7.49
N VAL A 88 11.55 4.39 7.36
CA VAL A 88 11.40 3.51 8.51
C VAL A 88 12.77 3.29 9.14
N SER A 89 12.90 3.58 10.42
CA SER A 89 14.15 3.37 11.10
C SER A 89 14.24 1.93 11.58
N GLN A 90 15.39 1.51 12.07
CA GLN A 90 15.58 0.11 12.44
C GLN A 90 14.55 -0.34 13.48
N LYS A 91 14.21 0.54 14.42
CA LYS A 91 13.26 0.21 15.46
C LYS A 91 11.91 0.89 15.24
N THR A 92 11.64 1.28 14.01
CA THR A 92 10.37 1.90 13.67
C THR A 92 9.30 0.84 13.41
N PRO A 93 8.12 1.00 14.04
CA PRO A 93 6.98 0.10 13.83
C PRO A 93 6.47 0.15 12.39
N PRO A 94 5.82 -0.94 11.96
CA PRO A 94 5.31 -1.09 10.58
C PRO A 94 4.31 0.01 10.18
N GLN A 95 4.26 0.31 8.90
CA GLN A 95 3.35 1.33 8.38
C GLN A 95 2.12 0.69 7.75
N THR A 96 1.10 1.50 7.54
CA THR A 96 -0.17 1.01 7.03
C THR A 96 -0.54 1.74 5.75
N ILE A 97 -0.90 0.98 4.73
CA ILE A 97 -1.39 1.57 3.49
C ILE A 97 -2.92 1.52 3.50
N SER A 98 -3.56 2.66 3.28
CA SER A 98 -5.01 2.71 3.29
C SER A 98 -5.58 2.94 1.90
N GLY A 99 -6.60 2.17 1.56
CA GLY A 99 -7.26 2.32 0.29
C GLY A 99 -8.57 3.05 0.42
N VAL A 100 -8.78 4.03 -0.44
CA VAL A 100 -9.98 4.85 -0.38
C VAL A 100 -10.89 4.49 -1.55
N VAL A 101 -12.04 3.94 -1.24
CA VAL A 101 -13.03 3.63 -2.25
C VAL A 101 -13.57 4.89 -2.90
N SER A 102 -13.82 4.82 -4.20
CA SER A 102 -14.37 5.94 -4.94
C SER A 102 -15.73 6.33 -4.37
N LYS A 103 -15.74 7.37 -3.55
CA LYS A 103 -16.95 7.82 -2.88
C LYS A 103 -17.85 8.56 -3.85
N ASN A 104 -17.36 8.75 -5.07
CA ASN A 104 -18.13 9.40 -6.11
C ASN A 104 -18.75 8.36 -7.04
N VAL A 105 -18.96 7.15 -6.52
CA VAL A 105 -19.53 6.07 -7.31
C VAL A 105 -20.71 5.41 -6.59
N GLY A 106 -20.45 4.76 -5.46
CA GLY A 106 -21.52 4.05 -4.78
C GLY A 106 -21.67 2.63 -5.30
N TYR A 107 -20.58 1.87 -5.24
CA TYR A 107 -20.53 0.52 -5.82
C TYR A 107 -21.59 -0.42 -5.23
N LYS A 108 -21.74 -1.56 -5.88
CA LYS A 108 -22.73 -2.57 -5.48
C LYS A 108 -22.13 -3.49 -4.42
N PRO A 109 -22.96 -3.98 -3.48
CA PRO A 109 -22.50 -4.85 -2.37
C PRO A 109 -21.81 -6.12 -2.86
N GLY A 110 -20.74 -6.48 -2.16
CA GLY A 110 -19.98 -7.66 -2.52
C GLY A 110 -18.61 -7.66 -1.87
N GLN A 111 -18.01 -8.85 -1.76
CA GLN A 111 -16.67 -8.96 -1.21
C GLN A 111 -15.64 -8.91 -2.34
N TYR A 112 -15.05 -7.74 -2.51
CA TYR A 112 -14.07 -7.52 -3.56
C TYR A 112 -12.66 -7.75 -3.03
N THR A 113 -11.75 -8.08 -3.93
CA THR A 113 -10.37 -8.33 -3.56
C THR A 113 -9.48 -7.20 -4.07
N VAL A 114 -8.62 -6.68 -3.21
CA VAL A 114 -7.77 -5.55 -3.57
C VAL A 114 -6.31 -5.97 -3.59
N GLU A 115 -5.66 -5.74 -4.74
CA GLU A 115 -4.27 -6.13 -4.92
C GLU A 115 -3.33 -4.99 -4.58
N LEU A 116 -2.34 -5.27 -3.74
CA LEU A 116 -1.36 -4.28 -3.37
C LEU A 116 0.04 -4.88 -3.38
N THR A 117 1.00 -4.06 -3.76
CA THR A 117 2.40 -4.41 -3.63
C THR A 117 2.94 -3.77 -2.35
N GLY A 118 4.03 -3.03 -2.44
CA GLY A 118 4.56 -2.38 -1.26
C GLY A 118 5.87 -2.96 -0.82
N PHE A 119 6.90 -2.69 -1.58
CA PHE A 119 8.24 -3.16 -1.27
C PHE A 119 9.02 -2.03 -0.63
N PHE A 120 10.19 -2.34 -0.12
CA PHE A 120 11.02 -1.30 0.45
C PHE A 120 12.35 -1.25 -0.30
N SER A 121 12.73 -0.05 -0.68
CA SER A 121 13.95 0.17 -1.42
C SER A 121 15.14 0.09 -0.48
N LEU A 122 16.01 -0.89 -0.69
CA LEU A 122 17.16 -1.07 0.17
C LEU A 122 18.41 -0.51 -0.48
N ASN A 123 19.04 0.41 0.22
CA ASN A 123 20.29 1.01 -0.22
C ASN A 123 21.47 0.16 0.22
N ASP A 124 21.40 -0.29 1.48
CA ASP A 124 22.47 -1.05 2.14
C ASP A 124 23.71 -0.19 2.36
N ASN A 125 24.20 -0.19 3.60
CA ASN A 125 25.37 0.60 4.00
C ASN A 125 25.09 2.10 3.88
N LYS A 126 24.40 2.64 4.89
CA LYS A 126 24.08 4.07 4.94
C LYS A 126 23.46 4.43 6.28
N GLN A 127 22.38 3.73 6.65
CA GLN A 127 21.68 3.97 7.91
C GLN A 127 21.15 5.40 7.97
N ALA A 128 20.28 5.75 7.04
CA ALA A 128 19.70 7.09 6.96
C ALA A 128 18.50 7.14 6.02
N ASN A 129 18.78 7.03 4.72
CA ASN A 129 17.74 7.15 3.71
C ASN A 129 18.14 6.42 2.43
N PRO A 130 17.32 5.46 2.00
CA PRO A 130 17.55 4.70 0.77
C PRO A 130 17.40 5.53 -0.49
N THR A 131 17.73 4.94 -1.63
CA THR A 131 17.68 5.62 -2.90
C THR A 131 16.36 5.36 -3.62
N PRO A 132 15.56 6.43 -3.84
CA PRO A 132 14.30 6.34 -4.57
C PRO A 132 14.54 6.10 -6.06
N SER A 133 15.77 6.31 -6.50
CA SER A 133 16.15 6.09 -7.89
C SER A 133 16.16 4.60 -8.22
N SER A 134 16.16 3.78 -7.18
CA SER A 134 16.15 2.33 -7.35
C SER A 134 14.77 1.84 -7.77
N LEU A 135 13.84 2.77 -7.88
CA LEU A 135 12.49 2.47 -8.34
C LEU A 135 12.48 2.20 -9.85
N THR A 136 13.63 2.39 -10.48
CA THR A 136 13.80 2.10 -11.90
C THR A 136 13.49 0.63 -12.20
N SER A 137 13.87 -0.24 -11.28
CA SER A 137 13.63 -1.66 -11.41
C SER A 137 12.36 -2.06 -10.65
N LYS A 138 11.39 -1.17 -10.66
CA LYS A 138 10.13 -1.31 -9.91
C LYS A 138 9.44 -2.65 -10.11
N ALA A 139 9.65 -3.28 -11.24
CA ALA A 139 9.07 -4.59 -11.47
C ALA A 139 10.17 -5.65 -11.61
N ALA A 140 11.06 -5.44 -12.56
CA ALA A 140 12.12 -6.41 -12.82
C ALA A 140 13.37 -6.10 -12.01
N GLY A 141 13.72 -6.99 -11.09
CA GLY A 141 14.98 -6.87 -10.39
C GLY A 141 14.82 -6.62 -8.90
N LYS A 142 13.86 -5.80 -8.52
CA LYS A 142 13.71 -5.41 -7.12
C LYS A 142 12.87 -6.40 -6.35
N ASN A 143 12.84 -6.19 -5.04
CA ASN A 143 12.20 -7.08 -4.09
C ASN A 143 10.72 -6.75 -3.93
N ILE A 144 9.99 -6.79 -5.04
CA ILE A 144 8.58 -6.45 -5.00
C ILE A 144 7.73 -7.59 -4.45
N VAL A 145 6.87 -7.24 -3.51
CA VAL A 145 5.91 -8.16 -2.93
C VAL A 145 4.51 -7.82 -3.42
N SER A 146 3.59 -8.79 -3.35
CA SER A 146 2.22 -8.55 -3.78
C SER A 146 1.24 -9.39 -2.96
N SER A 147 0.19 -8.75 -2.48
CA SER A 147 -0.82 -9.43 -1.69
C SER A 147 -2.21 -8.93 -2.08
N THR A 148 -3.24 -9.58 -1.57
CA THR A 148 -4.61 -9.24 -1.90
C THR A 148 -5.45 -9.15 -0.65
N GLY A 149 -6.07 -8.01 -0.46
CA GLY A 149 -6.94 -7.80 0.65
C GLY A 149 -8.38 -7.98 0.25
N THR A 150 -9.28 -7.37 0.98
CA THR A 150 -10.70 -7.55 0.73
C THR A 150 -11.53 -6.34 1.15
N ILE A 151 -12.55 -6.05 0.36
CA ILE A 151 -13.47 -4.96 0.63
C ILE A 151 -14.91 -5.42 0.45
N THR A 152 -15.71 -5.32 1.50
CA THR A 152 -17.12 -5.67 1.42
C THR A 152 -17.96 -4.42 1.25
N ILE A 153 -18.48 -4.23 0.05
CA ILE A 153 -19.32 -3.08 -0.25
C ILE A 153 -20.70 -3.27 0.35
N SER A 154 -21.25 -2.24 0.97
CA SER A 154 -22.58 -2.30 1.54
C SER A 154 -23.38 -1.05 1.16
N ASN A 1 20.81 -5.62 3.52
CA ASN A 1 21.40 -6.54 2.53
C ASN A 1 20.31 -7.20 1.70
N SER A 2 19.43 -7.95 2.35
CA SER A 2 18.38 -8.65 1.64
C SER A 2 17.11 -8.71 2.50
N CYS A 3 16.16 -7.84 2.20
CA CYS A 3 14.92 -7.78 2.95
C CYS A 3 13.76 -7.32 2.07
N SER A 4 12.55 -7.51 2.57
CA SER A 4 11.35 -7.13 1.86
C SER A 4 10.25 -6.76 2.85
N LEU A 5 9.20 -6.14 2.36
CA LEU A 5 8.08 -5.74 3.20
C LEU A 5 7.01 -6.81 3.24
N SER A 6 6.37 -6.93 4.39
CA SER A 6 5.28 -7.86 4.58
C SER A 6 3.96 -7.18 4.24
N ILE A 7 3.01 -7.96 3.75
CA ILE A 7 1.68 -7.43 3.46
C ILE A 7 0.64 -8.25 4.22
N SER A 8 -0.07 -7.61 5.12
CA SER A 8 -1.04 -8.30 5.94
C SER A 8 -2.42 -7.62 5.87
N SER A 9 -3.36 -8.33 5.26
CA SER A 9 -4.75 -7.90 5.26
C SER A 9 -5.60 -9.00 5.90
N PRO A 10 -6.19 -8.73 7.08
CA PRO A 10 -6.89 -9.74 7.87
C PRO A 10 -8.20 -10.22 7.25
N ASP A 11 -9.08 -9.29 6.92
CA ASP A 11 -10.42 -9.63 6.44
C ASP A 11 -10.97 -8.51 5.57
N PRO A 12 -12.06 -8.78 4.82
CA PRO A 12 -12.74 -7.75 4.02
C PRO A 12 -13.22 -6.58 4.87
N VAL A 13 -12.79 -5.38 4.52
CA VAL A 13 -13.23 -4.19 5.22
C VAL A 13 -14.71 -3.94 4.92
N THR A 14 -15.46 -3.59 5.94
CA THR A 14 -16.88 -3.34 5.76
C THR A 14 -17.12 -1.88 5.41
N TYR A 15 -17.44 -1.63 4.15
CA TYR A 15 -17.73 -0.28 3.69
C TYR A 15 -19.22 -0.02 3.73
N THR A 16 -19.66 0.81 4.65
CA THR A 16 -21.05 1.17 4.75
C THR A 16 -21.34 2.35 3.84
N ILE A 17 -22.36 2.22 3.00
CA ILE A 17 -22.73 3.28 2.08
C ILE A 17 -24.01 3.99 2.53
N PRO A 18 -23.89 4.99 3.42
CA PRO A 18 -25.04 5.74 3.92
C PRO A 18 -25.60 6.70 2.88
N THR A 19 -24.70 7.43 2.22
CA THR A 19 -25.08 8.46 1.27
C THR A 19 -24.25 8.36 -0.02
N ASP A 20 -23.69 7.17 -0.26
CA ASP A 20 -22.86 6.90 -1.46
C ASP A 20 -21.50 7.57 -1.37
N LYS A 21 -21.30 8.38 -0.34
CA LYS A 21 -20.04 9.08 -0.15
C LYS A 21 -19.52 8.87 1.26
N GLY A 22 -20.03 7.81 1.91
CA GLY A 22 -19.60 7.48 3.25
C GLY A 22 -18.12 7.21 3.32
N ASP A 23 -17.63 6.48 2.31
CA ASP A 23 -16.20 6.21 2.08
C ASP A 23 -15.56 5.38 3.19
N LYS A 24 -14.68 4.48 2.78
CA LYS A 24 -14.00 3.59 3.70
C LYS A 24 -12.64 3.22 3.14
N TYR A 25 -11.73 2.84 4.02
CA TYR A 25 -10.39 2.49 3.63
C TYR A 25 -10.14 1.02 3.88
N ILE A 26 -9.37 0.40 3.01
CA ILE A 26 -8.95 -0.97 3.20
C ILE A 26 -7.54 -0.95 3.75
N ASN A 27 -7.30 -1.73 4.78
CA ASN A 27 -6.04 -1.68 5.50
C ASN A 27 -5.09 -2.78 5.04
N PHE A 28 -3.94 -2.37 4.56
CA PHE A 28 -2.86 -3.28 4.25
C PHE A 28 -1.70 -3.02 5.20
N LYS A 29 -1.46 -3.95 6.09
CA LYS A 29 -0.41 -3.83 7.09
C LYS A 29 0.94 -4.27 6.52
N LEU A 30 1.85 -3.33 6.38
CA LEU A 30 3.17 -3.60 5.81
C LEU A 30 4.26 -3.51 6.87
N ASP A 31 5.24 -4.39 6.80
CA ASP A 31 6.36 -4.38 7.74
C ASP A 31 7.60 -5.06 7.20
N VAL A 32 8.71 -4.36 7.24
CA VAL A 32 9.98 -4.92 6.87
C VAL A 32 10.73 -5.42 8.10
N PRO A 33 11.00 -6.72 8.16
CA PRO A 33 11.68 -7.32 9.31
C PRO A 33 13.17 -6.98 9.33
N ASP A 34 13.80 -7.29 10.46
CA ASP A 34 15.23 -7.05 10.67
C ASP A 34 15.55 -5.57 10.73
N PRO A 35 15.77 -5.05 11.95
CA PRO A 35 16.12 -3.64 12.18
C PRO A 35 17.37 -3.21 11.40
N ARG A 36 18.19 -4.17 11.00
CA ARG A 36 19.39 -3.87 10.23
C ARG A 36 18.99 -3.34 8.85
N CYS A 37 18.19 -4.11 8.13
CA CYS A 37 17.64 -3.66 6.86
C CYS A 37 16.87 -2.36 7.01
N LYS A 38 16.16 -2.22 8.13
CA LYS A 38 15.36 -1.03 8.38
C LYS A 38 16.23 0.20 8.61
N ALA A 39 17.41 -0.01 9.20
CA ALA A 39 18.32 1.09 9.56
C ALA A 39 18.62 2.00 8.38
N LEU A 40 18.56 1.46 7.19
CA LEU A 40 18.88 2.19 5.97
C LEU A 40 17.93 3.35 5.73
N GLY A 41 16.73 3.22 6.24
CA GLY A 41 15.68 4.20 5.99
C GLY A 41 14.48 3.53 5.36
N GLY A 42 14.55 2.19 5.28
CA GLY A 42 13.46 1.32 4.81
C GLY A 42 12.30 2.03 4.16
N THR A 43 12.52 2.57 2.97
CA THR A 43 11.50 3.37 2.33
C THR A 43 10.44 2.46 1.72
N VAL A 44 9.18 2.81 1.92
CA VAL A 44 8.09 1.97 1.44
C VAL A 44 7.62 2.46 0.08
N TYR A 45 7.55 1.54 -0.85
CA TYR A 45 7.08 1.85 -2.17
C TYR A 45 6.03 0.82 -2.58
N PHE A 46 4.85 1.28 -2.93
CA PHE A 46 3.74 0.38 -3.18
C PHE A 46 2.88 0.87 -4.33
N TRP A 47 2.22 -0.08 -4.99
CA TRP A 47 1.36 0.22 -6.13
C TRP A 47 0.43 -0.95 -6.44
N GLY A 48 -0.73 -0.61 -6.99
CA GLY A 48 -1.70 -1.59 -7.41
C GLY A 48 -2.15 -1.31 -8.83
N ALA A 49 -3.46 -1.33 -9.07
CA ALA A 49 -3.99 -1.14 -10.42
C ALA A 49 -4.93 0.08 -10.55
N ASP A 50 -4.90 0.99 -9.58
CA ASP A 50 -5.80 2.17 -9.60
C ASP A 50 -5.60 3.01 -10.87
N THR A 51 -6.56 3.88 -11.14
CA THR A 51 -6.62 4.64 -12.38
C THR A 51 -5.59 5.76 -12.45
N ARG A 52 -5.17 6.27 -11.30
CA ARG A 52 -4.27 7.41 -11.29
C ARG A 52 -2.84 7.00 -11.61
N ASP A 53 -2.25 6.19 -10.74
CA ASP A 53 -0.86 5.78 -10.92
C ASP A 53 -0.71 4.29 -10.64
N GLY A 54 -1.81 3.67 -10.26
CA GLY A 54 -1.77 2.29 -9.86
C GLY A 54 -1.63 2.16 -8.36
N LYS A 55 -2.69 2.48 -7.64
CA LYS A 55 -2.71 2.35 -6.19
C LYS A 55 -3.46 1.08 -5.74
N LEU A 56 -4.77 1.00 -6.03
CA LEU A 56 -5.59 -0.16 -5.64
C LEU A 56 -6.85 -0.26 -6.49
N VAL A 57 -7.39 -1.48 -6.58
CA VAL A 57 -8.65 -1.74 -7.28
C VAL A 57 -9.42 -2.84 -6.56
N MET A 58 -10.69 -2.57 -6.26
CA MET A 58 -11.55 -3.61 -5.69
C MET A 58 -12.15 -4.43 -6.83
N LYS A 59 -11.86 -5.72 -6.85
CA LYS A 59 -12.36 -6.57 -7.92
C LYS A 59 -12.88 -7.90 -7.39
N LYS A 60 -14.13 -8.21 -7.72
CA LYS A 60 -14.70 -9.51 -7.43
C LYS A 60 -15.13 -10.18 -8.74
N GLY A 61 -14.18 -10.75 -9.44
CA GLY A 61 -14.46 -11.33 -10.74
C GLY A 61 -14.50 -10.29 -11.83
N GLN A 62 -15.70 -9.96 -12.30
CA GLN A 62 -15.85 -9.02 -13.41
C GLN A 62 -16.03 -7.59 -12.90
N ASP A 63 -16.14 -7.43 -11.59
CA ASP A 63 -16.38 -6.10 -11.03
C ASP A 63 -15.09 -5.53 -10.46
N LYS A 64 -14.40 -4.77 -11.29
CA LYS A 64 -13.14 -4.14 -10.89
C LYS A 64 -13.33 -2.63 -10.85
N TYR A 65 -12.98 -2.02 -9.73
CA TYR A 65 -13.18 -0.58 -9.58
C TYR A 65 -11.90 0.13 -9.20
N THR A 66 -11.52 1.08 -10.03
CA THR A 66 -10.35 1.90 -9.78
C THR A 66 -10.68 3.03 -8.83
N LEU A 67 -9.96 3.08 -7.73
CA LEU A 67 -10.23 4.06 -6.69
C LEU A 67 -8.94 4.59 -6.09
N MET A 68 -8.99 5.82 -5.62
CA MET A 68 -7.83 6.47 -5.04
C MET A 68 -7.36 5.72 -3.79
N THR A 69 -6.07 5.54 -3.69
CA THR A 69 -5.49 4.83 -2.56
C THR A 69 -4.22 5.53 -2.08
N THR A 70 -4.11 5.66 -0.76
CA THR A 70 -3.09 6.49 -0.18
C THR A 70 -2.59 5.92 1.15
N TYR A 71 -1.49 6.45 1.63
CA TYR A 71 -0.97 6.10 2.95
C TYR A 71 -0.33 7.35 3.54
N GLY A 72 0.27 7.24 4.70
CA GLY A 72 0.93 8.40 5.29
C GLY A 72 2.33 8.09 5.73
N GLY A 73 3.16 9.11 5.84
CA GLY A 73 4.50 8.92 6.35
C GLY A 73 4.50 8.25 7.71
N ALA A 74 5.11 7.07 7.81
CA ALA A 74 5.09 6.27 9.03
C ALA A 74 3.67 5.89 9.40
N VAL A 75 2.84 5.88 8.37
CA VAL A 75 1.39 5.78 8.48
C VAL A 75 0.84 6.64 9.64
N GLN A 76 1.48 7.79 9.84
CA GLN A 76 1.02 8.75 10.84
C GLN A 76 0.21 9.83 10.14
N GLN A 77 0.20 9.75 8.81
CA GLN A 77 -0.54 10.66 7.97
C GLN A 77 -1.44 9.88 7.03
N GLN A 78 -2.06 10.56 6.08
CA GLN A 78 -2.88 9.90 5.09
C GLN A 78 -2.80 10.65 3.76
N LEU A 79 -1.59 11.11 3.43
CA LEU A 79 -1.37 11.88 2.23
C LEU A 79 -0.17 11.33 1.46
N GLY A 80 -0.41 10.31 0.65
CA GLY A 80 0.66 9.70 -0.11
C GLY A 80 0.13 8.67 -1.09
N GLY A 81 0.82 7.54 -1.18
CA GLY A 81 0.39 6.50 -2.08
C GLY A 81 1.10 6.55 -3.42
N GLY A 82 1.51 5.39 -3.93
CA GLY A 82 2.20 5.32 -5.21
C GLY A 82 3.55 6.04 -5.19
N TYR A 83 4.61 5.27 -4.95
CA TYR A 83 5.96 5.81 -4.85
C TYR A 83 6.14 6.63 -3.57
N GLY A 84 5.03 6.97 -2.92
CA GLY A 84 5.09 7.69 -1.66
C GLY A 84 5.86 6.91 -0.61
N TYR A 85 6.98 7.47 -0.18
CA TYR A 85 7.90 6.74 0.68
C TYR A 85 8.18 7.47 1.97
N TYR A 86 8.55 6.73 3.00
CA TYR A 86 8.91 7.30 4.28
C TYR A 86 10.27 6.79 4.74
N HIS A 87 11.00 7.63 5.47
CA HIS A 87 12.30 7.27 6.02
C HIS A 87 12.12 6.40 7.26
N VAL A 88 12.10 5.09 7.06
CA VAL A 88 11.92 4.16 8.16
C VAL A 88 13.24 3.89 8.87
N SER A 89 13.30 4.26 10.14
CA SER A 89 14.49 4.00 10.93
C SER A 89 14.43 2.59 11.52
N GLN A 90 15.54 2.14 12.09
CA GLN A 90 15.67 0.78 12.59
C GLN A 90 14.71 0.48 13.76
N LYS A 91 14.14 1.53 14.34
CA LYS A 91 13.15 1.34 15.41
C LYS A 91 11.85 2.02 15.04
N THR A 92 11.65 2.27 13.74
CA THR A 92 10.42 2.85 13.25
C THR A 92 9.36 1.78 13.06
N PRO A 93 8.16 1.99 13.60
CA PRO A 93 7.04 1.06 13.49
C PRO A 93 6.61 0.88 12.03
N PRO A 94 5.92 -0.23 11.72
CA PRO A 94 5.53 -0.56 10.36
C PRO A 94 4.34 0.25 9.88
N GLN A 95 4.20 0.39 8.57
CA GLN A 95 3.20 1.28 8.00
C GLN A 95 1.99 0.53 7.47
N THR A 96 0.90 1.24 7.31
CA THR A 96 -0.33 0.68 6.80
C THR A 96 -0.78 1.45 5.56
N ILE A 97 -1.13 0.74 4.52
CA ILE A 97 -1.59 1.35 3.30
C ILE A 97 -3.12 1.33 3.26
N SER A 98 -3.75 2.46 2.93
CA SER A 98 -5.20 2.55 2.96
C SER A 98 -5.79 2.76 1.58
N GLY A 99 -6.71 1.90 1.20
CA GLY A 99 -7.41 2.05 -0.07
C GLY A 99 -8.75 2.72 0.11
N VAL A 100 -8.97 3.82 -0.60
CA VAL A 100 -10.16 4.63 -0.39
C VAL A 100 -11.16 4.40 -1.51
N VAL A 101 -12.26 3.77 -1.17
CA VAL A 101 -13.32 3.49 -2.12
C VAL A 101 -13.86 4.81 -2.68
N SER A 102 -14.05 4.84 -4.00
CA SER A 102 -14.51 6.03 -4.69
C SER A 102 -15.84 6.51 -4.14
N LYS A 103 -15.77 7.54 -3.31
CA LYS A 103 -16.93 8.12 -2.66
C LYS A 103 -17.77 8.94 -3.63
N ASN A 104 -17.29 9.07 -4.85
CA ASN A 104 -18.01 9.78 -5.89
C ASN A 104 -18.94 8.83 -6.65
N VAL A 105 -18.77 7.54 -6.41
CA VAL A 105 -19.51 6.54 -7.16
C VAL A 105 -20.66 5.94 -6.33
N GLY A 106 -20.35 5.05 -5.42
CA GLY A 106 -21.40 4.33 -4.72
C GLY A 106 -21.62 2.95 -5.31
N TYR A 107 -20.55 2.15 -5.33
CA TYR A 107 -20.56 0.82 -5.95
C TYR A 107 -21.61 -0.11 -5.34
N LYS A 108 -21.87 -1.20 -6.03
CA LYS A 108 -22.82 -2.20 -5.58
C LYS A 108 -22.14 -3.19 -4.64
N PRO A 109 -22.92 -3.77 -3.71
CA PRO A 109 -22.41 -4.65 -2.63
C PRO A 109 -21.66 -5.88 -3.12
N GLY A 110 -20.85 -6.44 -2.23
CA GLY A 110 -20.08 -7.63 -2.55
C GLY A 110 -18.72 -7.61 -1.90
N GLN A 111 -18.08 -8.77 -1.81
CA GLN A 111 -16.72 -8.85 -1.31
C GLN A 111 -15.73 -8.80 -2.47
N TYR A 112 -15.00 -7.71 -2.54
CA TYR A 112 -14.04 -7.48 -3.60
C TYR A 112 -12.63 -7.77 -3.12
N THR A 113 -11.74 -8.02 -4.07
CA THR A 113 -10.36 -8.25 -3.77
C THR A 113 -9.51 -7.06 -4.21
N VAL A 114 -8.61 -6.61 -3.37
CA VAL A 114 -7.75 -5.47 -3.69
C VAL A 114 -6.29 -5.90 -3.81
N GLU A 115 -5.70 -5.62 -4.96
CA GLU A 115 -4.33 -6.05 -5.25
C GLU A 115 -3.32 -4.96 -4.96
N LEU A 116 -2.40 -5.24 -4.04
CA LEU A 116 -1.38 -4.26 -3.66
C LEU A 116 -0.01 -4.92 -3.57
N THR A 117 1.01 -4.15 -3.92
CA THR A 117 2.39 -4.58 -3.76
C THR A 117 2.95 -3.98 -2.46
N GLY A 118 4.06 -3.25 -2.56
CA GLY A 118 4.62 -2.62 -1.39
C GLY A 118 5.90 -3.22 -0.92
N PHE A 119 6.96 -2.98 -1.67
CA PHE A 119 8.29 -3.42 -1.28
C PHE A 119 9.01 -2.24 -0.65
N PHE A 120 10.11 -2.52 0.01
CA PHE A 120 10.92 -1.45 0.56
C PHE A 120 12.23 -1.38 -0.19
N SER A 121 12.64 -0.19 -0.53
CA SER A 121 13.87 0.01 -1.26
C SER A 121 15.06 -0.10 -0.30
N LEU A 122 15.88 -1.13 -0.50
CA LEU A 122 17.01 -1.38 0.37
C LEU A 122 18.28 -0.82 -0.26
N ASN A 123 19.03 -0.09 0.54
CA ASN A 123 20.22 0.60 0.08
C ASN A 123 21.48 -0.16 0.52
N ASP A 124 21.49 -0.54 1.79
CA ASP A 124 22.63 -1.19 2.46
C ASP A 124 23.81 -0.23 2.57
N ASN A 125 24.30 -0.06 3.80
CA ASN A 125 25.39 0.88 4.11
C ASN A 125 24.94 2.31 3.84
N LYS A 126 24.32 2.93 4.85
CA LYS A 126 23.83 4.30 4.73
C LYS A 126 23.22 4.78 6.04
N GLN A 127 22.12 4.14 6.44
CA GLN A 127 21.43 4.47 7.68
C GLN A 127 20.86 5.89 7.66
N ALA A 128 19.91 6.13 6.76
CA ALA A 128 19.26 7.43 6.63
C ALA A 128 18.01 7.32 5.77
N ASN A 129 18.23 7.18 4.46
CA ASN A 129 17.16 6.97 3.50
C ASN A 129 17.74 6.45 2.19
N PRO A 130 17.23 5.30 1.72
CA PRO A 130 17.65 4.69 0.45
C PRO A 130 17.37 5.60 -0.74
N THR A 131 18.02 5.30 -1.85
CA THR A 131 17.89 6.08 -3.06
C THR A 131 16.61 5.72 -3.82
N PRO A 132 15.64 6.65 -3.89
CA PRO A 132 14.36 6.42 -4.56
C PRO A 132 14.52 6.23 -6.07
N SER A 133 15.67 6.63 -6.60
CA SER A 133 15.94 6.48 -8.02
C SER A 133 16.14 5.01 -8.37
N SER A 134 16.25 4.17 -7.35
CA SER A 134 16.43 2.74 -7.56
C SER A 134 15.11 2.08 -7.92
N LEU A 135 14.04 2.87 -7.88
CA LEU A 135 12.70 2.41 -8.26
C LEU A 135 12.60 2.17 -9.76
N THR A 136 13.61 2.63 -10.50
CA THR A 136 13.66 2.41 -11.93
C THR A 136 14.05 0.97 -12.23
N SER A 137 14.63 0.31 -11.24
CA SER A 137 15.02 -1.08 -11.34
C SER A 137 14.20 -1.91 -10.36
N LYS A 138 12.95 -1.51 -10.18
CA LYS A 138 12.06 -2.14 -9.20
C LYS A 138 11.72 -3.59 -9.55
N ALA A 139 11.37 -3.83 -10.81
CA ALA A 139 10.88 -5.14 -11.20
C ALA A 139 12.00 -6.17 -11.22
N ALA A 140 13.11 -5.83 -11.86
CA ALA A 140 14.22 -6.76 -11.99
C ALA A 140 15.21 -6.62 -10.85
N GLY A 141 15.32 -7.67 -10.04
CA GLY A 141 16.35 -7.72 -9.02
C GLY A 141 15.86 -7.29 -7.65
N LYS A 142 14.65 -6.77 -7.56
CA LYS A 142 14.13 -6.31 -6.28
C LYS A 142 13.02 -7.20 -5.77
N ASN A 143 12.92 -7.31 -4.46
CA ASN A 143 11.92 -8.17 -3.83
C ASN A 143 10.57 -7.49 -3.76
N ILE A 144 9.94 -7.31 -4.91
CA ILE A 144 8.59 -6.78 -4.95
C ILE A 144 7.61 -7.85 -4.49
N VAL A 145 6.83 -7.50 -3.48
CA VAL A 145 5.80 -8.38 -2.98
C VAL A 145 4.45 -7.98 -3.55
N SER A 146 3.50 -8.89 -3.52
CA SER A 146 2.16 -8.61 -4.00
C SER A 146 1.14 -9.43 -3.23
N SER A 147 0.12 -8.77 -2.72
CA SER A 147 -0.91 -9.44 -1.96
C SER A 147 -2.27 -8.90 -2.36
N THR A 148 -3.31 -9.64 -2.01
CA THR A 148 -4.65 -9.23 -2.30
C THR A 148 -5.50 -9.22 -1.04
N GLY A 149 -6.06 -8.06 -0.77
CA GLY A 149 -6.91 -7.90 0.37
C GLY A 149 -8.35 -8.04 -0.02
N THR A 150 -9.24 -7.51 0.79
CA THR A 150 -10.65 -7.66 0.53
C THR A 150 -11.45 -6.45 1.01
N ILE A 151 -12.51 -6.13 0.25
CA ILE A 151 -13.40 -5.03 0.57
C ILE A 151 -14.85 -5.46 0.42
N THR A 152 -15.61 -5.36 1.49
CA THR A 152 -17.04 -5.69 1.42
C THR A 152 -17.87 -4.43 1.27
N ILE A 153 -18.36 -4.21 0.06
CA ILE A 153 -19.21 -3.07 -0.21
C ILE A 153 -20.59 -3.33 0.39
N SER A 154 -21.08 -2.41 1.21
CA SER A 154 -22.36 -2.59 1.87
C SER A 154 -23.21 -1.32 1.76
N ASN A 1 20.98 -5.45 1.20
CA ASN A 1 21.26 -6.80 0.70
C ASN A 1 20.01 -7.48 0.16
N SER A 2 19.21 -8.08 1.03
CA SER A 2 18.06 -8.86 0.57
C SER A 2 16.90 -8.80 1.56
N CYS A 3 15.94 -7.92 1.29
CA CYS A 3 14.77 -7.80 2.15
C CYS A 3 13.54 -7.37 1.37
N SER A 4 12.38 -7.62 1.96
CA SER A 4 11.11 -7.25 1.37
C SER A 4 10.15 -6.82 2.47
N LEU A 5 9.09 -6.12 2.09
CA LEU A 5 8.09 -5.67 3.03
C LEU A 5 6.95 -6.68 3.15
N SER A 6 6.54 -6.96 4.37
CA SER A 6 5.43 -7.85 4.63
C SER A 6 4.12 -7.14 4.32
N ILE A 7 3.19 -7.85 3.70
CA ILE A 7 1.89 -7.27 3.41
C ILE A 7 0.80 -8.00 4.17
N SER A 8 0.40 -7.45 5.30
CA SER A 8 -0.61 -8.07 6.13
C SER A 8 -1.99 -7.77 5.59
N SER A 9 -2.58 -8.75 4.91
CA SER A 9 -3.92 -8.62 4.39
C SER A 9 -4.93 -9.18 5.38
N PRO A 10 -5.79 -8.32 5.95
CA PRO A 10 -6.76 -8.72 6.97
C PRO A 10 -8.10 -9.13 6.38
N ASP A 11 -9.14 -9.02 7.19
CA ASP A 11 -10.51 -9.30 6.77
C ASP A 11 -11.04 -8.17 5.89
N PRO A 12 -12.13 -8.40 5.15
CA PRO A 12 -12.74 -7.36 4.31
C PRO A 12 -13.23 -6.19 5.14
N VAL A 13 -12.74 -5.00 4.79
CA VAL A 13 -13.17 -3.78 5.45
C VAL A 13 -14.64 -3.51 5.12
N THR A 14 -15.38 -3.03 6.08
CA THR A 14 -16.80 -2.78 5.88
C THR A 14 -17.01 -1.37 5.34
N TYR A 15 -17.33 -1.27 4.06
CA TYR A 15 -17.60 0.03 3.45
C TYR A 15 -19.09 0.31 3.49
N THR A 16 -19.48 1.22 4.37
CA THR A 16 -20.86 1.63 4.45
C THR A 16 -21.12 2.74 3.45
N ILE A 17 -22.13 2.57 2.62
CA ILE A 17 -22.47 3.56 1.62
C ILE A 17 -23.74 4.31 1.99
N PRO A 18 -23.64 5.36 2.82
CA PRO A 18 -24.77 6.19 3.18
C PRO A 18 -25.17 7.16 2.06
N THR A 19 -24.15 7.79 1.46
CA THR A 19 -24.37 8.85 0.49
C THR A 19 -23.61 8.58 -0.80
N ASP A 20 -23.26 7.30 -1.03
CA ASP A 20 -22.46 6.87 -2.20
C ASP A 20 -20.99 7.26 -2.03
N LYS A 21 -20.76 8.37 -1.35
CA LYS A 21 -19.41 8.90 -1.16
C LYS A 21 -19.00 8.84 0.30
N GLY A 22 -19.72 8.03 1.08
CA GLY A 22 -19.35 7.80 2.47
C GLY A 22 -17.89 7.42 2.61
N ASP A 23 -17.41 6.60 1.67
CA ASP A 23 -15.99 6.24 1.52
C ASP A 23 -15.48 5.39 2.68
N LYS A 24 -14.43 4.64 2.42
CA LYS A 24 -13.85 3.79 3.44
C LYS A 24 -12.38 3.51 3.12
N TYR A 25 -11.64 3.15 4.16
CA TYR A 25 -10.23 2.83 4.03
C TYR A 25 -9.99 1.36 4.33
N ILE A 26 -9.25 0.70 3.44
CA ILE A 26 -8.83 -0.67 3.68
C ILE A 26 -7.38 -0.64 4.16
N ASN A 27 -7.11 -1.24 5.30
CA ASN A 27 -5.78 -1.15 5.90
C ASN A 27 -4.92 -2.38 5.60
N PHE A 28 -3.75 -2.12 5.08
CA PHE A 28 -2.73 -3.14 4.88
C PHE A 28 -1.55 -2.82 5.80
N LYS A 29 -1.10 -3.81 6.56
CA LYS A 29 -0.01 -3.59 7.50
C LYS A 29 1.30 -4.08 6.89
N LEU A 30 2.25 -3.18 6.72
CA LEU A 30 3.50 -3.51 6.03
C LEU A 30 4.70 -3.42 6.96
N ASP A 31 5.58 -4.42 6.91
CA ASP A 31 6.77 -4.47 7.76
C ASP A 31 7.89 -5.27 7.11
N VAL A 32 9.05 -4.67 7.06
CA VAL A 32 10.23 -5.35 6.56
C VAL A 32 10.93 -6.06 7.71
N PRO A 33 10.88 -7.40 7.72
CA PRO A 33 11.28 -8.21 8.87
C PRO A 33 12.80 -8.39 9.01
N ASP A 34 13.53 -7.28 9.00
CA ASP A 34 14.98 -7.31 9.19
C ASP A 34 15.50 -5.94 9.60
N PRO A 35 15.75 -5.75 10.89
CA PRO A 35 16.25 -4.48 11.46
C PRO A 35 17.50 -3.93 10.77
N ARG A 36 18.27 -4.79 10.10
CA ARG A 36 19.42 -4.31 9.34
C ARG A 36 18.93 -3.54 8.12
N CYS A 37 18.13 -4.22 7.31
CA CYS A 37 17.50 -3.59 6.15
C CYS A 37 16.69 -2.36 6.53
N LYS A 38 16.05 -2.40 7.70
CA LYS A 38 15.21 -1.29 8.16
C LYS A 38 16.07 -0.08 8.53
N ALA A 39 17.31 -0.34 8.93
CA ALA A 39 18.21 0.73 9.37
C ALA A 39 18.50 1.72 8.25
N LEU A 40 18.44 1.22 7.01
CA LEU A 40 18.77 2.03 5.84
C LEU A 40 17.86 3.24 5.71
N GLY A 41 16.67 3.13 6.26
CA GLY A 41 15.67 4.17 6.14
C GLY A 41 14.40 3.63 5.57
N GLY A 42 14.48 2.36 5.15
CA GLY A 42 13.32 1.57 4.71
C GLY A 42 12.17 2.36 4.13
N THR A 43 12.41 3.02 3.01
CA THR A 43 11.36 3.79 2.38
C THR A 43 10.36 2.86 1.71
N VAL A 44 9.09 3.14 1.92
CA VAL A 44 8.04 2.25 1.45
C VAL A 44 7.51 2.72 0.11
N TYR A 45 7.32 1.77 -0.79
CA TYR A 45 6.76 2.07 -2.10
C TYR A 45 5.77 0.97 -2.47
N PHE A 46 4.55 1.36 -2.76
CA PHE A 46 3.50 0.38 -3.02
C PHE A 46 2.62 0.84 -4.17
N TRP A 47 2.04 -0.12 -4.85
CA TRP A 47 1.14 0.16 -5.95
C TRP A 47 0.20 -1.01 -6.20
N GLY A 48 -0.89 -0.73 -6.89
CA GLY A 48 -1.86 -1.72 -7.26
C GLY A 48 -2.27 -1.55 -8.70
N ALA A 49 -3.56 -1.62 -8.98
CA ALA A 49 -4.04 -1.52 -10.36
C ALA A 49 -4.95 -0.31 -10.59
N ASP A 50 -4.92 0.67 -9.67
CA ASP A 50 -5.78 1.86 -9.78
C ASP A 50 -5.48 2.66 -11.05
N THR A 51 -6.46 3.45 -11.47
CA THR A 51 -6.42 4.17 -12.73
C THR A 51 -5.52 5.40 -12.67
N ARG A 52 -5.37 5.99 -11.48
CA ARG A 52 -4.63 7.23 -11.34
C ARG A 52 -3.14 7.01 -11.50
N ASP A 53 -2.56 6.20 -10.62
CA ASP A 53 -1.13 5.87 -10.68
C ASP A 53 -0.93 4.38 -10.53
N GLY A 54 -1.99 3.71 -10.10
CA GLY A 54 -1.90 2.33 -9.74
C GLY A 54 -1.78 2.18 -8.24
N LYS A 55 -2.80 2.67 -7.54
CA LYS A 55 -2.85 2.55 -6.08
C LYS A 55 -3.51 1.24 -5.63
N LEU A 56 -4.80 1.05 -5.95
CA LEU A 56 -5.54 -0.15 -5.53
C LEU A 56 -6.77 -0.38 -6.39
N VAL A 57 -7.26 -1.63 -6.39
CA VAL A 57 -8.48 -1.99 -7.10
C VAL A 57 -9.28 -3.01 -6.29
N MET A 58 -10.56 -2.75 -6.07
CA MET A 58 -11.44 -3.73 -5.46
C MET A 58 -12.02 -4.62 -6.56
N LYS A 59 -11.75 -5.91 -6.47
CA LYS A 59 -12.17 -6.83 -7.52
C LYS A 59 -12.73 -8.13 -6.96
N LYS A 60 -13.96 -8.45 -7.32
CA LYS A 60 -14.52 -9.76 -7.02
C LYS A 60 -14.86 -10.46 -8.33
N GLY A 61 -14.25 -11.62 -8.54
CA GLY A 61 -14.43 -12.31 -9.80
C GLY A 61 -13.81 -11.54 -10.95
N GLN A 62 -14.66 -10.92 -11.77
CA GLN A 62 -14.18 -10.13 -12.89
C GLN A 62 -14.52 -8.64 -12.69
N ASP A 63 -15.17 -8.32 -11.57
CA ASP A 63 -15.54 -6.93 -11.30
C ASP A 63 -14.42 -6.19 -10.61
N LYS A 64 -13.60 -5.52 -11.39
CA LYS A 64 -12.47 -4.77 -10.87
C LYS A 64 -12.78 -3.28 -10.92
N TYR A 65 -12.58 -2.58 -9.81
CA TYR A 65 -12.83 -1.15 -9.79
C TYR A 65 -11.60 -0.39 -9.30
N THR A 66 -11.15 0.55 -10.11
CA THR A 66 -9.98 1.34 -9.79
C THR A 66 -10.31 2.41 -8.77
N LEU A 67 -9.64 2.35 -7.63
CA LEU A 67 -9.90 3.27 -6.54
C LEU A 67 -8.69 4.16 -6.30
N MET A 68 -8.93 5.44 -6.08
CA MET A 68 -7.86 6.35 -5.72
C MET A 68 -7.42 6.10 -4.30
N THR A 69 -6.42 5.25 -4.16
CA THR A 69 -5.94 4.83 -2.86
C THR A 69 -4.80 5.71 -2.37
N THR A 70 -4.87 6.09 -1.10
CA THR A 70 -3.87 6.91 -0.47
C THR A 70 -3.71 6.50 0.99
N TYR A 71 -2.47 6.35 1.44
CA TYR A 71 -2.23 5.93 2.81
C TYR A 71 -1.84 7.13 3.67
N GLY A 72 -1.83 6.90 4.97
CA GLY A 72 -1.59 7.98 5.89
C GLY A 72 -1.06 7.49 7.21
N GLY A 73 -1.15 8.34 8.23
CA GLY A 73 -0.70 7.97 9.56
C GLY A 73 0.79 8.08 9.72
N ALA A 74 1.52 7.28 8.96
CA ALA A 74 2.97 7.26 9.04
C ALA A 74 3.59 8.24 8.06
N VAL A 75 2.98 8.37 6.89
CA VAL A 75 3.56 9.16 5.79
C VAL A 75 3.70 10.64 6.13
N GLN A 76 2.97 11.10 7.17
CA GLN A 76 3.01 12.49 7.63
C GLN A 76 2.50 13.44 6.54
N GLN A 77 1.56 12.96 5.74
CA GLN A 77 1.05 13.73 4.61
C GLN A 77 -0.40 13.32 4.33
N GLN A 78 -1.19 14.30 3.90
CA GLN A 78 -2.63 14.10 3.68
C GLN A 78 -2.89 13.11 2.56
N LEU A 79 -1.99 13.04 1.60
CA LEU A 79 -2.15 12.17 0.45
C LEU A 79 -0.84 11.45 0.14
N GLY A 80 -0.94 10.24 -0.35
CA GLY A 80 0.25 9.48 -0.71
C GLY A 80 -0.07 8.36 -1.68
N GLY A 81 0.11 7.13 -1.25
CA GLY A 81 -0.07 6.01 -2.15
C GLY A 81 1.19 5.68 -2.91
N GLY A 82 1.06 5.50 -4.22
CA GLY A 82 2.22 5.24 -5.07
C GLY A 82 3.27 6.33 -4.96
N TYR A 83 4.51 5.91 -4.79
CA TYR A 83 5.66 6.80 -4.59
C TYR A 83 5.57 7.54 -3.26
N GLY A 84 4.55 7.22 -2.48
CA GLY A 84 4.44 7.76 -1.15
C GLY A 84 5.33 6.98 -0.21
N TYR A 85 6.49 7.54 0.10
CA TYR A 85 7.46 6.83 0.92
C TYR A 85 7.60 7.49 2.29
N TYR A 86 7.83 6.66 3.28
CA TYR A 86 8.01 7.08 4.65
C TYR A 86 9.41 6.71 5.12
N HIS A 87 9.97 7.49 6.05
CA HIS A 87 11.30 7.24 6.56
C HIS A 87 11.26 6.25 7.70
N VAL A 88 11.58 5.00 7.39
CA VAL A 88 11.62 3.94 8.38
C VAL A 88 12.96 3.91 9.11
N SER A 89 12.92 3.70 10.42
CA SER A 89 14.11 3.49 11.19
C SER A 89 14.18 2.02 11.59
N GLN A 90 15.33 1.57 12.08
CA GLN A 90 15.54 0.16 12.38
C GLN A 90 14.42 -0.45 13.22
N LYS A 91 13.91 0.31 14.19
CA LYS A 91 12.89 -0.21 15.09
C LYS A 91 11.52 0.41 14.83
N THR A 92 11.29 0.85 13.60
CA THR A 92 10.01 1.43 13.22
C THR A 92 8.95 0.35 13.06
N PRO A 93 7.85 0.45 13.83
CA PRO A 93 6.71 -0.45 13.73
C PRO A 93 6.09 -0.42 12.34
N PRO A 94 5.40 -1.50 11.96
CA PRO A 94 4.78 -1.65 10.63
C PRO A 94 3.93 -0.44 10.24
N GLN A 95 4.01 -0.08 8.96
CA GLN A 95 3.24 1.03 8.43
C GLN A 95 1.84 0.58 8.09
N THR A 96 0.95 1.53 7.91
CA THR A 96 -0.42 1.23 7.55
C THR A 96 -0.76 1.83 6.20
N ILE A 97 -1.13 0.98 5.27
CA ILE A 97 -1.54 1.42 3.96
C ILE A 97 -3.06 1.42 3.89
N SER A 98 -3.66 2.49 3.41
CA SER A 98 -5.10 2.56 3.34
C SER A 98 -5.59 2.77 1.92
N GLY A 99 -6.60 2.01 1.54
CA GLY A 99 -7.23 2.17 0.26
C GLY A 99 -8.54 2.92 0.38
N VAL A 100 -8.74 3.90 -0.48
CA VAL A 100 -9.93 4.75 -0.44
C VAL A 100 -10.82 4.44 -1.63
N VAL A 101 -12.04 4.08 -1.32
CA VAL A 101 -13.03 3.80 -2.33
C VAL A 101 -13.24 5.03 -3.19
N SER A 102 -13.49 4.83 -4.47
CA SER A 102 -13.89 5.92 -5.33
C SER A 102 -15.25 6.44 -4.91
N LYS A 103 -15.23 7.45 -4.05
CA LYS A 103 -16.45 8.00 -3.48
C LYS A 103 -17.30 8.72 -4.52
N ASN A 104 -16.73 8.94 -5.69
CA ASN A 104 -17.47 9.54 -6.80
C ASN A 104 -18.38 8.50 -7.46
N VAL A 105 -18.26 7.26 -6.99
CA VAL A 105 -18.98 6.15 -7.59
C VAL A 105 -20.15 5.69 -6.72
N GLY A 106 -19.85 4.96 -5.65
CA GLY A 106 -20.93 4.36 -4.88
C GLY A 106 -21.23 2.95 -5.36
N TYR A 107 -20.21 2.11 -5.34
CA TYR A 107 -20.26 0.75 -5.90
C TYR A 107 -21.38 -0.11 -5.32
N LYS A 108 -21.57 -1.26 -5.97
CA LYS A 108 -22.57 -2.23 -5.56
C LYS A 108 -21.97 -3.16 -4.50
N PRO A 109 -22.79 -3.53 -3.49
CA PRO A 109 -22.36 -4.39 -2.37
C PRO A 109 -21.71 -5.71 -2.79
N GLY A 110 -20.75 -6.16 -2.01
CA GLY A 110 -20.05 -7.39 -2.31
C GLY A 110 -18.68 -7.42 -1.66
N GLN A 111 -18.12 -8.62 -1.48
CA GLN A 111 -16.75 -8.75 -1.00
C GLN A 111 -15.79 -8.70 -2.18
N TYR A 112 -15.00 -7.65 -2.24
CA TYR A 112 -14.03 -7.48 -3.30
C TYR A 112 -12.63 -7.72 -2.78
N THR A 113 -11.74 -8.10 -3.68
CA THR A 113 -10.35 -8.33 -3.34
C THR A 113 -9.50 -7.15 -3.80
N VAL A 114 -8.60 -6.68 -2.95
CA VAL A 114 -7.75 -5.55 -3.31
C VAL A 114 -6.29 -5.97 -3.42
N GLU A 115 -5.75 -5.87 -4.62
CA GLU A 115 -4.37 -6.26 -4.89
C GLU A 115 -3.41 -5.11 -4.61
N LEU A 116 -2.47 -5.35 -3.70
CA LEU A 116 -1.49 -4.35 -3.32
C LEU A 116 -0.10 -4.96 -3.27
N THR A 117 0.89 -4.19 -3.69
CA THR A 117 2.27 -4.60 -3.57
C THR A 117 2.86 -4.04 -2.27
N GLY A 118 3.89 -3.23 -2.36
CA GLY A 118 4.45 -2.64 -1.17
C GLY A 118 5.81 -3.18 -0.83
N PHE A 119 6.79 -2.78 -1.62
CA PHE A 119 8.18 -3.11 -1.36
C PHE A 119 8.84 -1.94 -0.67
N PHE A 120 10.09 -2.10 -0.29
CA PHE A 120 10.83 -1.01 0.30
C PHE A 120 12.14 -0.83 -0.45
N SER A 121 12.51 0.43 -0.68
CA SER A 121 13.70 0.74 -1.44
C SER A 121 14.93 0.52 -0.59
N LEU A 122 15.49 -0.68 -0.66
CA LEU A 122 16.68 -0.99 0.10
C LEU A 122 17.91 -0.41 -0.59
N ASN A 123 18.64 0.39 0.17
CA ASN A 123 19.83 1.06 -0.32
C ASN A 123 21.07 0.21 -0.07
N ASP A 124 21.13 -0.34 1.14
CA ASP A 124 22.30 -1.10 1.62
C ASP A 124 23.48 -0.16 1.87
N ASN A 125 23.96 -0.16 3.12
CA ASN A 125 25.06 0.71 3.56
C ASN A 125 24.66 2.18 3.47
N LYS A 126 24.05 2.69 4.53
CA LYS A 126 23.60 4.08 4.58
C LYS A 126 23.08 4.41 5.97
N GLN A 127 22.05 3.68 6.39
CA GLN A 127 21.43 3.86 7.71
C GLN A 127 20.95 5.30 7.91
N ALA A 128 19.99 5.71 7.09
CA ALA A 128 19.43 7.06 7.17
C ALA A 128 18.20 7.20 6.27
N ASN A 129 18.42 7.23 4.96
CA ASN A 129 17.35 7.38 3.99
C ASN A 129 17.81 6.92 2.60
N PRO A 130 17.14 5.91 2.02
CA PRO A 130 17.42 5.42 0.67
C PRO A 130 17.15 6.47 -0.41
N THR A 131 17.74 6.26 -1.58
CA THR A 131 17.59 7.17 -2.69
C THR A 131 16.36 6.83 -3.53
N PRO A 132 15.33 7.69 -3.50
CA PRO A 132 14.06 7.44 -4.21
C PRO A 132 14.25 7.44 -5.73
N SER A 133 15.36 7.99 -6.20
CA SER A 133 15.64 8.07 -7.62
C SER A 133 15.99 6.70 -8.20
N SER A 134 16.37 5.77 -7.33
CA SER A 134 16.77 4.44 -7.77
C SER A 134 15.55 3.54 -7.97
N LEU A 135 14.37 4.09 -7.72
CA LEU A 135 13.12 3.35 -7.77
C LEU A 135 12.88 2.72 -9.14
N THR A 136 13.49 3.30 -10.17
CA THR A 136 13.40 2.77 -11.52
C THR A 136 13.94 1.34 -11.57
N SER A 137 15.00 1.09 -10.82
CA SER A 137 15.60 -0.24 -10.76
C SER A 137 15.09 -1.04 -9.56
N LYS A 138 14.04 -0.53 -8.92
CA LYS A 138 13.38 -1.26 -7.86
C LYS A 138 12.28 -2.12 -8.44
N ALA A 139 11.42 -1.53 -9.26
CA ALA A 139 10.38 -2.28 -9.94
C ALA A 139 10.97 -3.46 -10.70
N ALA A 140 12.12 -3.21 -11.32
CA ALA A 140 12.84 -4.26 -12.03
C ALA A 140 13.85 -4.97 -11.13
N GLY A 141 13.61 -6.25 -10.88
CA GLY A 141 14.62 -7.07 -10.21
C GLY A 141 14.44 -7.16 -8.72
N LYS A 142 14.07 -6.06 -8.08
CA LYS A 142 14.02 -6.03 -6.62
C LYS A 142 12.84 -6.82 -6.10
N ASN A 143 12.87 -7.07 -4.80
CA ASN A 143 11.87 -7.90 -4.15
C ASN A 143 10.54 -7.18 -4.03
N ILE A 144 9.90 -6.95 -5.16
CA ILE A 144 8.56 -6.41 -5.19
C ILE A 144 7.56 -7.49 -4.80
N VAL A 145 6.84 -7.24 -3.72
CA VAL A 145 5.88 -8.19 -3.21
C VAL A 145 4.47 -7.83 -3.67
N SER A 146 3.55 -8.76 -3.51
CA SER A 146 2.16 -8.53 -3.85
C SER A 146 1.25 -9.37 -2.96
N SER A 147 0.15 -8.77 -2.52
CA SER A 147 -0.83 -9.46 -1.70
C SER A 147 -2.23 -8.98 -2.05
N THR A 148 -3.23 -9.67 -1.55
CA THR A 148 -4.61 -9.33 -1.85
C THR A 148 -5.44 -9.25 -0.58
N GLY A 149 -5.99 -8.08 -0.35
CA GLY A 149 -6.85 -7.86 0.78
C GLY A 149 -8.29 -7.99 0.38
N THR A 150 -9.19 -7.49 1.20
CA THR A 150 -10.61 -7.63 0.94
C THR A 150 -11.39 -6.40 1.37
N ILE A 151 -12.47 -6.13 0.64
CA ILE A 151 -13.34 -5.00 0.91
C ILE A 151 -14.81 -5.43 0.80
N THR A 152 -15.59 -5.21 1.85
CA THR A 152 -17.00 -5.51 1.82
C THR A 152 -17.80 -4.25 1.54
N ILE A 153 -18.32 -4.14 0.33
CA ILE A 153 -19.14 -3.00 -0.06
C ILE A 153 -20.56 -3.19 0.51
N SER A 154 -21.12 -2.13 1.08
CA SER A 154 -22.45 -2.21 1.65
C SER A 154 -23.19 -0.88 1.47
N ASN A 1 20.21 -6.38 4.16
CA ASN A 1 20.33 -6.44 2.70
C ASN A 1 19.38 -7.49 2.12
N SER A 2 19.02 -8.48 2.91
CA SER A 2 18.14 -9.53 2.46
C SER A 2 16.76 -9.36 3.11
N CYS A 3 15.94 -8.48 2.54
CA CYS A 3 14.66 -8.16 3.18
C CYS A 3 13.59 -7.80 2.16
N SER A 4 12.35 -7.83 2.64
CA SER A 4 11.20 -7.44 1.85
C SER A 4 10.13 -6.90 2.80
N LEU A 5 9.15 -6.22 2.26
CA LEU A 5 8.06 -5.70 3.07
C LEU A 5 6.91 -6.69 3.11
N SER A 6 6.47 -6.99 4.32
CA SER A 6 5.40 -7.95 4.52
C SER A 6 4.05 -7.27 4.32
N ILE A 7 3.25 -7.79 3.40
CA ILE A 7 1.92 -7.26 3.16
C ILE A 7 0.91 -8.07 3.94
N SER A 8 0.29 -7.46 4.93
CA SER A 8 -0.66 -8.15 5.76
C SER A 8 -2.02 -7.47 5.74
N SER A 9 -2.94 -8.04 4.98
CA SER A 9 -4.33 -7.64 5.00
C SER A 9 -5.16 -8.75 5.62
N PRO A 10 -5.84 -8.47 6.75
CA PRO A 10 -6.56 -9.48 7.50
C PRO A 10 -7.98 -9.75 6.98
N ASP A 11 -8.89 -8.84 7.25
CA ASP A 11 -10.29 -9.06 6.94
C ASP A 11 -10.82 -7.96 6.03
N PRO A 12 -11.86 -8.27 5.22
CA PRO A 12 -12.50 -7.27 4.36
C PRO A 12 -13.01 -6.08 5.13
N VAL A 13 -12.67 -4.89 4.66
CA VAL A 13 -13.16 -3.66 5.26
C VAL A 13 -14.63 -3.46 4.88
N THR A 14 -15.43 -3.03 5.83
CA THR A 14 -16.82 -2.76 5.55
C THR A 14 -17.00 -1.33 5.08
N TYR A 15 -17.24 -1.16 3.80
CA TYR A 15 -17.46 0.16 3.23
C TYR A 15 -18.93 0.51 3.32
N THR A 16 -19.24 1.42 4.22
CA THR A 16 -20.60 1.87 4.41
C THR A 16 -20.92 2.97 3.42
N ILE A 17 -22.01 2.81 2.70
CA ILE A 17 -22.43 3.82 1.74
C ILE A 17 -23.74 4.48 2.19
N PRO A 18 -23.67 5.41 3.16
CA PRO A 18 -24.86 6.11 3.64
C PRO A 18 -25.31 7.18 2.66
N THR A 19 -24.35 7.93 2.15
CA THR A 19 -24.61 9.05 1.26
C THR A 19 -23.76 8.94 0.00
N ASP A 20 -23.29 7.72 -0.29
CA ASP A 20 -22.39 7.44 -1.42
C ASP A 20 -20.98 7.95 -1.15
N LYS A 21 -20.88 9.17 -0.67
CA LYS A 21 -19.59 9.80 -0.40
C LYS A 21 -19.06 9.43 0.98
N GLY A 22 -19.73 8.47 1.62
CA GLY A 22 -19.33 8.01 2.94
C GLY A 22 -17.86 7.57 2.98
N ASP A 23 -17.47 6.80 1.95
CA ASP A 23 -16.07 6.36 1.73
C ASP A 23 -15.56 5.43 2.83
N LYS A 24 -14.51 4.69 2.51
CA LYS A 24 -13.89 3.79 3.47
C LYS A 24 -12.47 3.46 3.06
N TYR A 25 -11.67 3.05 4.04
CA TYR A 25 -10.27 2.73 3.82
C TYR A 25 -10.00 1.25 4.09
N ILE A 26 -9.26 0.62 3.21
CA ILE A 26 -8.86 -0.77 3.41
C ILE A 26 -7.43 -0.79 3.96
N ASN A 27 -7.18 -1.65 4.93
CA ASN A 27 -5.90 -1.64 5.63
C ASN A 27 -4.96 -2.72 5.13
N PHE A 28 -3.80 -2.29 4.65
CA PHE A 28 -2.70 -3.19 4.34
C PHE A 28 -1.55 -2.88 5.26
N LYS A 29 -1.23 -3.81 6.15
CA LYS A 29 -0.17 -3.59 7.12
C LYS A 29 1.15 -4.10 6.54
N LEU A 30 2.12 -3.22 6.40
CA LEU A 30 3.41 -3.59 5.81
C LEU A 30 4.54 -3.49 6.82
N ASP A 31 5.37 -4.52 6.86
CA ASP A 31 6.49 -4.58 7.81
C ASP A 31 7.71 -5.23 7.18
N VAL A 32 8.83 -4.56 7.27
CA VAL A 32 10.08 -5.12 6.79
C VAL A 32 10.86 -5.69 7.97
N PRO A 33 11.12 -7.01 7.95
CA PRO A 33 11.89 -7.67 9.01
C PRO A 33 13.36 -7.30 8.94
N ASP A 34 14.10 -7.67 10.00
CA ASP A 34 15.53 -7.42 10.10
C ASP A 34 15.84 -5.93 10.23
N PRO A 35 15.97 -5.45 11.48
CA PRO A 35 16.34 -4.06 11.79
C PRO A 35 17.65 -3.62 11.10
N ARG A 36 18.43 -4.58 10.63
CA ARG A 36 19.65 -4.27 9.89
C ARG A 36 19.27 -3.61 8.56
N CYS A 37 18.42 -4.28 7.77
CA CYS A 37 17.82 -3.65 6.59
C CYS A 37 17.12 -2.34 6.94
N LYS A 38 16.28 -2.39 7.98
CA LYS A 38 15.43 -1.25 8.34
C LYS A 38 16.25 -0.01 8.67
N ALA A 39 17.47 -0.22 9.15
CA ALA A 39 18.36 0.88 9.52
C ALA A 39 18.53 1.88 8.39
N LEU A 40 18.51 1.36 7.17
CA LEU A 40 18.76 2.16 5.97
C LEU A 40 17.73 3.28 5.81
N GLY A 41 16.55 3.05 6.35
CA GLY A 41 15.46 3.99 6.17
C GLY A 41 14.25 3.30 5.61
N GLY A 42 14.48 2.09 5.08
CA GLY A 42 13.42 1.19 4.61
C GLY A 42 12.22 1.91 4.03
N THR A 43 12.42 2.59 2.93
CA THR A 43 11.36 3.38 2.34
C THR A 43 10.36 2.49 1.64
N VAL A 44 9.08 2.74 1.85
CA VAL A 44 8.05 1.87 1.34
C VAL A 44 7.56 2.38 0.01
N TYR A 45 7.49 1.49 -0.95
CA TYR A 45 6.99 1.83 -2.25
C TYR A 45 5.99 0.78 -2.69
N PHE A 46 4.78 1.21 -2.99
CA PHE A 46 3.69 0.29 -3.27
C PHE A 46 2.86 0.77 -4.44
N TRP A 47 2.22 -0.18 -5.10
CA TRP A 47 1.34 0.12 -6.20
C TRP A 47 0.40 -1.04 -6.47
N GLY A 48 -0.65 -0.76 -7.21
CA GLY A 48 -1.67 -1.75 -7.52
C GLY A 48 -2.29 -1.45 -8.88
N ALA A 49 -3.61 -1.42 -8.95
CA ALA A 49 -4.27 -1.23 -10.24
C ALA A 49 -5.16 0.02 -10.32
N ASP A 50 -5.03 0.96 -9.38
CA ASP A 50 -5.83 2.20 -9.42
C ASP A 50 -5.60 2.97 -10.73
N THR A 51 -6.62 3.72 -11.15
CA THR A 51 -6.62 4.38 -12.44
C THR A 51 -5.72 5.62 -12.44
N ARG A 52 -5.53 6.23 -11.28
CA ARG A 52 -4.73 7.44 -11.19
C ARG A 52 -3.26 7.12 -11.42
N ASP A 53 -2.70 6.26 -10.57
CA ASP A 53 -1.30 5.88 -10.68
C ASP A 53 -1.14 4.37 -10.55
N GLY A 54 -2.09 3.75 -9.87
CA GLY A 54 -2.04 2.32 -9.64
C GLY A 54 -1.64 1.98 -8.21
N LYS A 55 -2.64 1.78 -7.35
CA LYS A 55 -2.40 1.38 -5.96
C LYS A 55 -3.32 0.24 -5.57
N LEU A 56 -4.63 0.42 -5.75
CA LEU A 56 -5.60 -0.61 -5.37
C LEU A 56 -6.81 -0.63 -6.29
N VAL A 57 -7.39 -1.82 -6.40
CA VAL A 57 -8.63 -2.03 -7.14
C VAL A 57 -9.45 -3.12 -6.46
N MET A 58 -10.71 -2.82 -6.20
CA MET A 58 -11.61 -3.83 -5.62
C MET A 58 -12.19 -4.68 -6.76
N LYS A 59 -11.96 -5.97 -6.69
CA LYS A 59 -12.44 -6.86 -7.73
C LYS A 59 -12.99 -8.17 -7.18
N LYS A 60 -14.23 -8.47 -7.53
CA LYS A 60 -14.81 -9.76 -7.25
C LYS A 60 -15.43 -10.31 -8.52
N GLY A 61 -15.12 -11.54 -8.84
CA GLY A 61 -15.63 -12.16 -10.04
C GLY A 61 -15.05 -11.53 -11.29
N GLN A 62 -15.87 -10.74 -11.98
CA GLN A 62 -15.43 -10.08 -13.21
C GLN A 62 -15.40 -8.57 -13.07
N ASP A 63 -15.72 -8.07 -11.88
CA ASP A 63 -15.84 -6.62 -11.69
C ASP A 63 -14.65 -6.05 -10.94
N LYS A 64 -13.83 -5.28 -11.65
CA LYS A 64 -12.71 -4.57 -11.04
C LYS A 64 -12.98 -3.08 -11.06
N TYR A 65 -12.80 -2.42 -9.92
CA TYR A 65 -13.07 -0.99 -9.83
C TYR A 65 -11.85 -0.22 -9.35
N THR A 66 -11.53 0.84 -10.07
CA THR A 66 -10.37 1.66 -9.77
C THR A 66 -10.73 2.79 -8.82
N LEU A 67 -10.10 2.78 -7.66
CA LEU A 67 -10.40 3.76 -6.62
C LEU A 67 -9.15 4.58 -6.31
N MET A 68 -9.35 5.80 -5.84
CA MET A 68 -8.23 6.68 -5.51
C MET A 68 -7.61 6.26 -4.19
N THR A 69 -6.61 5.41 -4.27
CA THR A 69 -5.96 4.88 -3.10
C THR A 69 -4.76 5.73 -2.69
N THR A 70 -4.78 6.19 -1.46
CA THR A 70 -3.71 6.99 -0.90
C THR A 70 -3.58 6.69 0.60
N TYR A 71 -2.35 6.52 1.07
CA TYR A 71 -2.13 6.28 2.49
C TYR A 71 -1.62 7.55 3.14
N GLY A 72 -1.64 7.58 4.45
CA GLY A 72 -1.34 8.81 5.17
C GLY A 72 -0.88 8.58 6.60
N GLY A 73 -1.21 7.42 7.14
CA GLY A 73 -0.81 7.09 8.50
C GLY A 73 0.64 6.65 8.58
N ALA A 74 1.50 7.38 7.88
CA ALA A 74 2.92 7.08 7.81
C ALA A 74 3.63 8.14 6.98
N VAL A 75 3.28 8.19 5.68
CA VAL A 75 3.93 9.07 4.73
C VAL A 75 3.83 10.54 5.17
N GLN A 76 4.88 11.31 4.91
CA GLN A 76 4.90 12.71 5.24
C GLN A 76 5.79 13.49 4.27
N GLN A 77 5.36 13.56 3.02
CA GLN A 77 6.07 14.33 2.01
C GLN A 77 5.14 15.32 1.34
N GLN A 78 4.25 14.82 0.50
CA GLN A 78 3.27 15.65 -0.19
C GLN A 78 1.94 14.92 -0.30
N LEU A 79 1.98 13.73 -0.89
CA LEU A 79 0.79 12.92 -1.06
C LEU A 79 1.14 11.45 -0.91
N GLY A 80 0.15 10.64 -0.58
CA GLY A 80 0.37 9.23 -0.39
C GLY A 80 -0.14 8.41 -1.56
N GLY A 81 0.10 7.10 -1.51
CA GLY A 81 -0.33 6.22 -2.58
C GLY A 81 0.49 6.39 -3.86
N GLY A 82 1.17 5.32 -4.27
CA GLY A 82 1.95 5.36 -5.51
C GLY A 82 3.14 6.28 -5.42
N TYR A 83 4.32 5.68 -5.20
CA TYR A 83 5.58 6.43 -5.08
C TYR A 83 5.58 7.30 -3.81
N GLY A 84 4.61 7.04 -2.94
CA GLY A 84 4.62 7.65 -1.63
C GLY A 84 5.37 6.77 -0.67
N TYR A 85 6.45 7.30 -0.10
CA TYR A 85 7.33 6.50 0.73
C TYR A 85 7.46 7.06 2.14
N TYR A 86 7.73 6.17 3.08
CA TYR A 86 7.87 6.52 4.47
C TYR A 86 9.31 6.26 4.94
N HIS A 87 9.78 7.09 5.85
CA HIS A 87 11.12 6.93 6.42
C HIS A 87 11.05 6.08 7.68
N VAL A 88 11.23 4.78 7.52
CA VAL A 88 11.19 3.87 8.65
C VAL A 88 12.56 3.83 9.32
N SER A 89 12.58 3.71 10.63
CA SER A 89 13.83 3.50 11.34
C SER A 89 13.97 2.04 11.72
N GLN A 90 15.17 1.65 12.15
CA GLN A 90 15.46 0.25 12.45
C GLN A 90 14.39 -0.37 13.35
N LYS A 91 13.93 0.37 14.35
CA LYS A 91 12.94 -0.15 15.29
C LYS A 91 11.63 0.64 15.20
N THR A 92 11.33 1.15 14.02
CA THR A 92 10.05 1.82 13.79
C THR A 92 8.97 0.79 13.46
N PRO A 93 7.80 0.91 14.13
CA PRO A 93 6.63 0.08 13.86
C PRO A 93 6.19 0.14 12.39
N PRO A 94 5.57 -0.94 11.90
CA PRO A 94 5.17 -1.08 10.49
C PRO A 94 4.10 -0.05 10.08
N GLN A 95 4.08 0.27 8.79
CA GLN A 95 3.14 1.27 8.28
C GLN A 95 1.92 0.60 7.67
N THR A 96 0.80 1.30 7.71
CA THR A 96 -0.43 0.80 7.15
C THR A 96 -0.78 1.56 5.89
N ILE A 97 -1.10 0.83 4.83
CA ILE A 97 -1.54 1.45 3.59
C ILE A 97 -3.05 1.44 3.54
N SER A 98 -3.64 2.59 3.24
CA SER A 98 -5.09 2.69 3.17
C SER A 98 -5.58 2.86 1.74
N GLY A 99 -6.58 2.09 1.39
CA GLY A 99 -7.22 2.23 0.10
C GLY A 99 -8.55 2.92 0.23
N VAL A 100 -8.71 4.02 -0.49
CA VAL A 100 -9.92 4.82 -0.41
C VAL A 100 -10.82 4.51 -1.60
N VAL A 101 -11.96 3.92 -1.30
CA VAL A 101 -12.95 3.61 -2.32
C VAL A 101 -13.47 4.89 -2.96
N SER A 102 -13.75 4.82 -4.26
CA SER A 102 -14.30 5.94 -4.98
C SER A 102 -15.63 6.38 -4.35
N LYS A 103 -15.54 7.39 -3.49
CA LYS A 103 -16.69 7.91 -2.77
C LYS A 103 -17.60 8.70 -3.69
N ASN A 104 -17.15 8.87 -4.93
CA ASN A 104 -17.96 9.55 -5.93
C ASN A 104 -18.81 8.53 -6.69
N VAL A 105 -18.68 7.26 -6.34
CA VAL A 105 -19.37 6.19 -7.03
C VAL A 105 -20.48 5.59 -6.17
N GLY A 106 -20.12 4.89 -5.10
CA GLY A 106 -21.13 4.20 -4.32
C GLY A 106 -21.42 2.82 -4.89
N TYR A 107 -20.37 2.00 -4.99
CA TYR A 107 -20.44 0.69 -5.66
C TYR A 107 -21.50 -0.25 -5.10
N LYS A 108 -21.65 -1.38 -5.76
CA LYS A 108 -22.61 -2.40 -5.38
C LYS A 108 -22.00 -3.36 -4.35
N PRO A 109 -22.83 -3.84 -3.39
CA PRO A 109 -22.39 -4.71 -2.30
C PRO A 109 -21.64 -5.96 -2.75
N GLY A 110 -20.78 -6.46 -1.88
CA GLY A 110 -19.99 -7.64 -2.19
C GLY A 110 -18.61 -7.57 -1.59
N GLN A 111 -17.98 -8.72 -1.38
CA GLN A 111 -16.60 -8.77 -0.91
C GLN A 111 -15.66 -8.80 -2.10
N TYR A 112 -14.95 -7.71 -2.30
CA TYR A 112 -14.01 -7.57 -3.40
C TYR A 112 -12.59 -7.80 -2.92
N THR A 113 -11.72 -8.17 -3.84
CA THR A 113 -10.32 -8.39 -3.53
C THR A 113 -9.50 -7.21 -4.05
N VAL A 114 -8.59 -6.71 -3.22
CA VAL A 114 -7.75 -5.58 -3.61
C VAL A 114 -6.28 -5.98 -3.70
N GLU A 115 -5.69 -5.77 -4.87
CA GLU A 115 -4.32 -6.17 -5.14
C GLU A 115 -3.33 -5.05 -4.84
N LEU A 116 -2.30 -5.36 -4.04
CA LEU A 116 -1.29 -4.39 -3.68
C LEU A 116 0.09 -5.02 -3.64
N THR A 117 1.09 -4.24 -4.00
CA THR A 117 2.48 -4.64 -3.84
C THR A 117 3.03 -4.04 -2.54
N GLY A 118 4.10 -3.27 -2.62
CA GLY A 118 4.65 -2.66 -1.43
C GLY A 118 5.97 -3.24 -1.02
N PHE A 119 7.00 -2.92 -1.80
CA PHE A 119 8.35 -3.32 -1.47
C PHE A 119 9.04 -2.18 -0.73
N PHE A 120 10.22 -2.42 -0.21
CA PHE A 120 10.99 -1.36 0.37
C PHE A 120 12.31 -1.23 -0.36
N SER A 121 12.70 0.01 -0.63
CA SER A 121 13.91 0.28 -1.37
C SER A 121 15.11 0.27 -0.43
N LEU A 122 16.03 -0.64 -0.68
CA LEU A 122 17.26 -0.73 0.10
C LEU A 122 18.33 0.20 -0.46
N ASN A 123 19.36 0.41 0.33
CA ASN A 123 20.50 1.23 -0.07
C ASN A 123 21.78 0.55 0.39
N ASP A 124 21.73 0.03 1.62
CA ASP A 124 22.85 -0.67 2.26
C ASP A 124 23.99 0.29 2.62
N ASN A 125 24.32 0.31 3.91
CA ASN A 125 25.37 1.17 4.45
C ASN A 125 25.04 2.65 4.29
N LYS A 126 24.14 3.14 5.13
CA LYS A 126 23.75 4.55 5.11
C LYS A 126 23.02 4.92 6.40
N GLN A 127 22.02 4.12 6.74
CA GLN A 127 21.20 4.34 7.93
C GLN A 127 20.64 5.77 7.95
N ALA A 128 19.69 6.04 7.06
CA ALA A 128 19.08 7.37 6.96
C ALA A 128 17.92 7.36 5.98
N ASN A 129 18.24 7.22 4.69
CA ASN A 129 17.24 7.31 3.64
C ASN A 129 17.78 6.71 2.34
N PRO A 130 17.18 5.61 1.87
CA PRO A 130 17.51 5.01 0.57
C PRO A 130 17.19 5.94 -0.59
N THR A 131 17.71 5.63 -1.76
CA THR A 131 17.55 6.46 -2.94
C THR A 131 16.26 6.14 -3.70
N PRO A 132 15.30 7.09 -3.74
CA PRO A 132 14.05 6.91 -4.48
C PRO A 132 14.28 6.95 -5.98
N SER A 133 15.40 7.53 -6.39
CA SER A 133 15.75 7.67 -7.81
C SER A 133 16.19 6.33 -8.40
N SER A 134 16.25 5.31 -7.55
CA SER A 134 16.65 3.99 -7.99
C SER A 134 15.43 3.09 -8.20
N LEU A 135 14.24 3.65 -7.94
CA LEU A 135 12.98 2.91 -8.03
C LEU A 135 12.80 2.26 -9.39
N THR A 136 13.30 2.93 -10.43
CA THR A 136 13.20 2.44 -11.79
C THR A 136 13.86 1.06 -11.95
N SER A 137 14.87 0.79 -11.13
CA SER A 137 15.55 -0.49 -11.18
C SER A 137 15.21 -1.34 -9.96
N LYS A 138 14.32 -0.83 -9.12
CA LYS A 138 13.82 -1.60 -8.00
C LYS A 138 12.62 -2.42 -8.43
N ALA A 139 11.71 -1.80 -9.14
CA ALA A 139 10.55 -2.51 -9.69
C ALA A 139 11.03 -3.73 -10.48
N ALA A 140 12.13 -3.57 -11.19
CA ALA A 140 12.73 -4.64 -11.95
C ALA A 140 13.76 -5.41 -11.12
N GLY A 141 13.50 -6.68 -10.85
CA GLY A 141 14.51 -7.53 -10.25
C GLY A 141 14.43 -7.63 -8.75
N LYS A 142 14.15 -6.51 -8.10
CA LYS A 142 14.19 -6.47 -6.64
C LYS A 142 13.01 -7.19 -6.04
N ASN A 143 13.03 -7.32 -4.74
CA ASN A 143 12.03 -8.08 -4.02
C ASN A 143 10.70 -7.34 -3.95
N ILE A 144 10.10 -7.11 -5.10
CA ILE A 144 8.77 -6.56 -5.15
C ILE A 144 7.76 -7.64 -4.78
N VAL A 145 6.98 -7.36 -3.76
CA VAL A 145 5.99 -8.31 -3.27
C VAL A 145 4.61 -7.97 -3.80
N SER A 146 3.66 -8.87 -3.62
CA SER A 146 2.30 -8.66 -4.08
C SER A 146 1.32 -9.47 -3.25
N SER A 147 0.27 -8.82 -2.75
CA SER A 147 -0.73 -9.48 -1.94
C SER A 147 -2.11 -8.96 -2.31
N THR A 148 -3.14 -9.64 -1.82
CA THR A 148 -4.50 -9.26 -2.12
C THR A 148 -5.33 -9.20 -0.85
N GLY A 149 -5.92 -8.04 -0.63
CA GLY A 149 -6.77 -7.84 0.53
C GLY A 149 -8.22 -7.94 0.16
N THR A 150 -9.08 -7.33 0.94
CA THR A 150 -10.51 -7.46 0.75
C THR A 150 -11.30 -6.23 1.15
N ILE A 151 -12.33 -5.93 0.38
CA ILE A 151 -13.24 -4.82 0.65
C ILE A 151 -14.69 -5.28 0.52
N THR A 152 -15.47 -5.09 1.57
CA THR A 152 -16.88 -5.44 1.53
C THR A 152 -17.73 -4.19 1.34
N ILE A 153 -18.37 -4.10 0.20
CA ILE A 153 -19.20 -2.96 -0.13
C ILE A 153 -20.58 -3.11 0.52
N SER A 154 -21.10 -2.05 1.10
CA SER A 154 -22.43 -2.08 1.71
C SER A 154 -23.18 -0.78 1.45
N ASN A 1 20.51 -5.74 3.14
CA ASN A 1 21.02 -6.55 2.02
C ASN A 1 19.95 -7.48 1.48
N SER A 2 19.36 -8.30 2.35
CA SER A 2 18.30 -9.20 1.93
C SER A 2 17.06 -9.04 2.79
N CYS A 3 16.12 -8.22 2.32
CA CYS A 3 14.89 -7.97 3.06
C CYS A 3 13.72 -7.68 2.13
N SER A 4 12.52 -7.75 2.68
CA SER A 4 11.31 -7.46 1.94
C SER A 4 10.25 -6.90 2.89
N LEU A 5 9.28 -6.20 2.34
CA LEU A 5 8.17 -5.69 3.12
C LEU A 5 7.03 -6.71 3.12
N SER A 6 6.49 -6.98 4.29
CA SER A 6 5.40 -7.93 4.44
C SER A 6 4.06 -7.27 4.18
N ILE A 7 3.23 -7.91 3.39
CA ILE A 7 1.89 -7.40 3.15
C ILE A 7 0.88 -8.26 3.88
N SER A 8 0.42 -7.77 5.02
CA SER A 8 -0.53 -8.50 5.82
C SER A 8 -1.93 -8.00 5.57
N SER A 9 -2.68 -8.74 4.77
CA SER A 9 -4.03 -8.39 4.41
C SER A 9 -5.04 -8.99 5.39
N PRO A 10 -5.84 -8.14 6.05
CA PRO A 10 -6.84 -8.58 7.02
C PRO A 10 -8.20 -8.88 6.38
N ASP A 11 -9.18 -9.15 7.21
CA ASP A 11 -10.56 -9.40 6.78
C ASP A 11 -11.13 -8.12 6.16
N PRO A 12 -11.94 -8.24 5.10
CA PRO A 12 -12.47 -7.09 4.35
C PRO A 12 -13.03 -5.98 5.22
N VAL A 13 -12.73 -4.76 4.83
CA VAL A 13 -13.28 -3.58 5.46
C VAL A 13 -14.74 -3.42 5.03
N THR A 14 -15.58 -2.94 5.91
CA THR A 14 -16.97 -2.72 5.57
C THR A 14 -17.14 -1.31 5.03
N TYR A 15 -17.32 -1.20 3.73
CA TYR A 15 -17.48 0.08 3.08
C TYR A 15 -18.93 0.54 3.18
N THR A 16 -19.15 1.53 4.01
CA THR A 16 -20.47 2.05 4.28
C THR A 16 -20.86 3.08 3.25
N ILE A 17 -21.92 2.80 2.51
CA ILE A 17 -22.38 3.69 1.46
C ILE A 17 -23.70 4.37 1.84
N PRO A 18 -23.64 5.60 2.38
CA PRO A 18 -24.84 6.40 2.63
C PRO A 18 -25.51 6.78 1.31
N THR A 19 -24.71 7.28 0.38
CA THR A 19 -25.13 7.46 -0.99
C THR A 19 -24.00 7.07 -1.94
N ASP A 20 -22.76 7.34 -1.51
CA ASP A 20 -21.58 7.04 -2.32
C ASP A 20 -20.30 7.51 -1.61
N LYS A 21 -20.27 8.78 -1.22
CA LYS A 21 -19.06 9.39 -0.67
C LYS A 21 -18.92 9.16 0.82
N GLY A 22 -19.62 8.17 1.33
CA GLY A 22 -19.34 7.69 2.67
C GLY A 22 -17.89 7.28 2.78
N ASP A 23 -17.37 6.69 1.69
CA ASP A 23 -15.96 6.31 1.56
C ASP A 23 -15.58 5.22 2.56
N LYS A 24 -14.43 4.59 2.35
CA LYS A 24 -13.90 3.67 3.34
C LYS A 24 -12.42 3.39 3.09
N TYR A 25 -11.73 2.99 4.14
CA TYR A 25 -10.30 2.72 4.07
C TYR A 25 -10.01 1.26 4.36
N ILE A 26 -9.31 0.61 3.46
CA ILE A 26 -8.87 -0.76 3.67
C ILE A 26 -7.40 -0.71 4.11
N ASN A 27 -7.09 -1.42 5.18
CA ASN A 27 -5.75 -1.34 5.76
C ASN A 27 -4.89 -2.53 5.34
N PHE A 28 -3.72 -2.21 4.84
CA PHE A 28 -2.70 -3.21 4.54
C PHE A 28 -1.52 -2.99 5.47
N LYS A 29 -1.23 -3.97 6.30
CA LYS A 29 -0.18 -3.84 7.29
C LYS A 29 1.15 -4.32 6.70
N LEU A 30 2.07 -3.38 6.52
CA LEU A 30 3.35 -3.67 5.89
C LEU A 30 4.49 -3.59 6.90
N ASP A 31 5.39 -4.57 6.86
CA ASP A 31 6.50 -4.62 7.82
C ASP A 31 7.72 -5.27 7.21
N VAL A 32 8.85 -4.60 7.32
CA VAL A 32 10.09 -5.14 6.86
C VAL A 32 10.93 -5.65 8.03
N PRO A 33 10.94 -6.97 8.26
CA PRO A 33 11.75 -7.59 9.31
C PRO A 33 13.24 -7.31 9.16
N ASP A 34 13.99 -7.56 10.24
CA ASP A 34 15.43 -7.34 10.29
C ASP A 34 15.78 -5.86 10.40
N PRO A 35 16.13 -5.39 11.62
CA PRO A 35 16.49 -3.99 11.87
C PRO A 35 17.71 -3.54 11.07
N ARG A 36 18.46 -4.50 10.52
CA ARG A 36 19.65 -4.18 9.75
C ARG A 36 19.27 -3.46 8.45
N CYS A 37 18.41 -4.08 7.65
CA CYS A 37 17.88 -3.44 6.45
C CYS A 37 17.02 -2.22 6.80
N LYS A 38 16.26 -2.31 7.90
CA LYS A 38 15.40 -1.21 8.32
C LYS A 38 16.22 0.04 8.62
N ALA A 39 17.43 -0.16 9.14
CA ALA A 39 18.30 0.95 9.52
C ALA A 39 18.50 1.92 8.36
N LEU A 40 18.57 1.37 7.15
CA LEU A 40 18.81 2.18 5.95
C LEU A 40 17.75 3.24 5.76
N GLY A 41 16.58 2.97 6.27
CA GLY A 41 15.46 3.87 6.11
C GLY A 41 14.29 3.17 5.45
N GLY A 42 14.54 1.93 5.01
CA GLY A 42 13.50 1.03 4.50
C GLY A 42 12.29 1.75 3.93
N THR A 43 12.47 2.44 2.83
CA THR A 43 11.42 3.28 2.29
C THR A 43 10.37 2.42 1.61
N VAL A 44 9.12 2.75 1.83
CA VAL A 44 8.03 1.93 1.33
C VAL A 44 7.56 2.45 -0.02
N TYR A 45 7.47 1.56 -0.97
CA TYR A 45 6.97 1.89 -2.28
C TYR A 45 5.97 0.82 -2.71
N PHE A 46 4.77 1.24 -3.03
CA PHE A 46 3.72 0.28 -3.36
C PHE A 46 2.88 0.79 -4.53
N TRP A 47 2.23 -0.14 -5.18
CA TRP A 47 1.35 0.17 -6.28
C TRP A 47 0.38 -0.97 -6.51
N GLY A 48 -0.85 -0.62 -6.84
CA GLY A 48 -1.84 -1.59 -7.23
C GLY A 48 -2.24 -1.39 -8.67
N ALA A 49 -3.53 -1.42 -8.96
CA ALA A 49 -3.99 -1.25 -10.33
C ALA A 49 -4.89 -0.02 -10.50
N ASP A 50 -4.88 0.87 -9.49
CA ASP A 50 -5.71 2.09 -9.55
C ASP A 50 -5.43 2.90 -10.82
N THR A 51 -6.42 3.68 -11.21
CA THR A 51 -6.41 4.39 -12.49
C THR A 51 -5.49 5.61 -12.46
N ARG A 52 -5.22 6.13 -11.27
CA ARG A 52 -4.44 7.35 -11.14
C ARG A 52 -2.95 7.06 -11.39
N ASP A 53 -2.36 6.22 -10.55
CA ASP A 53 -0.96 5.81 -10.76
C ASP A 53 -0.81 4.31 -10.54
N GLY A 54 -1.79 3.72 -9.89
CA GLY A 54 -1.70 2.33 -9.49
C GLY A 54 -1.57 2.22 -7.99
N LYS A 55 -2.68 1.94 -7.32
CA LYS A 55 -2.74 1.93 -5.87
C LYS A 55 -3.48 0.69 -5.38
N LEU A 56 -4.76 0.61 -5.73
CA LEU A 56 -5.61 -0.51 -5.37
C LEU A 56 -6.80 -0.60 -6.29
N VAL A 57 -7.33 -1.81 -6.44
CA VAL A 57 -8.56 -2.03 -7.18
C VAL A 57 -9.39 -3.08 -6.47
N MET A 58 -10.66 -2.76 -6.20
CA MET A 58 -11.56 -3.72 -5.59
C MET A 58 -12.19 -4.56 -6.69
N LYS A 59 -11.84 -5.84 -6.72
CA LYS A 59 -12.34 -6.72 -7.77
C LYS A 59 -12.85 -8.04 -7.22
N LYS A 60 -14.07 -8.38 -7.61
CA LYS A 60 -14.60 -9.71 -7.38
C LYS A 60 -15.12 -10.25 -8.71
N GLY A 61 -14.67 -11.43 -9.08
CA GLY A 61 -15.05 -12.00 -10.36
C GLY A 61 -14.51 -11.20 -11.52
N GLN A 62 -15.39 -10.46 -12.19
CA GLN A 62 -15.02 -9.68 -13.35
C GLN A 62 -15.15 -8.18 -13.09
N ASP A 63 -15.64 -7.82 -11.91
CA ASP A 63 -15.87 -6.43 -11.57
C ASP A 63 -14.68 -5.84 -10.85
N LYS A 64 -13.89 -5.07 -11.57
CA LYS A 64 -12.71 -4.42 -11.02
C LYS A 64 -12.94 -2.92 -10.96
N TYR A 65 -12.71 -2.31 -9.81
CA TYR A 65 -12.95 -0.88 -9.68
C TYR A 65 -11.70 -0.16 -9.19
N THR A 66 -11.27 0.82 -9.98
CA THR A 66 -10.10 1.61 -9.66
C THR A 66 -10.44 2.69 -8.63
N LEU A 67 -9.70 2.71 -7.54
CA LEU A 67 -9.94 3.65 -6.46
C LEU A 67 -8.67 4.41 -6.11
N MET A 68 -8.82 5.68 -5.81
CA MET A 68 -7.70 6.50 -5.36
C MET A 68 -7.24 6.09 -3.96
N THR A 69 -6.29 5.19 -3.91
CA THR A 69 -5.78 4.66 -2.66
C THR A 69 -4.57 5.45 -2.19
N THR A 70 -4.65 5.98 -0.97
CA THR A 70 -3.58 6.78 -0.42
C THR A 70 -3.49 6.64 1.10
N TYR A 71 -2.29 6.33 1.60
CA TYR A 71 -2.05 6.36 3.03
C TYR A 71 -1.39 7.70 3.40
N GLY A 72 -1.04 7.87 4.65
CA GLY A 72 -0.46 9.14 5.07
C GLY A 72 0.99 9.29 4.63
N GLY A 73 1.57 10.44 4.93
CA GLY A 73 2.97 10.67 4.63
C GLY A 73 3.85 9.67 5.35
N ALA A 74 3.60 9.52 6.65
CA ALA A 74 4.21 8.45 7.41
C ALA A 74 3.34 7.20 7.30
N VAL A 75 2.16 7.26 7.89
CA VAL A 75 1.18 6.20 7.76
C VAL A 75 -0.23 6.77 7.64
N GLN A 76 -0.49 7.87 8.34
CA GLN A 76 -1.78 8.56 8.24
C GLN A 76 -1.61 10.05 8.55
N GLN A 77 -1.67 10.88 7.50
CA GLN A 77 -1.47 12.32 7.63
C GLN A 77 -2.41 13.06 6.68
N GLN A 78 -2.05 13.09 5.41
CA GLN A 78 -2.90 13.67 4.38
C GLN A 78 -2.82 12.84 3.10
N LEU A 79 -1.71 12.95 2.39
CA LEU A 79 -1.55 12.25 1.12
C LEU A 79 -0.21 11.49 1.05
N GLY A 80 0.01 10.86 -0.08
CA GLY A 80 1.17 10.00 -0.28
C GLY A 80 0.88 8.94 -1.32
N GLY A 81 0.59 7.73 -0.85
CA GLY A 81 0.20 6.66 -1.76
C GLY A 81 1.35 6.13 -2.58
N GLY A 82 1.06 5.68 -3.79
CA GLY A 82 2.10 5.22 -4.70
C GLY A 82 3.15 6.28 -4.93
N TYR A 83 4.41 5.88 -4.77
CA TYR A 83 5.55 6.80 -4.82
C TYR A 83 5.42 7.90 -3.75
N GLY A 84 4.78 7.55 -2.66
CA GLY A 84 4.80 8.41 -1.48
C GLY A 84 5.49 7.68 -0.36
N TYR A 85 6.79 7.87 -0.25
CA TYR A 85 7.59 7.00 0.59
C TYR A 85 7.88 7.60 1.96
N TYR A 86 7.95 6.72 2.95
CA TYR A 86 8.30 7.09 4.31
C TYR A 86 9.56 6.34 4.71
N HIS A 87 10.40 6.97 5.52
CA HIS A 87 11.63 6.33 5.98
C HIS A 87 11.40 5.62 7.31
N VAL A 88 11.59 4.32 7.30
CA VAL A 88 11.48 3.53 8.51
C VAL A 88 12.82 3.48 9.22
N SER A 89 12.84 3.63 10.52
CA SER A 89 14.06 3.46 11.27
C SER A 89 14.16 2.04 11.78
N GLN A 90 15.33 1.65 12.25
CA GLN A 90 15.59 0.27 12.64
C GLN A 90 14.53 -0.28 13.59
N LYS A 91 14.08 0.54 14.54
CA LYS A 91 13.07 0.10 15.51
C LYS A 91 11.75 0.84 15.32
N THR A 92 11.48 1.26 14.08
CA THR A 92 10.23 1.92 13.75
C THR A 92 9.12 0.91 13.51
N PRO A 93 7.93 1.14 14.11
CA PRO A 93 6.76 0.28 13.94
C PRO A 93 6.33 0.13 12.48
N PRO A 94 5.66 -0.98 12.16
CA PRO A 94 5.23 -1.31 10.79
C PRO A 94 4.35 -0.24 10.16
N GLN A 95 4.26 -0.28 8.84
CA GLN A 95 3.52 0.69 8.06
C GLN A 95 2.09 0.20 7.81
N THR A 96 1.17 1.13 7.70
CA THR A 96 -0.20 0.80 7.35
C THR A 96 -0.62 1.56 6.10
N ILE A 97 -1.05 0.84 5.08
CA ILE A 97 -1.51 1.47 3.86
C ILE A 97 -3.02 1.42 3.80
N SER A 98 -3.65 2.55 3.51
CA SER A 98 -5.10 2.61 3.46
C SER A 98 -5.61 2.82 2.04
N GLY A 99 -6.54 1.97 1.66
CA GLY A 99 -7.19 2.11 0.37
C GLY A 99 -8.51 2.83 0.49
N VAL A 100 -8.68 3.85 -0.34
CA VAL A 100 -9.85 4.72 -0.27
C VAL A 100 -10.71 4.54 -1.49
N VAL A 101 -11.97 4.24 -1.23
CA VAL A 101 -12.96 4.07 -2.28
C VAL A 101 -13.15 5.36 -3.05
N SER A 102 -13.66 5.26 -4.26
CA SER A 102 -13.99 6.44 -5.04
C SER A 102 -15.31 7.02 -4.52
N LYS A 103 -15.22 8.25 -4.01
CA LYS A 103 -16.34 8.97 -3.40
C LYS A 103 -17.59 8.96 -4.26
N ASN A 104 -17.42 9.16 -5.55
CA ASN A 104 -18.59 9.42 -6.40
C ASN A 104 -18.96 8.20 -7.21
N VAL A 105 -19.25 7.11 -6.51
CA VAL A 105 -19.74 5.90 -7.17
C VAL A 105 -20.90 5.27 -6.40
N GLY A 106 -20.60 4.64 -5.27
CA GLY A 106 -21.62 3.91 -4.55
C GLY A 106 -21.75 2.50 -5.08
N TYR A 107 -20.63 1.78 -5.08
CA TYR A 107 -20.53 0.45 -5.66
C TYR A 107 -21.59 -0.51 -5.14
N LYS A 108 -21.87 -1.53 -5.94
CA LYS A 108 -22.85 -2.54 -5.60
C LYS A 108 -22.25 -3.50 -4.56
N PRO A 109 -23.09 -3.96 -3.61
CA PRO A 109 -22.63 -4.76 -2.47
C PRO A 109 -21.96 -6.06 -2.88
N GLY A 110 -20.88 -6.38 -2.19
CA GLY A 110 -20.10 -7.55 -2.49
C GLY A 110 -18.75 -7.51 -1.83
N GLN A 111 -18.20 -8.66 -1.51
CA GLN A 111 -16.85 -8.72 -0.96
C GLN A 111 -15.83 -8.75 -2.10
N TYR A 112 -15.17 -7.62 -2.30
CA TYR A 112 -14.20 -7.48 -3.38
C TYR A 112 -12.78 -7.69 -2.87
N THR A 113 -11.87 -7.97 -3.78
CA THR A 113 -10.48 -8.20 -3.44
C THR A 113 -9.61 -7.07 -3.97
N VAL A 114 -8.70 -6.58 -3.13
CA VAL A 114 -7.84 -5.47 -3.50
C VAL A 114 -6.37 -5.90 -3.56
N GLU A 115 -5.76 -5.74 -4.73
CA GLU A 115 -4.38 -6.17 -4.95
C GLU A 115 -3.37 -5.05 -4.69
N LEU A 116 -2.38 -5.35 -3.87
CA LEU A 116 -1.35 -4.37 -3.52
C LEU A 116 0.04 -5.02 -3.56
N THR A 117 1.03 -4.24 -3.94
CA THR A 117 2.42 -4.64 -3.83
C THR A 117 3.01 -4.08 -2.54
N GLY A 118 4.08 -3.31 -2.63
CA GLY A 118 4.65 -2.71 -1.44
C GLY A 118 5.98 -3.30 -1.06
N PHE A 119 6.98 -2.96 -1.84
CA PHE A 119 8.34 -3.35 -1.52
C PHE A 119 9.02 -2.19 -0.82
N PHE A 120 10.19 -2.42 -0.26
CA PHE A 120 10.95 -1.35 0.30
C PHE A 120 12.25 -1.19 -0.49
N SER A 121 12.55 0.04 -0.86
CA SER A 121 13.76 0.32 -1.62
C SER A 121 14.95 0.26 -0.69
N LEU A 122 15.93 -0.55 -1.05
CA LEU A 122 17.08 -0.75 -0.20
C LEU A 122 18.31 -0.07 -0.78
N ASN A 123 18.89 0.81 0.02
CA ASN A 123 20.16 1.42 -0.34
C ASN A 123 21.30 0.54 0.14
N ASP A 124 21.18 0.08 1.38
CA ASP A 124 22.20 -0.73 2.05
C ASP A 124 23.47 0.09 2.26
N ASN A 125 23.87 0.22 3.53
CA ASN A 125 24.94 1.13 3.95
C ASN A 125 24.52 2.59 3.77
N LYS A 126 23.91 3.15 4.82
CA LYS A 126 23.41 4.53 4.78
C LYS A 126 22.78 4.91 6.12
N GLN A 127 21.68 4.23 6.46
CA GLN A 127 20.94 4.48 7.69
C GLN A 127 20.38 5.90 7.74
N ALA A 128 19.31 6.12 6.98
CA ALA A 128 18.59 7.40 6.96
C ALA A 128 17.43 7.35 5.98
N ASN A 129 17.76 7.28 4.69
CA ASN A 129 16.77 7.27 3.63
C ASN A 129 17.35 6.67 2.35
N PRO A 130 16.82 5.53 1.91
CA PRO A 130 17.23 4.89 0.66
C PRO A 130 16.78 5.68 -0.56
N THR A 131 17.49 5.51 -1.67
CA THR A 131 17.28 6.30 -2.85
C THR A 131 16.03 5.86 -3.61
N PRO A 132 15.13 6.80 -3.90
CA PRO A 132 13.96 6.54 -4.74
C PRO A 132 14.36 6.36 -6.21
N SER A 133 15.63 6.64 -6.50
CA SER A 133 16.20 6.44 -7.81
C SER A 133 16.14 4.95 -8.19
N SER A 134 16.18 4.10 -7.17
CA SER A 134 16.19 2.66 -7.35
C SER A 134 14.84 2.14 -7.87
N LEU A 135 13.87 3.04 -7.96
CA LEU A 135 12.54 2.70 -8.46
C LEU A 135 12.55 2.48 -9.96
N THR A 136 13.57 3.03 -10.63
CA THR A 136 13.75 2.82 -12.05
C THR A 136 14.11 1.35 -12.29
N SER A 137 14.88 0.81 -11.37
CA SER A 137 15.26 -0.59 -11.38
C SER A 137 14.38 -1.38 -10.43
N LYS A 138 13.12 -0.96 -10.36
CA LYS A 138 12.13 -1.54 -9.43
C LYS A 138 12.15 -3.07 -9.43
N ALA A 139 12.12 -3.67 -10.60
CA ALA A 139 12.03 -5.12 -10.69
C ALA A 139 13.41 -5.77 -10.60
N ALA A 140 14.45 -4.97 -10.78
CA ALA A 140 15.81 -5.48 -10.75
C ALA A 140 16.39 -5.43 -9.33
N GLY A 141 16.66 -6.59 -8.77
CA GLY A 141 17.27 -6.67 -7.45
C GLY A 141 16.26 -6.53 -6.33
N LYS A 142 15.29 -5.65 -6.51
CA LYS A 142 14.29 -5.40 -5.48
C LYS A 142 13.25 -6.50 -5.44
N ASN A 143 12.81 -6.83 -4.24
CA ASN A 143 11.85 -7.90 -4.04
C ASN A 143 10.44 -7.35 -3.98
N ILE A 144 9.86 -7.11 -5.15
CA ILE A 144 8.49 -6.64 -5.22
C ILE A 144 7.54 -7.76 -4.79
N VAL A 145 6.78 -7.47 -3.75
CA VAL A 145 5.80 -8.40 -3.23
C VAL A 145 4.41 -8.04 -3.73
N SER A 146 3.48 -8.98 -3.63
CA SER A 146 2.11 -8.72 -4.04
C SER A 146 1.13 -9.54 -3.19
N SER A 147 0.14 -8.86 -2.65
CA SER A 147 -0.87 -9.50 -1.83
C SER A 147 -2.24 -8.98 -2.23
N THR A 148 -3.28 -9.67 -1.78
CA THR A 148 -4.63 -9.27 -2.06
C THR A 148 -5.44 -9.20 -0.79
N GLY A 149 -6.04 -8.06 -0.56
CA GLY A 149 -6.88 -7.86 0.59
C GLY A 149 -8.32 -7.95 0.21
N THR A 150 -9.18 -7.45 1.06
CA THR A 150 -10.60 -7.59 0.84
C THR A 150 -11.36 -6.33 1.23
N ILE A 151 -12.44 -6.05 0.51
CA ILE A 151 -13.30 -4.91 0.78
C ILE A 151 -14.76 -5.33 0.65
N THR A 152 -15.50 -5.23 1.74
CA THR A 152 -16.92 -5.56 1.72
C THR A 152 -17.75 -4.32 1.39
N ILE A 153 -18.30 -4.29 0.21
CA ILE A 153 -19.14 -3.19 -0.21
C ILE A 153 -20.52 -3.30 0.43
N SER A 154 -20.93 -2.25 1.14
CA SER A 154 -22.22 -2.26 1.81
C SER A 154 -22.98 -0.96 1.50
N ASN A 1 20.82 -6.18 1.51
CA ASN A 1 21.36 -7.57 1.46
C ASN A 1 20.28 -8.52 0.97
N SER A 2 19.23 -8.71 1.76
CA SER A 2 18.12 -9.57 1.34
C SER A 2 16.91 -9.37 2.24
N CYS A 3 16.05 -8.43 1.87
CA CYS A 3 14.87 -8.12 2.69
C CYS A 3 13.72 -7.61 1.83
N SER A 4 12.52 -7.69 2.38
CA SER A 4 11.32 -7.23 1.69
C SER A 4 10.30 -6.75 2.73
N LEU A 5 9.29 -6.03 2.25
CA LEU A 5 8.23 -5.54 3.11
C LEU A 5 7.10 -6.54 3.21
N SER A 6 6.57 -6.68 4.40
CA SER A 6 5.46 -7.58 4.65
C SER A 6 4.15 -6.89 4.33
N ILE A 7 3.24 -7.61 3.68
CA ILE A 7 1.94 -7.05 3.36
C ILE A 7 0.86 -7.79 4.13
N SER A 8 0.40 -7.19 5.20
CA SER A 8 -0.59 -7.82 6.05
C SER A 8 -1.96 -7.16 5.87
N SER A 9 -2.82 -7.82 5.13
CA SER A 9 -4.19 -7.36 4.96
C SER A 9 -5.14 -8.32 5.68
N PRO A 10 -5.90 -7.81 6.67
CA PRO A 10 -6.82 -8.61 7.45
C PRO A 10 -8.14 -8.89 6.73
N ASP A 11 -9.18 -9.17 7.50
CA ASP A 11 -10.51 -9.46 6.97
C ASP A 11 -11.04 -8.28 6.15
N PRO A 12 -11.99 -8.53 5.23
CA PRO A 12 -12.55 -7.48 4.37
C PRO A 12 -13.06 -6.28 5.15
N VAL A 13 -12.63 -5.10 4.74
CA VAL A 13 -13.10 -3.87 5.35
C VAL A 13 -14.57 -3.65 4.98
N THR A 14 -15.35 -3.17 5.93
CA THR A 14 -16.75 -2.89 5.67
C THR A 14 -16.91 -1.46 5.17
N TYR A 15 -17.19 -1.33 3.89
CA TYR A 15 -17.40 -0.02 3.31
C TYR A 15 -18.83 0.44 3.58
N THR A 16 -18.93 1.41 4.47
CA THR A 16 -20.22 1.95 4.85
C THR A 16 -20.63 3.03 3.86
N ILE A 17 -21.79 2.87 3.27
CA ILE A 17 -22.26 3.81 2.26
C ILE A 17 -23.55 4.50 2.72
N PRO A 18 -23.43 5.50 3.61
CA PRO A 18 -24.59 6.22 4.13
C PRO A 18 -25.19 7.17 3.11
N THR A 19 -24.34 7.90 2.42
CA THR A 19 -24.76 8.89 1.45
C THR A 19 -23.95 8.75 0.16
N ASP A 20 -23.39 7.55 -0.05
CA ASP A 20 -22.50 7.26 -1.18
C ASP A 20 -21.12 7.87 -0.95
N LYS A 21 -21.10 9.15 -0.60
CA LYS A 21 -19.85 9.88 -0.36
C LYS A 21 -19.22 9.50 0.98
N GLY A 22 -19.69 8.42 1.58
CA GLY A 22 -19.21 8.02 2.90
C GLY A 22 -17.76 7.58 2.89
N ASP A 23 -17.40 6.78 1.88
CA ASP A 23 -16.04 6.23 1.68
C ASP A 23 -15.59 5.35 2.84
N LYS A 24 -14.52 4.62 2.60
CA LYS A 24 -13.90 3.76 3.59
C LYS A 24 -12.48 3.49 3.16
N TYR A 25 -11.69 2.96 4.06
CA TYR A 25 -10.31 2.67 3.74
C TYR A 25 -9.99 1.23 4.06
N ILE A 26 -9.26 0.59 3.18
CA ILE A 26 -8.79 -0.76 3.41
C ILE A 26 -7.33 -0.66 3.88
N ASN A 27 -7.02 -1.30 5.00
CA ASN A 27 -5.69 -1.17 5.57
C ASN A 27 -4.80 -2.33 5.19
N PHE A 28 -3.64 -1.99 4.69
CA PHE A 28 -2.57 -2.95 4.45
C PHE A 28 -1.41 -2.60 5.38
N LYS A 29 -1.11 -3.51 6.29
CA LYS A 29 -0.05 -3.26 7.26
C LYS A 29 1.28 -3.75 6.71
N LEU A 30 2.20 -2.83 6.49
CA LEU A 30 3.48 -3.17 5.88
C LEU A 30 4.62 -3.07 6.89
N ASP A 31 5.49 -4.05 6.87
CA ASP A 31 6.64 -4.10 7.78
C ASP A 31 7.78 -4.90 7.18
N VAL A 32 8.94 -4.33 7.14
CA VAL A 32 10.10 -5.04 6.64
C VAL A 32 10.84 -5.72 7.79
N PRO A 33 10.78 -7.06 7.83
CA PRO A 33 11.47 -7.84 8.86
C PRO A 33 12.98 -7.65 8.78
N ASP A 34 13.65 -8.01 9.87
CA ASP A 34 15.10 -7.84 9.97
C ASP A 34 15.48 -6.36 10.09
N PRO A 35 15.69 -5.89 11.33
CA PRO A 35 16.13 -4.52 11.61
C PRO A 35 17.41 -4.15 10.88
N ARG A 36 18.14 -5.14 10.39
CA ARG A 36 19.38 -4.92 9.68
C ARG A 36 19.14 -4.18 8.36
N CYS A 37 18.28 -4.73 7.49
CA CYS A 37 17.95 -4.04 6.25
C CYS A 37 17.06 -2.83 6.53
N LYS A 38 16.22 -2.96 7.54
CA LYS A 38 15.26 -1.92 7.88
C LYS A 38 15.96 -0.69 8.47
N ALA A 39 17.11 -0.92 9.09
CA ALA A 39 17.91 0.17 9.68
C ALA A 39 18.29 1.23 8.66
N LEU A 40 18.37 0.83 7.40
CA LEU A 40 18.80 1.71 6.32
C LEU A 40 17.91 2.93 6.20
N GLY A 41 16.70 2.79 6.71
CA GLY A 41 15.71 3.82 6.56
C GLY A 41 14.64 3.38 5.60
N GLY A 42 14.57 2.06 5.42
CA GLY A 42 13.62 1.40 4.53
C GLY A 42 12.44 2.25 4.11
N THR A 43 12.48 2.74 2.90
CA THR A 43 11.41 3.56 2.38
C THR A 43 10.35 2.69 1.74
N VAL A 44 9.09 3.07 1.91
CA VAL A 44 7.99 2.25 1.43
C VAL A 44 7.56 2.71 0.05
N TYR A 45 7.50 1.77 -0.87
CA TYR A 45 7.01 2.05 -2.19
C TYR A 45 6.03 0.97 -2.61
N PHE A 46 4.83 1.38 -2.96
CA PHE A 46 3.76 0.44 -3.22
C PHE A 46 2.96 0.87 -4.42
N TRP A 47 2.24 -0.08 -4.99
CA TRP A 47 1.38 0.19 -6.13
C TRP A 47 0.43 -0.97 -6.39
N GLY A 48 -0.73 -0.63 -6.90
CA GLY A 48 -1.72 -1.62 -7.28
C GLY A 48 -2.15 -1.42 -8.72
N ALA A 49 -3.45 -1.51 -8.97
CA ALA A 49 -3.94 -1.38 -10.34
C ALA A 49 -4.91 -0.21 -10.54
N ASP A 50 -4.92 0.77 -9.62
CA ASP A 50 -5.83 1.93 -9.75
C ASP A 50 -5.58 2.68 -11.05
N THR A 51 -6.57 3.47 -11.45
CA THR A 51 -6.61 4.07 -12.79
C THR A 51 -5.62 5.24 -12.94
N ARG A 52 -5.22 5.84 -11.83
CA ARG A 52 -4.36 7.00 -11.88
C ARG A 52 -2.91 6.61 -12.10
N ASP A 53 -2.35 5.84 -11.18
CA ASP A 53 -0.95 5.44 -11.24
C ASP A 53 -0.81 3.95 -10.97
N GLY A 54 -1.76 3.41 -10.24
CA GLY A 54 -1.68 2.05 -9.77
C GLY A 54 -1.61 2.02 -8.27
N LYS A 55 -2.75 2.18 -7.63
CA LYS A 55 -2.84 2.15 -6.18
C LYS A 55 -3.55 0.90 -5.69
N LEU A 56 -4.83 0.77 -6.03
CA LEU A 56 -5.65 -0.38 -5.62
C LEU A 56 -6.88 -0.53 -6.51
N VAL A 57 -7.39 -1.74 -6.57
CA VAL A 57 -8.63 -2.04 -7.29
C VAL A 57 -9.43 -3.08 -6.51
N MET A 58 -10.71 -2.79 -6.25
CA MET A 58 -11.58 -3.79 -5.63
C MET A 58 -12.18 -4.66 -6.72
N LYS A 59 -11.88 -5.94 -6.69
CA LYS A 59 -12.36 -6.83 -7.72
C LYS A 59 -12.86 -8.16 -7.17
N LYS A 60 -14.06 -8.53 -7.57
CA LYS A 60 -14.60 -9.85 -7.28
C LYS A 60 -15.23 -10.40 -8.55
N GLY A 61 -14.73 -11.54 -9.00
CA GLY A 61 -15.22 -12.13 -10.23
C GLY A 61 -14.93 -11.26 -11.43
N GLN A 62 -15.94 -10.60 -11.95
CA GLN A 62 -15.78 -9.74 -13.12
C GLN A 62 -16.01 -8.28 -12.77
N ASP A 63 -16.09 -7.97 -11.48
CA ASP A 63 -16.30 -6.60 -11.04
C ASP A 63 -15.01 -6.01 -10.48
N LYS A 64 -14.30 -5.26 -11.30
CA LYS A 64 -13.05 -4.64 -10.88
C LYS A 64 -13.21 -3.13 -10.94
N TYR A 65 -12.89 -2.43 -9.85
CA TYR A 65 -13.08 -0.99 -9.81
C TYR A 65 -11.82 -0.27 -9.34
N THR A 66 -11.41 0.71 -10.12
CA THR A 66 -10.24 1.51 -9.81
C THR A 66 -10.62 2.66 -8.90
N LEU A 67 -9.91 2.78 -7.78
CA LEU A 67 -10.21 3.81 -6.80
C LEU A 67 -8.94 4.54 -6.40
N MET A 68 -9.06 5.82 -6.10
CA MET A 68 -7.90 6.62 -5.74
C MET A 68 -7.42 6.27 -4.34
N THR A 69 -6.48 5.34 -4.29
CA THR A 69 -5.92 4.87 -3.04
C THR A 69 -4.70 5.68 -2.65
N THR A 70 -4.70 6.14 -1.41
CA THR A 70 -3.60 6.92 -0.90
C THR A 70 -3.42 6.62 0.59
N TYR A 71 -2.18 6.37 0.99
CA TYR A 71 -1.91 6.10 2.40
C TYR A 71 -1.45 7.38 3.06
N GLY A 72 -1.14 7.30 4.33
CA GLY A 72 -0.67 8.45 5.02
C GLY A 72 0.78 8.73 4.74
N GLY A 73 1.07 9.95 4.30
CA GLY A 73 2.44 10.38 4.18
C GLY A 73 3.11 10.32 5.53
N ALA A 74 4.21 9.57 5.61
CA ALA A 74 4.87 9.29 6.89
C ALA A 74 3.93 8.52 7.80
N VAL A 75 2.93 7.90 7.18
CA VAL A 75 1.83 7.21 7.86
C VAL A 75 1.28 8.04 9.02
N GLN A 76 1.22 9.37 8.83
CA GLN A 76 0.74 10.27 9.88
C GLN A 76 -0.10 11.42 9.31
N GLN A 77 -1.37 11.12 9.02
CA GLN A 77 -2.37 12.12 8.64
C GLN A 77 -1.90 13.03 7.49
N GLN A 78 -1.40 12.42 6.44
CA GLN A 78 -0.93 13.15 5.26
C GLN A 78 -1.23 12.36 4.01
N LEU A 79 -1.36 13.04 2.88
CA LEU A 79 -1.65 12.37 1.61
C LEU A 79 -0.38 11.77 1.03
N GLY A 80 -0.51 10.59 0.46
CA GLY A 80 0.62 9.93 -0.16
C GLY A 80 0.21 9.09 -1.35
N GLY A 81 0.69 7.86 -1.39
CA GLY A 81 0.41 6.98 -2.54
C GLY A 81 1.09 7.44 -3.82
N GLY A 82 1.34 6.50 -4.74
CA GLY A 82 1.98 6.85 -6.00
C GLY A 82 3.32 7.52 -5.79
N TYR A 83 4.31 6.74 -5.40
CA TYR A 83 5.65 7.25 -5.10
C TYR A 83 5.58 8.08 -3.82
N GLY A 84 4.67 7.68 -2.94
CA GLY A 84 4.63 8.23 -1.61
C GLY A 84 5.39 7.33 -0.67
N TYR A 85 6.45 7.84 -0.08
CA TYR A 85 7.34 7.01 0.71
C TYR A 85 7.70 7.66 2.04
N TYR A 86 8.04 6.82 2.99
CA TYR A 86 8.53 7.25 4.28
C TYR A 86 9.66 6.31 4.71
N HIS A 87 10.66 6.85 5.38
CA HIS A 87 11.79 6.05 5.81
C HIS A 87 11.52 5.37 7.15
N VAL A 88 11.50 4.04 7.14
CA VAL A 88 11.31 3.28 8.37
C VAL A 88 12.65 3.11 9.09
N SER A 89 12.67 3.35 10.38
CA SER A 89 13.89 3.18 11.14
C SER A 89 13.95 1.77 11.72
N GLN A 90 15.05 1.44 12.37
CA GLN A 90 15.26 0.07 12.86
C GLN A 90 14.17 -0.36 13.84
N LYS A 91 13.60 0.60 14.57
CA LYS A 91 12.57 0.29 15.54
C LYS A 91 11.29 1.09 15.28
N THR A 92 11.06 1.43 14.03
CA THR A 92 9.84 2.13 13.63
C THR A 92 8.69 1.16 13.42
N PRO A 93 7.51 1.45 14.02
CA PRO A 93 6.29 0.63 13.86
C PRO A 93 5.90 0.42 12.40
N PRO A 94 5.20 -0.69 12.12
CA PRO A 94 4.73 -1.03 10.77
C PRO A 94 3.88 0.07 10.15
N GLN A 95 4.08 0.31 8.86
CA GLN A 95 3.38 1.37 8.16
C GLN A 95 2.02 0.88 7.68
N THR A 96 1.12 1.80 7.44
CA THR A 96 -0.23 1.45 7.03
C THR A 96 -0.58 2.06 5.69
N ILE A 97 -0.97 1.21 4.76
CA ILE A 97 -1.44 1.69 3.47
C ILE A 97 -2.96 1.63 3.45
N SER A 98 -3.62 2.70 3.03
CA SER A 98 -5.08 2.71 3.03
C SER A 98 -5.63 2.92 1.62
N GLY A 99 -6.65 2.15 1.31
CA GLY A 99 -7.32 2.29 0.03
C GLY A 99 -8.61 3.07 0.16
N VAL A 100 -8.72 4.14 -0.61
CA VAL A 100 -9.86 5.03 -0.53
C VAL A 100 -10.82 4.74 -1.68
N VAL A 101 -11.90 4.06 -1.35
CA VAL A 101 -12.91 3.69 -2.34
C VAL A 101 -13.50 4.91 -3.02
N SER A 102 -13.79 4.76 -4.31
CA SER A 102 -14.46 5.80 -5.08
C SER A 102 -15.86 6.03 -4.52
N LYS A 103 -15.95 6.98 -3.61
CA LYS A 103 -17.20 7.30 -2.92
C LYS A 103 -18.16 8.01 -3.86
N ASN A 104 -17.63 8.47 -4.99
CA ASN A 104 -18.45 9.18 -5.96
C ASN A 104 -19.10 8.19 -6.91
N VAL A 105 -19.00 6.92 -6.56
CA VAL A 105 -19.60 5.86 -7.36
C VAL A 105 -20.73 5.17 -6.57
N GLY A 106 -20.43 4.73 -5.35
CA GLY A 106 -21.45 4.03 -4.58
C GLY A 106 -21.62 2.60 -5.05
N TYR A 107 -20.52 1.85 -5.04
CA TYR A 107 -20.47 0.49 -5.58
C TYR A 107 -21.52 -0.44 -4.97
N LYS A 108 -21.76 -1.54 -5.66
CA LYS A 108 -22.71 -2.54 -5.24
C LYS A 108 -22.06 -3.50 -4.24
N PRO A 109 -22.85 -4.04 -3.30
CA PRO A 109 -22.37 -4.92 -2.22
C PRO A 109 -21.60 -6.14 -2.74
N GLY A 110 -20.69 -6.64 -1.91
CA GLY A 110 -19.88 -7.78 -2.27
C GLY A 110 -18.53 -7.75 -1.60
N GLN A 111 -17.90 -8.91 -1.47
CA GLN A 111 -16.54 -8.98 -0.96
C GLN A 111 -15.55 -8.91 -2.11
N TYR A 112 -14.98 -7.74 -2.31
CA TYR A 112 -14.03 -7.50 -3.38
C TYR A 112 -12.61 -7.74 -2.89
N THR A 113 -11.73 -8.06 -3.81
CA THR A 113 -10.34 -8.30 -3.49
C THR A 113 -9.47 -7.17 -4.04
N VAL A 114 -8.57 -6.65 -3.22
CA VAL A 114 -7.73 -5.52 -3.62
C VAL A 114 -6.26 -5.93 -3.68
N GLU A 115 -5.64 -5.67 -4.83
CA GLU A 115 -4.25 -6.07 -5.07
C GLU A 115 -3.28 -4.93 -4.77
N LEU A 116 -2.29 -5.20 -3.93
CA LEU A 116 -1.28 -4.21 -3.57
C LEU A 116 0.11 -4.85 -3.53
N THR A 117 1.11 -4.08 -3.91
CA THR A 117 2.50 -4.50 -3.75
C THR A 117 3.08 -3.88 -2.47
N GLY A 118 4.16 -3.12 -2.61
CA GLY A 118 4.73 -2.49 -1.44
C GLY A 118 6.06 -3.07 -1.04
N PHE A 119 7.09 -2.76 -1.81
CA PHE A 119 8.44 -3.17 -1.49
C PHE A 119 9.15 -2.02 -0.79
N PHE A 120 10.33 -2.29 -0.27
CA PHE A 120 11.09 -1.24 0.37
C PHE A 120 12.42 -1.06 -0.35
N SER A 121 12.77 0.18 -0.63
CA SER A 121 14.02 0.50 -1.29
C SER A 121 15.17 0.33 -0.31
N LEU A 122 16.06 -0.60 -0.60
CA LEU A 122 17.15 -0.92 0.29
C LEU A 122 18.45 -0.28 -0.17
N ASN A 123 18.95 0.64 0.66
CA ASN A 123 20.18 1.35 0.36
C ASN A 123 21.40 0.46 0.58
N ASP A 124 21.36 -0.28 1.68
CA ASP A 124 22.37 -1.29 2.03
C ASP A 124 23.76 -0.66 2.20
N ASN A 125 23.76 0.56 2.70
CA ASN A 125 24.99 1.31 2.95
C ASN A 125 24.66 2.63 3.63
N LYS A 126 23.91 2.54 4.73
CA LYS A 126 23.38 3.72 5.39
C LYS A 126 22.70 3.33 6.70
N GLN A 127 21.74 4.16 7.11
CA GLN A 127 21.01 4.00 8.35
C GLN A 127 20.19 5.27 8.61
N ALA A 128 19.44 5.68 7.60
CA ALA A 128 18.70 6.93 7.69
C ALA A 128 17.56 6.95 6.67
N ASN A 129 17.91 7.07 5.40
CA ASN A 129 16.93 7.11 4.32
C ASN A 129 17.56 6.67 3.01
N PRO A 130 16.99 5.62 2.39
CA PRO A 130 17.43 5.12 1.07
C PRO A 130 17.10 6.07 -0.07
N THR A 131 17.43 5.63 -1.27
CA THR A 131 17.26 6.44 -2.46
C THR A 131 16.11 5.95 -3.32
N PRO A 132 15.21 6.86 -3.71
CA PRO A 132 14.07 6.56 -4.57
C PRO A 132 14.47 6.30 -6.01
N SER A 133 15.74 6.51 -6.32
CA SER A 133 16.29 6.26 -7.65
C SER A 133 16.04 4.80 -8.07
N SER A 134 15.94 3.91 -7.10
CA SER A 134 15.74 2.49 -7.34
C SER A 134 14.40 2.22 -8.01
N LEU A 135 13.48 3.19 -7.93
CA LEU A 135 12.15 3.05 -8.52
C LEU A 135 12.22 3.02 -10.05
N THR A 136 13.33 3.45 -10.61
CA THR A 136 13.52 3.37 -12.05
C THR A 136 13.82 1.93 -12.45
N SER A 137 14.35 1.18 -11.50
CA SER A 137 14.63 -0.23 -11.68
C SER A 137 13.71 -1.05 -10.77
N LYS A 138 12.51 -0.53 -10.58
CA LYS A 138 11.53 -1.11 -9.66
C LYS A 138 11.32 -2.60 -9.92
N ALA A 139 11.08 -2.97 -11.17
CA ALA A 139 10.75 -4.34 -11.49
C ALA A 139 11.98 -5.22 -11.54
N ALA A 140 13.03 -4.74 -12.21
CA ALA A 140 14.23 -5.54 -12.39
C ALA A 140 15.23 -5.30 -11.27
N GLY A 141 15.47 -6.33 -10.47
CA GLY A 141 16.52 -6.26 -9.47
C GLY A 141 16.01 -6.02 -8.05
N LYS A 142 14.72 -5.71 -7.92
CA LYS A 142 14.16 -5.44 -6.60
C LYS A 142 13.20 -6.52 -6.15
N ASN A 143 13.13 -6.71 -4.84
CA ASN A 143 12.26 -7.70 -4.24
C ASN A 143 10.85 -7.16 -4.09
N ILE A 144 10.14 -7.08 -5.20
CA ILE A 144 8.76 -6.59 -5.19
C ILE A 144 7.81 -7.67 -4.71
N VAL A 145 7.04 -7.33 -3.69
CA VAL A 145 6.04 -8.23 -3.15
C VAL A 145 4.67 -7.85 -3.67
N SER A 146 3.71 -8.76 -3.55
CA SER A 146 2.34 -8.50 -3.97
C SER A 146 1.38 -9.32 -3.11
N SER A 147 0.30 -8.68 -2.69
CA SER A 147 -0.70 -9.33 -1.86
C SER A 147 -2.09 -8.83 -2.19
N THR A 148 -3.09 -9.52 -1.70
CA THR A 148 -4.47 -9.20 -1.97
C THR A 148 -5.27 -9.09 -0.70
N GLY A 149 -5.90 -7.95 -0.52
CA GLY A 149 -6.75 -7.74 0.62
C GLY A 149 -8.20 -7.91 0.25
N THR A 150 -9.09 -7.34 1.03
CA THR A 150 -10.50 -7.51 0.78
C THR A 150 -11.33 -6.31 1.22
N ILE A 151 -12.37 -6.03 0.46
CA ILE A 151 -13.28 -4.93 0.74
C ILE A 151 -14.72 -5.40 0.60
N THR A 152 -15.49 -5.34 1.67
CA THR A 152 -16.89 -5.70 1.63
C THR A 152 -17.73 -4.43 1.49
N ILE A 153 -18.32 -4.27 0.32
CA ILE A 153 -19.16 -3.11 0.03
C ILE A 153 -20.52 -3.31 0.68
N SER A 154 -21.00 -2.30 1.40
CA SER A 154 -22.32 -2.35 1.99
C SER A 154 -23.25 -1.38 1.27
N ASN A 1 20.70 -5.86 3.61
CA ASN A 1 21.25 -6.53 2.41
C ASN A 1 20.21 -7.44 1.76
N SER A 2 19.41 -8.12 2.58
CA SER A 2 18.42 -9.06 2.06
C SER A 2 17.12 -8.95 2.86
N CYS A 3 16.21 -8.10 2.40
CA CYS A 3 14.98 -7.86 3.12
C CYS A 3 13.84 -7.50 2.18
N SER A 4 12.62 -7.70 2.66
CA SER A 4 11.42 -7.35 1.91
C SER A 4 10.35 -6.84 2.86
N LEU A 5 9.35 -6.17 2.31
CA LEU A 5 8.23 -5.69 3.09
C LEU A 5 7.11 -6.73 3.13
N SER A 6 6.52 -6.88 4.29
CA SER A 6 5.44 -7.83 4.50
C SER A 6 4.11 -7.20 4.12
N ILE A 7 3.17 -8.01 3.66
CA ILE A 7 1.84 -7.51 3.37
C ILE A 7 0.81 -8.34 4.11
N SER A 8 0.12 -7.72 5.05
CA SER A 8 -0.90 -8.42 5.83
C SER A 8 -2.19 -7.61 5.88
N SER A 9 -3.16 -8.01 5.08
CA SER A 9 -4.47 -7.38 5.11
C SER A 9 -5.46 -8.29 5.85
N PRO A 10 -6.15 -7.75 6.86
CA PRO A 10 -7.11 -8.52 7.65
C PRO A 10 -8.41 -8.78 6.90
N ASP A 11 -9.44 -9.19 7.64
CA ASP A 11 -10.76 -9.47 7.06
C ASP A 11 -11.30 -8.26 6.30
N PRO A 12 -12.24 -8.50 5.35
CA PRO A 12 -12.75 -7.44 4.47
C PRO A 12 -13.26 -6.22 5.21
N VAL A 13 -12.81 -5.05 4.78
CA VAL A 13 -13.28 -3.79 5.35
C VAL A 13 -14.75 -3.59 5.00
N THR A 14 -15.51 -3.01 5.91
CA THR A 14 -16.92 -2.77 5.68
C THR A 14 -17.13 -1.35 5.16
N TYR A 15 -17.44 -1.25 3.87
CA TYR A 15 -17.66 0.06 3.24
C TYR A 15 -19.12 0.44 3.32
N THR A 16 -19.41 1.40 4.20
CA THR A 16 -20.76 1.89 4.37
C THR A 16 -21.03 3.02 3.38
N ILE A 17 -22.15 2.95 2.68
CA ILE A 17 -22.48 3.95 1.67
C ILE A 17 -23.75 4.71 2.05
N PRO A 18 -23.61 5.75 2.89
CA PRO A 18 -24.74 6.59 3.32
C PRO A 18 -25.23 7.52 2.22
N THR A 19 -24.29 8.17 1.58
CA THR A 19 -24.59 9.18 0.57
C THR A 19 -23.68 9.02 -0.65
N ASP A 20 -23.19 7.79 -0.82
CA ASP A 20 -22.22 7.44 -1.88
C ASP A 20 -20.82 7.92 -1.51
N LYS A 21 -20.73 9.18 -1.13
CA LYS A 21 -19.45 9.80 -0.81
C LYS A 21 -19.02 9.53 0.63
N GLY A 22 -19.62 8.50 1.21
CA GLY A 22 -19.26 8.09 2.56
C GLY A 22 -17.86 7.50 2.63
N ASP A 23 -17.54 6.70 1.61
CA ASP A 23 -16.22 6.06 1.43
C ASP A 23 -15.79 5.23 2.65
N LYS A 24 -14.65 4.57 2.50
CA LYS A 24 -14.09 3.75 3.57
C LYS A 24 -12.64 3.46 3.24
N TYR A 25 -11.90 2.92 4.19
CA TYR A 25 -10.48 2.68 4.01
C TYR A 25 -10.11 1.24 4.30
N ILE A 26 -9.34 0.65 3.41
CA ILE A 26 -8.90 -0.72 3.57
C ILE A 26 -7.46 -0.71 4.09
N ASN A 27 -7.15 -1.58 5.02
CA ASN A 27 -5.86 -1.57 5.69
C ASN A 27 -4.95 -2.69 5.20
N PHE A 28 -3.76 -2.31 4.78
CA PHE A 28 -2.70 -3.25 4.45
C PHE A 28 -1.52 -3.06 5.40
N LYS A 29 -1.28 -4.05 6.25
CA LYS A 29 -0.20 -3.97 7.23
C LYS A 29 1.12 -4.36 6.58
N LEU A 30 1.99 -3.38 6.39
CA LEU A 30 3.29 -3.60 5.81
C LEU A 30 4.37 -3.52 6.88
N ASP A 31 5.45 -4.27 6.69
CA ASP A 31 6.54 -4.32 7.67
C ASP A 31 7.74 -5.05 7.09
N VAL A 32 8.89 -4.43 7.18
CA VAL A 32 10.11 -5.05 6.72
C VAL A 32 10.92 -5.58 7.91
N PRO A 33 10.84 -6.90 8.17
CA PRO A 33 11.60 -7.55 9.22
C PRO A 33 13.10 -7.44 8.99
N ASP A 34 13.88 -7.78 10.02
CA ASP A 34 15.34 -7.66 10.01
C ASP A 34 15.75 -6.20 10.01
N PRO A 35 15.99 -5.65 11.22
CA PRO A 35 16.41 -4.25 11.41
C PRO A 35 17.67 -3.90 10.62
N ARG A 36 18.41 -4.91 10.17
CA ARG A 36 19.65 -4.68 9.45
C ARG A 36 19.41 -3.87 8.18
N CYS A 37 18.55 -4.37 7.30
CA CYS A 37 18.20 -3.65 6.08
C CYS A 37 17.29 -2.46 6.38
N LYS A 38 16.45 -2.63 7.39
CA LYS A 38 15.46 -1.63 7.74
C LYS A 38 16.10 -0.37 8.33
N ALA A 39 17.24 -0.55 8.97
CA ALA A 39 18.00 0.56 9.58
C ALA A 39 18.37 1.64 8.56
N LEU A 40 18.50 1.22 7.30
CA LEU A 40 18.95 2.11 6.25
C LEU A 40 17.96 3.24 5.99
N GLY A 41 16.73 3.00 6.34
CA GLY A 41 15.67 3.97 6.13
C GLY A 41 14.45 3.32 5.56
N GLY A 42 14.64 2.09 5.05
CA GLY A 42 13.54 1.22 4.61
C GLY A 42 12.38 1.96 4.00
N THR A 43 12.62 2.64 2.90
CA THR A 43 11.59 3.44 2.26
C THR A 43 10.58 2.56 1.56
N VAL A 44 9.31 2.83 1.77
CA VAL A 44 8.24 1.99 1.26
C VAL A 44 7.72 2.54 -0.06
N TYR A 45 7.54 1.65 -1.02
CA TYR A 45 6.95 2.01 -2.29
C TYR A 45 5.96 0.95 -2.69
N PHE A 46 4.72 1.34 -2.93
CA PHE A 46 3.66 0.38 -3.21
C PHE A 46 2.76 0.86 -4.33
N TRP A 47 2.08 -0.08 -4.95
CA TRP A 47 1.16 0.22 -6.03
C TRP A 47 0.23 -0.96 -6.30
N GLY A 48 -0.88 -0.67 -6.94
CA GLY A 48 -1.85 -1.67 -7.32
C GLY A 48 -2.32 -1.45 -8.75
N ALA A 49 -3.63 -1.49 -8.97
CA ALA A 49 -4.14 -1.35 -10.34
C ALA A 49 -5.06 -0.13 -10.52
N ASP A 50 -5.09 0.81 -9.57
CA ASP A 50 -5.98 1.99 -9.68
C ASP A 50 -5.70 2.79 -10.95
N THR A 51 -6.69 3.57 -11.37
CA THR A 51 -6.67 4.25 -12.66
C THR A 51 -5.77 5.49 -12.66
N ARG A 52 -5.48 6.03 -11.48
CA ARG A 52 -4.70 7.27 -11.39
C ARG A 52 -3.21 6.98 -11.55
N ASP A 53 -2.66 6.20 -10.63
CA ASP A 53 -1.23 5.88 -10.65
C ASP A 53 -1.01 4.40 -10.45
N GLY A 54 -2.09 3.69 -10.17
CA GLY A 54 -1.99 2.31 -9.79
C GLY A 54 -1.88 2.19 -8.29
N LYS A 55 -2.92 2.59 -7.59
CA LYS A 55 -2.95 2.49 -6.14
C LYS A 55 -3.61 1.18 -5.67
N LEU A 56 -4.91 1.01 -5.95
CA LEU A 56 -5.67 -0.18 -5.54
C LEU A 56 -6.90 -0.38 -6.42
N VAL A 57 -7.39 -1.62 -6.47
CA VAL A 57 -8.61 -1.95 -7.19
C VAL A 57 -9.39 -3.03 -6.46
N MET A 58 -10.66 -2.79 -6.22
CA MET A 58 -11.54 -3.80 -5.63
C MET A 58 -12.11 -4.66 -6.76
N LYS A 59 -11.86 -5.95 -6.73
CA LYS A 59 -12.33 -6.83 -7.79
C LYS A 59 -12.90 -8.14 -7.25
N LYS A 60 -14.06 -8.51 -7.75
CA LYS A 60 -14.62 -9.83 -7.49
C LYS A 60 -15.25 -10.34 -8.79
N GLY A 61 -14.87 -11.54 -9.19
CA GLY A 61 -15.42 -12.12 -10.39
C GLY A 61 -15.05 -11.34 -11.64
N GLN A 62 -16.00 -10.61 -12.17
CA GLN A 62 -15.80 -9.84 -13.38
C GLN A 62 -15.85 -8.34 -13.10
N ASP A 63 -15.88 -7.97 -11.83
CA ASP A 63 -16.03 -6.57 -11.45
C ASP A 63 -14.77 -6.03 -10.80
N LYS A 64 -14.03 -5.23 -11.54
CA LYS A 64 -12.85 -4.56 -11.01
C LYS A 64 -13.10 -3.06 -10.97
N TYR A 65 -12.87 -2.43 -9.84
CA TYR A 65 -13.11 -1.00 -9.72
C TYR A 65 -11.88 -0.25 -9.26
N THR A 66 -11.48 0.72 -10.06
CA THR A 66 -10.35 1.56 -9.75
C THR A 66 -10.73 2.66 -8.78
N LEU A 67 -10.01 2.75 -7.68
CA LEU A 67 -10.33 3.71 -6.63
C LEU A 67 -9.12 4.56 -6.29
N MET A 68 -9.38 5.76 -5.81
CA MET A 68 -8.31 6.68 -5.44
C MET A 68 -7.71 6.29 -4.08
N THR A 69 -6.69 5.46 -4.10
CA THR A 69 -6.06 5.01 -2.88
C THR A 69 -4.85 5.87 -2.51
N THR A 70 -4.82 6.29 -1.26
CA THR A 70 -3.72 7.04 -0.70
C THR A 70 -3.57 6.69 0.77
N TYR A 71 -2.34 6.47 1.22
CA TYR A 71 -2.11 6.14 2.61
C TYR A 71 -1.62 7.37 3.35
N GLY A 72 -1.69 7.32 4.67
CA GLY A 72 -1.40 8.49 5.46
C GLY A 72 -0.84 8.17 6.82
N GLY A 73 -1.19 7.00 7.36
CA GLY A 73 -0.72 6.60 8.66
C GLY A 73 0.73 6.14 8.66
N ALA A 74 1.60 6.99 8.12
CA ALA A 74 3.02 6.74 8.04
C ALA A 74 3.71 7.86 7.28
N VAL A 75 3.29 8.05 6.03
CA VAL A 75 3.94 8.99 5.11
C VAL A 75 3.97 10.41 5.68
N GLN A 76 5.10 11.08 5.51
CA GLN A 76 5.25 12.46 5.96
C GLN A 76 5.06 13.42 4.79
N GLN A 77 4.06 13.10 3.97
CA GLN A 77 3.73 13.90 2.80
C GLN A 77 2.22 14.14 2.77
N GLN A 78 1.78 15.13 1.99
CA GLN A 78 0.37 15.48 1.94
C GLN A 78 -0.39 14.67 0.91
N LEU A 79 0.31 13.72 0.29
CA LEU A 79 -0.31 12.81 -0.66
C LEU A 79 0.48 11.50 -0.68
N GLY A 80 -0.22 10.39 -0.54
CA GLY A 80 0.44 9.12 -0.47
C GLY A 80 0.03 8.17 -1.58
N GLY A 81 0.26 6.90 -1.37
CA GLY A 81 -0.01 5.92 -2.40
C GLY A 81 1.23 5.57 -3.20
N GLY A 82 1.08 5.50 -4.52
CA GLY A 82 2.19 5.19 -5.40
C GLY A 82 3.32 6.19 -5.27
N TYR A 83 4.52 5.65 -4.98
CA TYR A 83 5.73 6.46 -4.78
C TYR A 83 5.63 7.28 -3.49
N GLY A 84 4.55 7.08 -2.74
CA GLY A 84 4.45 7.67 -1.43
C GLY A 84 5.32 6.90 -0.47
N TYR A 85 6.47 7.45 -0.15
CA TYR A 85 7.46 6.73 0.60
C TYR A 85 7.67 7.32 1.99
N TYR A 86 7.88 6.44 2.94
CA TYR A 86 8.12 6.83 4.32
C TYR A 86 9.49 6.30 4.75
N HIS A 87 10.11 7.00 5.67
CA HIS A 87 11.43 6.60 6.16
C HIS A 87 11.28 5.80 7.45
N VAL A 88 11.45 4.49 7.36
CA VAL A 88 11.38 3.64 8.52
C VAL A 88 12.76 3.55 9.17
N SER A 89 12.83 3.76 10.46
CA SER A 89 14.08 3.59 11.17
C SER A 89 14.14 2.18 11.74
N GLN A 90 15.27 1.79 12.30
CA GLN A 90 15.47 0.40 12.74
C GLN A 90 14.38 -0.06 13.71
N LYS A 91 13.84 0.86 14.52
CA LYS A 91 12.80 0.50 15.47
C LYS A 91 11.53 1.34 15.26
N THR A 92 11.31 1.75 14.02
CA THR A 92 10.10 2.48 13.66
C THR A 92 8.92 1.53 13.49
N PRO A 93 7.74 1.91 14.00
CA PRO A 93 6.50 1.15 13.78
C PRO A 93 6.24 0.95 12.28
N PRO A 94 5.92 -0.29 11.87
CA PRO A 94 5.71 -0.63 10.46
C PRO A 94 4.53 0.13 9.85
N GLN A 95 4.55 0.25 8.53
CA GLN A 95 3.64 1.15 7.83
C GLN A 95 2.34 0.44 7.49
N THR A 96 1.23 1.14 7.68
CA THR A 96 -0.05 0.62 7.28
C THR A 96 -0.56 1.40 6.08
N ILE A 97 -0.99 0.70 5.06
CA ILE A 97 -1.49 1.35 3.86
C ILE A 97 -3.02 1.38 3.89
N SER A 98 -3.58 2.55 3.60
CA SER A 98 -5.03 2.67 3.52
C SER A 98 -5.46 2.87 2.07
N GLY A 99 -6.53 2.18 1.71
CA GLY A 99 -7.11 2.36 0.41
C GLY A 99 -8.44 3.05 0.49
N VAL A 100 -8.66 4.00 -0.40
CA VAL A 100 -9.86 4.81 -0.36
C VAL A 100 -10.75 4.44 -1.54
N VAL A 101 -11.92 3.91 -1.24
CA VAL A 101 -12.89 3.58 -2.26
C VAL A 101 -13.41 4.85 -2.91
N SER A 102 -13.62 4.78 -4.23
CA SER A 102 -14.14 5.90 -4.98
C SER A 102 -15.43 6.42 -4.35
N LYS A 103 -15.31 7.55 -3.66
CA LYS A 103 -16.43 8.14 -2.95
C LYS A 103 -17.43 8.73 -3.92
N ASN A 104 -17.05 8.79 -5.19
CA ASN A 104 -17.89 9.40 -6.20
C ASN A 104 -18.65 8.34 -6.98
N VAL A 105 -18.80 7.17 -6.38
CA VAL A 105 -19.47 6.07 -7.05
C VAL A 105 -20.59 5.48 -6.19
N GLY A 106 -20.26 4.76 -5.13
CA GLY A 106 -21.28 4.08 -4.37
C GLY A 106 -21.55 2.68 -4.90
N TYR A 107 -20.48 1.89 -4.97
CA TYR A 107 -20.50 0.57 -5.61
C TYR A 107 -21.57 -0.37 -5.04
N LYS A 108 -21.90 -1.38 -5.85
CA LYS A 108 -22.83 -2.43 -5.46
C LYS A 108 -22.15 -3.40 -4.49
N PRO A 109 -22.94 -4.06 -3.62
CA PRO A 109 -22.42 -4.93 -2.55
C PRO A 109 -21.55 -6.09 -3.05
N GLY A 110 -20.83 -6.72 -2.14
CA GLY A 110 -19.97 -7.82 -2.48
C GLY A 110 -18.63 -7.73 -1.78
N GLN A 111 -17.99 -8.87 -1.59
CA GLN A 111 -16.65 -8.91 -1.04
C GLN A 111 -15.65 -8.89 -2.19
N TYR A 112 -14.98 -7.75 -2.36
CA TYR A 112 -14.04 -7.55 -3.44
C TYR A 112 -12.62 -7.74 -2.94
N THR A 113 -11.72 -8.07 -3.86
CA THR A 113 -10.33 -8.26 -3.54
C THR A 113 -9.51 -7.06 -4.00
N VAL A 114 -8.62 -6.57 -3.16
CA VAL A 114 -7.77 -5.44 -3.50
C VAL A 114 -6.30 -5.86 -3.59
N GLU A 115 -5.70 -5.66 -4.75
CA GLU A 115 -4.33 -6.09 -4.99
C GLU A 115 -3.32 -4.96 -4.70
N LEU A 116 -2.32 -5.27 -3.90
CA LEU A 116 -1.30 -4.31 -3.54
C LEU A 116 0.09 -4.95 -3.57
N THR A 117 1.08 -4.16 -3.96
CA THR A 117 2.47 -4.59 -3.88
C THR A 117 3.09 -4.07 -2.57
N GLY A 118 4.13 -3.26 -2.66
CA GLY A 118 4.69 -2.66 -1.46
C GLY A 118 6.05 -3.21 -1.09
N PHE A 119 7.05 -2.81 -1.85
CA PHE A 119 8.43 -3.20 -1.56
C PHE A 119 9.13 -2.06 -0.86
N PHE A 120 10.31 -2.34 -0.32
CA PHE A 120 11.09 -1.29 0.30
C PHE A 120 12.43 -1.16 -0.44
N SER A 121 12.81 0.06 -0.73
CA SER A 121 14.06 0.31 -1.40
C SER A 121 15.21 0.24 -0.40
N LEU A 122 16.22 -0.55 -0.74
CA LEU A 122 17.33 -0.78 0.17
C LEU A 122 18.62 -0.19 -0.39
N ASN A 123 19.43 0.36 0.50
CA ASN A 123 20.67 1.01 0.12
C ASN A 123 21.87 0.31 0.75
N ASP A 124 21.69 -0.09 2.00
CA ASP A 124 22.75 -0.65 2.85
C ASP A 124 23.87 0.36 3.12
N ASN A 125 24.57 0.16 4.25
CA ASN A 125 25.65 1.03 4.72
C ASN A 125 25.28 2.52 4.62
N LYS A 126 24.37 2.96 5.49
CA LYS A 126 23.89 4.33 5.48
C LYS A 126 23.18 4.69 6.78
N GLN A 127 22.07 4.01 7.05
CA GLN A 127 21.22 4.29 8.21
C GLN A 127 20.72 5.73 8.17
N ALA A 128 19.96 6.06 7.12
CA ALA A 128 19.44 7.41 6.95
C ALA A 128 18.23 7.40 6.02
N ASN A 129 18.47 7.16 4.73
CA ASN A 129 17.40 7.19 3.74
C ASN A 129 17.87 6.64 2.39
N PRO A 130 17.28 5.52 1.96
CA PRO A 130 17.56 4.92 0.64
C PRO A 130 17.23 5.88 -0.50
N THR A 131 17.81 5.61 -1.65
CA THR A 131 17.64 6.47 -2.81
C THR A 131 16.50 5.97 -3.69
N PRO A 132 15.45 6.80 -3.82
CA PRO A 132 14.28 6.49 -4.67
C PRO A 132 14.66 6.33 -6.14
N SER A 133 15.90 6.66 -6.46
CA SER A 133 16.41 6.55 -7.83
C SER A 133 16.23 5.14 -8.40
N SER A 134 16.26 4.14 -7.53
CA SER A 134 16.16 2.75 -7.96
C SER A 134 14.73 2.37 -8.32
N LEU A 135 13.79 3.29 -8.17
CA LEU A 135 12.38 3.04 -8.49
C LEU A 135 12.17 2.88 -9.99
N THR A 136 13.09 3.40 -10.79
CA THR A 136 13.03 3.24 -12.23
C THR A 136 13.47 1.83 -12.62
N SER A 137 14.16 1.17 -11.70
CA SER A 137 14.57 -0.21 -11.88
C SER A 137 13.87 -1.07 -10.85
N LYS A 138 12.65 -0.69 -10.52
CA LYS A 138 11.84 -1.35 -9.50
C LYS A 138 11.77 -2.85 -9.70
N ALA A 139 11.54 -3.29 -10.93
CA ALA A 139 11.38 -4.71 -11.20
C ALA A 139 12.71 -5.45 -11.13
N ALA A 140 13.80 -4.71 -11.30
CA ALA A 140 15.12 -5.32 -11.28
C ALA A 140 15.72 -5.32 -9.88
N GLY A 141 15.94 -6.51 -9.34
CA GLY A 141 16.63 -6.65 -8.07
C GLY A 141 15.75 -6.39 -6.86
N LYS A 142 14.87 -5.39 -6.95
CA LYS A 142 14.01 -5.03 -5.84
C LYS A 142 13.00 -6.12 -5.55
N ASN A 143 12.77 -6.37 -4.27
CA ASN A 143 11.90 -7.44 -3.83
C ASN A 143 10.45 -6.99 -3.85
N ILE A 144 9.92 -6.79 -5.05
CA ILE A 144 8.52 -6.43 -5.19
C ILE A 144 7.63 -7.59 -4.77
N VAL A 145 6.84 -7.34 -3.75
CA VAL A 145 5.88 -8.28 -3.26
C VAL A 145 4.50 -7.94 -3.79
N SER A 146 3.55 -8.85 -3.63
CA SER A 146 2.18 -8.62 -4.08
C SER A 146 1.21 -9.46 -3.27
N SER A 147 0.18 -8.81 -2.74
CA SER A 147 -0.82 -9.48 -1.95
C SER A 147 -2.21 -8.93 -2.29
N THR A 148 -3.22 -9.60 -1.77
CA THR A 148 -4.59 -9.22 -2.06
C THR A 148 -5.42 -9.17 -0.79
N GLY A 149 -6.00 -8.01 -0.55
CA GLY A 149 -6.85 -7.83 0.60
C GLY A 149 -8.30 -7.99 0.23
N THR A 150 -9.18 -7.43 1.05
CA THR A 150 -10.60 -7.60 0.84
C THR A 150 -11.41 -6.37 1.25
N ILE A 151 -12.46 -6.09 0.48
CA ILE A 151 -13.36 -4.99 0.74
C ILE A 151 -14.81 -5.43 0.58
N THR A 152 -15.59 -5.31 1.64
CA THR A 152 -17.01 -5.65 1.58
C THR A 152 -17.85 -4.38 1.38
N ILE A 153 -18.45 -4.27 0.21
CA ILE A 153 -19.27 -3.11 -0.11
C ILE A 153 -20.65 -3.26 0.53
N SER A 154 -21.12 -2.22 1.19
CA SER A 154 -22.44 -2.25 1.81
C SER A 154 -23.21 -0.95 1.54
N ASN A 1 21.42 -5.42 1.28
CA ASN A 1 21.48 -6.83 0.80
C ASN A 1 20.21 -7.20 0.05
N SER A 2 19.23 -7.75 0.74
CA SER A 2 17.98 -8.15 0.11
C SER A 2 16.90 -8.34 1.18
N CYS A 3 15.95 -7.41 1.21
CA CYS A 3 14.87 -7.45 2.17
C CYS A 3 13.60 -6.89 1.55
N SER A 4 12.46 -7.31 2.06
CA SER A 4 11.18 -6.92 1.50
C SER A 4 10.19 -6.56 2.60
N LEU A 5 9.10 -5.93 2.20
CA LEU A 5 8.06 -5.50 3.11
C LEU A 5 6.95 -6.54 3.23
N SER A 6 6.51 -6.79 4.46
CA SER A 6 5.41 -7.70 4.70
C SER A 6 4.09 -7.02 4.39
N ILE A 7 3.09 -7.80 3.99
CA ILE A 7 1.79 -7.25 3.68
C ILE A 7 0.72 -8.03 4.42
N SER A 8 0.24 -7.47 5.51
CA SER A 8 -0.75 -8.15 6.31
C SER A 8 -2.16 -7.88 5.76
N SER A 9 -2.70 -8.87 5.07
CA SER A 9 -4.05 -8.78 4.52
C SER A 9 -5.07 -9.23 5.56
N PRO A 10 -5.94 -8.32 6.00
CA PRO A 10 -6.96 -8.60 7.01
C PRO A 10 -8.29 -9.04 6.42
N ASP A 11 -9.33 -9.03 7.24
CA ASP A 11 -10.69 -9.34 6.80
C ASP A 11 -11.21 -8.20 5.93
N PRO A 12 -12.28 -8.46 5.13
CA PRO A 12 -12.86 -7.42 4.27
C PRO A 12 -13.32 -6.21 5.07
N VAL A 13 -12.85 -5.04 4.66
CA VAL A 13 -13.27 -3.80 5.30
C VAL A 13 -14.74 -3.54 5.02
N THR A 14 -15.45 -3.04 6.00
CA THR A 14 -16.87 -2.79 5.87
C THR A 14 -17.09 -1.39 5.32
N TYR A 15 -17.48 -1.29 4.07
CA TYR A 15 -17.75 0.00 3.46
C TYR A 15 -19.25 0.26 3.42
N THR A 16 -19.69 1.14 4.28
CA THR A 16 -21.09 1.53 4.31
C THR A 16 -21.33 2.73 3.40
N ILE A 17 -22.30 2.62 2.51
CA ILE A 17 -22.61 3.70 1.60
C ILE A 17 -23.96 4.33 1.95
N PRO A 18 -23.99 5.26 2.92
CA PRO A 18 -25.21 5.95 3.33
C PRO A 18 -25.66 7.01 2.33
N THR A 19 -24.70 7.81 1.90
CA THR A 19 -24.98 8.94 1.01
C THR A 19 -24.07 8.91 -0.21
N ASP A 20 -23.56 7.71 -0.52
CA ASP A 20 -22.64 7.49 -1.65
C ASP A 20 -21.24 8.00 -1.38
N LYS A 21 -21.15 9.12 -0.66
CA LYS A 21 -19.86 9.74 -0.38
C LYS A 21 -19.28 9.25 0.95
N GLY A 22 -19.90 8.23 1.52
CA GLY A 22 -19.47 7.70 2.82
C GLY A 22 -17.98 7.44 2.88
N ASP A 23 -17.48 6.67 1.91
CA ASP A 23 -16.05 6.36 1.74
C ASP A 23 -15.50 5.54 2.90
N LYS A 24 -14.50 4.71 2.59
CA LYS A 24 -13.89 3.85 3.59
C LYS A 24 -12.47 3.50 3.17
N TYR A 25 -11.66 3.14 4.15
CA TYR A 25 -10.27 2.82 3.90
C TYR A 25 -9.99 1.35 4.19
N ILE A 26 -9.26 0.71 3.32
CA ILE A 26 -8.81 -0.65 3.55
C ILE A 26 -7.36 -0.60 4.03
N ASN A 27 -7.07 -1.22 5.16
CA ASN A 27 -5.75 -1.09 5.76
C ASN A 27 -4.90 -2.32 5.50
N PHE A 28 -3.73 -2.07 4.96
CA PHE A 28 -2.71 -3.09 4.77
C PHE A 28 -1.52 -2.77 5.67
N LYS A 29 -1.14 -3.71 6.51
CA LYS A 29 -0.02 -3.48 7.42
C LYS A 29 1.27 -3.98 6.78
N LEU A 30 2.26 -3.10 6.70
CA LEU A 30 3.51 -3.40 6.04
C LEU A 30 4.69 -3.29 7.00
N ASP A 31 5.58 -4.27 6.96
CA ASP A 31 6.76 -4.27 7.82
C ASP A 31 7.91 -5.04 7.17
N VAL A 32 9.06 -4.42 7.08
CA VAL A 32 10.22 -5.11 6.54
C VAL A 32 10.99 -5.84 7.65
N PRO A 33 11.05 -7.18 7.55
CA PRO A 33 11.85 -7.99 8.47
C PRO A 33 13.34 -7.72 8.29
N ASP A 34 14.13 -8.10 9.29
CA ASP A 34 15.57 -7.83 9.32
C ASP A 34 15.83 -6.33 9.51
N PRO A 35 16.07 -5.91 10.76
CA PRO A 35 16.37 -4.50 11.08
C PRO A 35 17.63 -4.01 10.36
N ARG A 36 18.42 -4.97 9.89
CA ARG A 36 19.63 -4.68 9.13
C ARG A 36 19.28 -3.86 7.88
N CYS A 37 18.40 -4.39 7.07
CA CYS A 37 18.02 -3.74 5.82
C CYS A 37 17.13 -2.53 6.09
N LYS A 38 16.23 -2.68 7.05
CA LYS A 38 15.23 -1.67 7.34
C LYS A 38 15.86 -0.42 7.96
N ALA A 39 17.00 -0.62 8.61
CA ALA A 39 17.76 0.47 9.22
C ALA A 39 18.09 1.57 8.22
N LEU A 40 18.23 1.19 6.95
CA LEU A 40 18.65 2.11 5.89
C LEU A 40 17.71 3.29 5.74
N GLY A 41 16.50 3.12 6.20
CA GLY A 41 15.47 4.11 6.02
C GLY A 41 14.24 3.48 5.43
N GLY A 42 14.47 2.26 4.89
CA GLY A 42 13.41 1.39 4.42
C GLY A 42 12.20 2.11 3.87
N THR A 43 12.37 2.75 2.74
CA THR A 43 11.32 3.55 2.17
C THR A 43 10.26 2.66 1.53
N VAL A 44 9.00 2.94 1.83
CA VAL A 44 7.91 2.07 1.42
C VAL A 44 7.30 2.55 0.11
N TYR A 45 7.42 1.72 -0.90
CA TYR A 45 6.87 2.03 -2.22
C TYR A 45 5.93 0.93 -2.65
N PHE A 46 4.69 1.29 -2.96
CA PHE A 46 3.68 0.30 -3.29
C PHE A 46 2.87 0.74 -4.50
N TRP A 47 2.31 -0.24 -5.18
CA TRP A 47 1.44 0.02 -6.31
C TRP A 47 0.47 -1.13 -6.53
N GLY A 48 -0.76 -0.76 -6.84
CA GLY A 48 -1.77 -1.73 -7.18
C GLY A 48 -2.25 -1.53 -8.60
N ALA A 49 -3.55 -1.58 -8.83
CA ALA A 49 -4.07 -1.43 -10.17
C ALA A 49 -5.01 -0.22 -10.34
N ASP A 50 -4.97 0.73 -9.40
CA ASP A 50 -5.83 1.93 -9.48
C ASP A 50 -5.61 2.67 -10.80
N THR A 51 -6.63 3.41 -11.22
CA THR A 51 -6.68 4.00 -12.55
C THR A 51 -5.78 5.23 -12.66
N ARG A 52 -5.43 5.84 -11.52
CA ARG A 52 -4.59 7.02 -11.54
C ARG A 52 -3.13 6.65 -11.75
N ASP A 53 -2.57 5.85 -10.86
CA ASP A 53 -1.16 5.45 -10.95
C ASP A 53 -1.00 3.96 -10.75
N GLY A 54 -1.95 3.37 -10.04
CA GLY A 54 -1.81 2.01 -9.60
C GLY A 54 -1.66 1.94 -8.11
N LYS A 55 -2.77 1.81 -7.41
CA LYS A 55 -2.79 1.80 -5.95
C LYS A 55 -3.49 0.56 -5.44
N LEU A 56 -4.79 0.46 -5.74
CA LEU A 56 -5.62 -0.65 -5.31
C LEU A 56 -6.85 -0.76 -6.20
N VAL A 57 -7.36 -1.97 -6.31
CA VAL A 57 -8.59 -2.23 -7.06
C VAL A 57 -9.39 -3.31 -6.36
N MET A 58 -10.66 -3.01 -6.11
CA MET A 58 -11.56 -4.00 -5.54
C MET A 58 -12.14 -4.84 -6.67
N LYS A 59 -11.79 -6.11 -6.71
CA LYS A 59 -12.28 -6.99 -7.76
C LYS A 59 -12.80 -8.31 -7.21
N LYS A 60 -14.02 -8.63 -7.56
CA LYS A 60 -14.59 -9.93 -7.26
C LYS A 60 -15.05 -10.61 -8.55
N GLY A 61 -14.14 -11.34 -9.16
CA GLY A 61 -14.42 -11.96 -10.44
C GLY A 61 -14.26 -10.99 -11.59
N GLN A 62 -15.37 -10.55 -12.15
CA GLN A 62 -15.33 -9.64 -13.29
C GLN A 62 -15.45 -8.18 -12.86
N ASP A 63 -15.84 -7.96 -11.61
CA ASP A 63 -16.10 -6.61 -11.13
C ASP A 63 -14.85 -6.03 -10.51
N LYS A 64 -14.11 -5.28 -11.30
CA LYS A 64 -12.89 -4.64 -10.84
C LYS A 64 -13.08 -3.14 -10.85
N TYR A 65 -12.79 -2.48 -9.75
CA TYR A 65 -12.99 -1.04 -9.66
C TYR A 65 -11.73 -0.33 -9.22
N THR A 66 -11.40 0.74 -9.93
CA THR A 66 -10.22 1.51 -9.66
C THR A 66 -10.53 2.71 -8.78
N LEU A 67 -9.92 2.74 -7.61
CA LEU A 67 -10.17 3.79 -6.63
C LEU A 67 -8.88 4.50 -6.27
N MET A 68 -8.98 5.79 -5.99
CA MET A 68 -7.81 6.58 -5.62
C MET A 68 -7.36 6.22 -4.21
N THR A 69 -6.42 5.31 -4.12
CA THR A 69 -5.87 4.88 -2.86
C THR A 69 -4.67 5.73 -2.47
N THR A 70 -4.83 6.48 -1.40
CA THR A 70 -3.79 7.33 -0.88
C THR A 70 -3.66 7.08 0.63
N TYR A 71 -2.48 6.69 1.08
CA TYR A 71 -2.30 6.29 2.46
C TYR A 71 -1.75 7.45 3.28
N GLY A 72 -1.84 7.31 4.59
CA GLY A 72 -1.39 8.35 5.49
C GLY A 72 -0.79 7.77 6.74
N GLY A 73 -1.17 8.34 7.88
CA GLY A 73 -0.72 7.82 9.16
C GLY A 73 0.74 8.16 9.44
N ALA A 74 1.64 7.27 9.03
CA ALA A 74 3.05 7.45 9.30
C ALA A 74 3.78 8.09 8.14
N VAL A 75 3.16 8.05 6.95
CA VAL A 75 3.82 8.49 5.70
C VAL A 75 4.61 9.80 5.87
N GLN A 76 4.02 10.81 6.49
CA GLN A 76 4.68 12.09 6.71
C GLN A 76 5.22 12.64 5.39
N GLN A 77 4.33 12.73 4.41
CA GLN A 77 4.66 13.22 3.09
C GLN A 77 3.38 13.61 2.36
N GLN A 78 3.41 14.76 1.69
CA GLN A 78 2.24 15.29 1.00
C GLN A 78 1.88 14.41 -0.19
N LEU A 79 2.88 13.91 -0.89
CA LEU A 79 2.66 12.96 -1.98
C LEU A 79 2.40 11.58 -1.40
N GLY A 80 1.13 11.23 -1.28
CA GLY A 80 0.76 9.96 -0.70
C GLY A 80 0.31 8.96 -1.74
N GLY A 81 0.23 7.70 -1.35
CA GLY A 81 -0.18 6.65 -2.26
C GLY A 81 1.01 6.04 -2.96
N GLY A 82 0.83 5.66 -4.21
CA GLY A 82 1.93 5.14 -5.00
C GLY A 82 3.04 6.17 -5.15
N TYR A 83 4.28 5.73 -4.96
CA TYR A 83 5.44 6.61 -4.97
C TYR A 83 5.45 7.50 -3.71
N GLY A 84 4.49 7.29 -2.84
CA GLY A 84 4.51 7.91 -1.54
C GLY A 84 5.28 7.03 -0.59
N TYR A 85 6.24 7.59 0.13
CA TYR A 85 7.13 6.78 0.92
C TYR A 85 7.35 7.36 2.31
N TYR A 86 7.73 6.49 3.22
CA TYR A 86 7.99 6.84 4.61
C TYR A 86 9.43 6.48 4.95
N HIS A 87 10.00 7.17 5.91
CA HIS A 87 11.37 6.89 6.35
C HIS A 87 11.31 6.03 7.61
N VAL A 88 11.39 4.72 7.43
CA VAL A 88 11.31 3.80 8.54
C VAL A 88 12.69 3.67 9.20
N SER A 89 12.70 3.37 10.48
CA SER A 89 13.95 3.15 11.17
C SER A 89 14.04 1.72 11.68
N GLN A 90 15.21 1.31 12.14
CA GLN A 90 15.46 -0.08 12.51
C GLN A 90 14.41 -0.65 13.48
N LYS A 91 13.93 0.18 14.40
CA LYS A 91 12.99 -0.26 15.42
C LYS A 91 11.66 0.47 15.31
N THR A 92 11.33 0.94 14.11
CA THR A 92 10.08 1.64 13.87
C THR A 92 8.91 0.66 13.71
N PRO A 93 7.76 0.97 14.36
CA PRO A 93 6.53 0.20 14.20
C PRO A 93 6.08 0.12 12.75
N PRO A 94 5.35 -0.96 12.40
CA PRO A 94 4.96 -1.24 11.01
C PRO A 94 4.14 -0.13 10.36
N GLN A 95 4.25 -0.05 9.04
CA GLN A 95 3.58 0.97 8.25
C GLN A 95 2.17 0.53 7.92
N THR A 96 1.27 1.48 7.71
CA THR A 96 -0.09 1.17 7.36
C THR A 96 -0.47 1.80 6.02
N ILE A 97 -0.99 1.00 5.11
CA ILE A 97 -1.47 1.50 3.84
C ILE A 97 -2.99 1.50 3.86
N SER A 98 -3.61 2.60 3.44
CA SER A 98 -5.06 2.66 3.41
C SER A 98 -5.57 2.94 2.01
N GLY A 99 -6.50 2.11 1.57
CA GLY A 99 -7.14 2.29 0.29
C GLY A 99 -8.48 2.97 0.41
N VAL A 100 -8.67 4.03 -0.35
CA VAL A 100 -9.88 4.83 -0.24
C VAL A 100 -10.81 4.50 -1.39
N VAL A 101 -11.94 3.92 -1.07
CA VAL A 101 -12.95 3.61 -2.07
C VAL A 101 -13.54 4.91 -2.62
N SER A 102 -13.73 4.93 -3.93
CA SER A 102 -14.21 6.13 -4.61
C SER A 102 -15.55 6.58 -4.05
N LYS A 103 -15.53 7.70 -3.34
CA LYS A 103 -16.73 8.30 -2.78
C LYS A 103 -17.52 8.99 -3.88
N ASN A 104 -16.92 9.05 -5.07
CA ASN A 104 -17.54 9.66 -6.22
C ASN A 104 -18.45 8.68 -6.92
N VAL A 105 -18.07 7.42 -6.91
CA VAL A 105 -18.82 6.39 -7.60
C VAL A 105 -19.90 5.80 -6.71
N GLY A 106 -19.51 5.16 -5.60
CA GLY A 106 -20.50 4.49 -4.78
C GLY A 106 -20.87 3.13 -5.35
N TYR A 107 -19.86 2.28 -5.53
CA TYR A 107 -20.02 0.98 -6.17
C TYR A 107 -21.12 0.11 -5.54
N LYS A 108 -21.43 -0.99 -6.21
CA LYS A 108 -22.45 -1.92 -5.73
C LYS A 108 -21.83 -2.93 -4.74
N PRO A 109 -22.68 -3.51 -3.86
CA PRO A 109 -22.24 -4.40 -2.76
C PRO A 109 -21.47 -5.63 -3.23
N GLY A 110 -20.77 -6.25 -2.28
CA GLY A 110 -20.00 -7.45 -2.57
C GLY A 110 -18.69 -7.47 -1.82
N GLN A 111 -18.12 -8.65 -1.66
CA GLN A 111 -16.78 -8.79 -1.11
C GLN A 111 -15.76 -8.87 -2.24
N TYR A 112 -14.94 -7.84 -2.35
CA TYR A 112 -13.95 -7.73 -3.40
C TYR A 112 -12.56 -8.04 -2.89
N THR A 113 -11.67 -8.32 -3.81
CA THR A 113 -10.28 -8.54 -3.49
C THR A 113 -9.45 -7.35 -3.97
N VAL A 114 -8.59 -6.82 -3.10
CA VAL A 114 -7.76 -5.68 -3.45
C VAL A 114 -6.28 -6.04 -3.48
N GLU A 115 -5.68 -5.94 -4.65
CA GLU A 115 -4.29 -6.32 -4.85
C GLU A 115 -3.33 -5.18 -4.52
N LEU A 116 -2.32 -5.50 -3.72
CA LEU A 116 -1.30 -4.53 -3.34
C LEU A 116 0.09 -5.17 -3.36
N THR A 117 1.07 -4.38 -3.76
CA THR A 117 2.47 -4.79 -3.65
C THR A 117 3.08 -4.12 -2.42
N GLY A 118 4.12 -3.33 -2.60
CA GLY A 118 4.67 -2.59 -1.47
C GLY A 118 6.01 -3.09 -1.01
N PHE A 119 7.04 -2.83 -1.79
CA PHE A 119 8.39 -3.19 -1.42
C PHE A 119 9.07 -1.99 -0.78
N PHE A 120 10.25 -2.21 -0.24
CA PHE A 120 11.00 -1.11 0.31
C PHE A 120 12.30 -0.96 -0.46
N SER A 121 12.64 0.27 -0.79
CA SER A 121 13.85 0.55 -1.53
C SER A 121 15.05 0.46 -0.60
N LEU A 122 16.04 -0.32 -0.98
CA LEU A 122 17.20 -0.56 -0.15
C LEU A 122 18.39 0.29 -0.58
N ASN A 123 19.38 0.39 0.29
CA ASN A 123 20.53 1.26 0.06
C ASN A 123 21.84 0.61 0.50
N ASP A 124 21.78 -0.18 1.58
CA ASP A 124 22.95 -0.79 2.24
C ASP A 124 24.05 0.23 2.58
N ASN A 125 24.30 0.37 3.89
CA ASN A 125 25.32 1.29 4.44
C ASN A 125 24.86 2.74 4.38
N LYS A 126 24.03 3.14 5.35
CA LYS A 126 23.54 4.52 5.43
C LYS A 126 22.74 4.75 6.70
N GLN A 127 21.57 4.11 6.78
CA GLN A 127 20.64 4.28 7.90
C GLN A 127 20.12 5.72 7.96
N ALA A 128 19.40 6.12 6.94
CA ALA A 128 18.86 7.48 6.86
C ALA A 128 17.79 7.59 5.79
N ASN A 129 18.17 7.35 4.54
CA ASN A 129 17.25 7.49 3.42
C ASN A 129 17.79 6.73 2.21
N PRO A 130 17.11 5.66 1.79
CA PRO A 130 17.50 4.86 0.62
C PRO A 130 17.32 5.60 -0.70
N THR A 131 16.57 6.70 -0.64
CA THR A 131 16.26 7.57 -1.78
C THR A 131 15.39 6.85 -2.83
N PRO A 132 14.44 7.58 -3.43
CA PRO A 132 13.55 7.02 -4.45
C PRO A 132 14.28 6.81 -5.76
N SER A 133 15.52 7.28 -5.82
CA SER A 133 16.37 7.13 -6.99
C SER A 133 16.57 5.65 -7.35
N SER A 134 16.33 4.76 -6.39
CA SER A 134 16.48 3.33 -6.61
C SER A 134 15.22 2.72 -7.21
N LEU A 135 14.17 3.52 -7.35
CA LEU A 135 12.91 3.06 -7.94
C LEU A 135 13.05 2.89 -9.44
N THR A 136 14.20 3.30 -9.97
CA THR A 136 14.53 3.03 -11.36
C THR A 136 14.65 1.51 -11.57
N SER A 137 14.91 0.81 -10.48
CA SER A 137 14.99 -0.64 -10.48
C SER A 137 13.71 -1.24 -9.90
N LYS A 138 12.59 -0.56 -10.16
CA LYS A 138 11.28 -0.96 -9.62
C LYS A 138 10.89 -2.38 -10.01
N ALA A 139 11.41 -2.85 -11.13
CA ALA A 139 11.16 -4.22 -11.56
C ALA A 139 12.46 -5.00 -11.73
N ALA A 140 13.56 -4.29 -11.93
CA ALA A 140 14.85 -4.93 -12.12
C ALA A 140 15.60 -5.10 -10.80
N GLY A 141 15.82 -6.34 -10.38
CA GLY A 141 16.65 -6.59 -9.21
C GLY A 141 16.00 -6.18 -7.90
N LYS A 142 14.68 -6.05 -7.93
CA LYS A 142 13.94 -5.59 -6.77
C LYS A 142 13.48 -6.74 -5.88
N ASN A 143 12.89 -6.38 -4.76
CA ASN A 143 12.28 -7.34 -3.86
C ASN A 143 10.80 -7.01 -3.68
N ILE A 144 10.05 -7.05 -4.77
CA ILE A 144 8.62 -6.70 -4.74
C ILE A 144 7.81 -7.84 -4.14
N VAL A 145 6.93 -7.46 -3.22
CA VAL A 145 6.00 -8.40 -2.61
C VAL A 145 4.61 -8.19 -3.19
N SER A 146 3.72 -9.13 -2.92
CA SER A 146 2.36 -9.05 -3.43
C SER A 146 1.37 -9.70 -2.48
N SER A 147 0.26 -9.04 -2.26
CA SER A 147 -0.81 -9.58 -1.43
C SER A 147 -2.14 -9.05 -1.92
N THR A 148 -3.21 -9.72 -1.52
CA THR A 148 -4.55 -9.32 -1.91
C THR A 148 -5.47 -9.30 -0.72
N GLY A 149 -6.05 -8.14 -0.48
CA GLY A 149 -6.92 -7.97 0.66
C GLY A 149 -8.37 -8.14 0.28
N THR A 150 -9.24 -7.50 1.01
CA THR A 150 -10.67 -7.65 0.80
C THR A 150 -11.46 -6.42 1.20
N ILE A 151 -12.46 -6.09 0.40
CA ILE A 151 -13.35 -4.96 0.68
C ILE A 151 -14.80 -5.40 0.53
N THR A 152 -15.63 -5.10 1.52
CA THR A 152 -17.05 -5.39 1.44
C THR A 152 -17.85 -4.12 1.24
N ILE A 153 -18.43 -3.98 0.06
CA ILE A 153 -19.23 -2.82 -0.28
C ILE A 153 -20.66 -3.02 0.22
N SER A 154 -21.24 -1.99 0.83
CA SER A 154 -22.59 -2.07 1.34
C SER A 154 -23.35 -0.77 1.08
#